data_1V5L
#
_entry.id   1V5L
#
_entity_poly.entity_id   1
_entity_poly.type   'polypeptide(L)'
_entity_poly.pdbx_seq_one_letter_code
;GSSGSSGNVVLPGPAPWGFRLSGGIDFNQPLVITRITPGSKAAAANLCPGDVILAIDGFGTESMTHADAQDRIKAASYQL
CLKIDRAETRLWSPQVSSGPSSG
;
_entity_poly.pdbx_strand_id   A
#
# COMPACT_ATOMS: atom_id res chain seq x y z
N GLY A 1 14.56 6.83 -5.65
CA GLY A 1 15.59 7.15 -4.68
C GLY A 1 16.84 6.33 -4.87
N SER A 2 17.64 6.20 -3.81
CA SER A 2 18.88 5.45 -3.87
C SER A 2 18.82 4.20 -3.00
N SER A 3 18.43 4.39 -1.74
CA SER A 3 18.32 3.28 -0.80
C SER A 3 17.42 2.18 -1.36
N GLY A 4 16.25 2.58 -1.85
CA GLY A 4 15.32 1.62 -2.41
C GLY A 4 14.16 2.28 -3.13
N SER A 5 13.22 1.47 -3.61
CA SER A 5 12.06 1.99 -4.33
C SER A 5 10.91 2.26 -3.37
N SER A 6 11.03 3.33 -2.58
CA SER A 6 10.00 3.69 -1.62
C SER A 6 8.94 4.58 -2.27
N GLY A 7 7.84 3.97 -2.68
CA GLY A 7 6.76 4.72 -3.31
C GLY A 7 5.79 5.29 -2.30
N ASN A 8 5.97 6.58 -1.98
CA ASN A 8 5.10 7.24 -1.02
C ASN A 8 3.74 7.55 -1.64
N VAL A 9 2.68 7.36 -0.85
CA VAL A 9 1.32 7.62 -1.32
C VAL A 9 0.44 8.12 -0.19
N VAL A 10 0.14 9.42 -0.21
CA VAL A 10 -0.70 10.03 0.82
C VAL A 10 -2.05 10.44 0.25
N LEU A 11 -3.06 9.63 0.53
CA LEU A 11 -4.42 9.92 0.04
C LEU A 11 -5.17 10.80 1.02
N PRO A 12 -5.93 11.77 0.47
CA PRO A 12 -6.72 12.70 1.28
C PRO A 12 -7.90 12.02 1.97
N GLY A 13 -7.98 12.17 3.28
CA GLY A 13 -9.06 11.57 4.04
C GLY A 13 -9.95 12.60 4.70
N PRO A 14 -10.74 12.15 5.69
CA PRO A 14 -10.77 10.75 6.12
C PRO A 14 -11.39 9.83 5.07
N ALA A 15 -11.62 8.58 5.45
CA ALA A 15 -12.21 7.61 4.55
C ALA A 15 -13.66 7.97 4.22
N PRO A 16 -14.22 7.31 3.20
CA PRO A 16 -13.51 6.29 2.43
C PRO A 16 -12.40 6.89 1.57
N TRP A 17 -11.52 6.03 1.05
CA TRP A 17 -10.42 6.47 0.21
C TRP A 17 -10.73 6.23 -1.26
N GLY A 18 -11.15 5.01 -1.58
CA GLY A 18 -11.47 4.67 -2.95
C GLY A 18 -10.64 3.50 -3.47
N PHE A 19 -9.70 3.05 -2.65
CA PHE A 19 -8.83 1.94 -3.03
C PHE A 19 -9.25 0.66 -2.32
N ARG A 20 -8.99 -0.48 -2.96
CA ARG A 20 -9.33 -1.78 -2.38
C ARG A 20 -8.09 -2.51 -1.90
N LEU A 21 -8.29 -3.67 -1.27
CA LEU A 21 -7.19 -4.46 -0.76
C LEU A 21 -7.38 -5.94 -1.10
N SER A 22 -6.28 -6.65 -1.26
CA SER A 22 -6.33 -8.07 -1.59
C SER A 22 -5.12 -8.80 -1.02
N GLY A 23 -5.34 -10.01 -0.51
CA GLY A 23 -4.26 -10.79 0.05
C GLY A 23 -4.11 -10.59 1.55
N GLY A 24 -2.89 -10.74 2.05
CA GLY A 24 -2.65 -10.57 3.47
C GLY A 24 -1.52 -11.46 3.98
N ILE A 25 -0.85 -11.01 5.03
CA ILE A 25 0.25 -11.77 5.61
C ILE A 25 -0.23 -13.11 6.14
N ASP A 26 -1.52 -13.21 6.42
CA ASP A 26 -2.10 -14.45 6.93
C ASP A 26 -2.39 -15.42 5.79
N PHE A 27 -2.80 -14.87 4.65
CA PHE A 27 -3.12 -15.69 3.48
C PHE A 27 -1.86 -15.99 2.67
N ASN A 28 -0.70 -15.67 3.24
CA ASN A 28 0.58 -15.90 2.58
C ASN A 28 0.67 -15.11 1.28
N GLN A 29 0.05 -13.93 1.27
CA GLN A 29 0.06 -13.07 0.10
C GLN A 29 0.15 -11.60 0.50
N PRO A 30 0.84 -10.81 -0.34
CA PRO A 30 1.02 -9.37 -0.09
C PRO A 30 -0.28 -8.58 -0.24
N LEU A 31 -0.45 -7.57 0.59
CA LEU A 31 -1.65 -6.73 0.55
C LEU A 31 -1.60 -5.77 -0.64
N VAL A 32 -2.26 -6.17 -1.74
CA VAL A 32 -2.30 -5.36 -2.94
C VAL A 32 -3.69 -4.75 -3.15
N ILE A 33 -3.79 -3.83 -4.10
CA ILE A 33 -5.06 -3.17 -4.40
C ILE A 33 -5.88 -4.01 -5.37
N THR A 34 -7.17 -4.14 -5.09
CA THR A 34 -8.07 -4.90 -5.94
C THR A 34 -8.64 -4.04 -7.06
N ARG A 35 -8.93 -2.78 -6.73
CA ARG A 35 -9.48 -1.84 -7.70
C ARG A 35 -9.28 -0.40 -7.25
N ILE A 36 -9.20 0.51 -8.21
CA ILE A 36 -8.99 1.93 -7.91
C ILE A 36 -10.13 2.77 -8.47
N THR A 37 -10.63 3.69 -7.66
CA THR A 37 -11.72 4.58 -8.08
C THR A 37 -11.29 5.47 -9.24
N PRO A 38 -11.96 5.29 -10.39
CA PRO A 38 -11.67 6.08 -11.59
C PRO A 38 -12.08 7.54 -11.45
N GLY A 39 -11.10 8.43 -11.43
CA GLY A 39 -11.37 9.84 -11.30
C GLY A 39 -11.76 10.23 -9.88
N SER A 40 -10.82 10.09 -8.95
CA SER A 40 -11.07 10.42 -7.55
C SER A 40 -9.77 10.48 -6.77
N LYS A 41 -9.88 10.67 -5.46
CA LYS A 41 -8.72 10.75 -4.59
C LYS A 41 -7.86 9.50 -4.72
N ALA A 42 -8.47 8.41 -5.16
CA ALA A 42 -7.77 7.14 -5.33
C ALA A 42 -6.87 7.18 -6.57
N ALA A 43 -7.50 7.15 -7.74
CA ALA A 43 -6.77 7.18 -9.00
C ALA A 43 -5.94 8.46 -9.12
N ALA A 44 -6.52 9.58 -8.71
CA ALA A 44 -5.84 10.86 -8.77
C ALA A 44 -4.55 10.83 -7.94
N ALA A 45 -4.42 9.83 -7.10
CA ALA A 45 -3.24 9.69 -6.24
C ALA A 45 -2.23 8.72 -6.87
N ASN A 46 -2.40 8.45 -8.16
CA ASN A 46 -1.50 7.54 -8.86
C ASN A 46 -1.64 6.11 -8.32
N LEU A 47 -2.86 5.75 -7.94
CA LEU A 47 -3.14 4.42 -7.41
C LEU A 47 -3.51 3.45 -8.53
N CYS A 48 -3.09 2.21 -8.38
CA CYS A 48 -3.39 1.18 -9.38
C CYS A 48 -3.49 -0.19 -8.73
N PRO A 49 -4.42 -1.02 -9.25
CA PRO A 49 -4.64 -2.38 -8.74
C PRO A 49 -3.48 -3.31 -9.07
N GLY A 50 -2.60 -3.54 -8.09
CA GLY A 50 -1.47 -4.41 -8.29
C GLY A 50 -0.30 -4.06 -7.40
N ASP A 51 -0.29 -2.83 -6.90
CA ASP A 51 0.79 -2.36 -6.03
C ASP A 51 0.83 -3.17 -4.74
N VAL A 52 1.99 -3.21 -4.10
CA VAL A 52 2.17 -3.95 -2.86
C VAL A 52 2.21 -3.01 -1.66
N ILE A 53 1.29 -3.21 -0.73
CA ILE A 53 1.21 -2.38 0.47
C ILE A 53 2.28 -2.77 1.48
N LEU A 54 3.43 -2.14 1.40
CA LEU A 54 4.54 -2.43 2.32
C LEU A 54 4.19 -2.02 3.74
N ALA A 55 3.60 -0.83 3.89
CA ALA A 55 3.21 -0.33 5.20
C ALA A 55 1.95 0.52 5.10
N ILE A 56 1.09 0.42 6.12
CA ILE A 56 -0.14 1.19 6.15
C ILE A 56 -0.04 2.36 7.12
N ASP A 57 -0.47 3.54 6.68
CA ASP A 57 -0.43 4.73 7.52
C ASP A 57 0.91 4.84 8.24
N GLY A 58 1.99 4.56 7.52
CA GLY A 58 3.31 4.64 8.12
C GLY A 58 3.56 3.51 9.11
N PHE A 59 2.91 2.38 8.90
CA PHE A 59 3.05 1.23 9.77
C PHE A 59 3.14 -0.07 8.96
N GLY A 60 4.35 -0.61 8.88
CA GLY A 60 4.56 -1.85 8.13
C GLY A 60 3.52 -2.90 8.45
N THR A 61 3.24 -3.77 7.49
CA THR A 61 2.26 -4.83 7.68
C THR A 61 2.93 -6.17 7.96
N GLU A 62 3.93 -6.15 8.83
CA GLU A 62 4.67 -7.36 9.19
C GLU A 62 3.78 -8.31 9.99
N SER A 63 2.94 -7.73 10.85
CA SER A 63 2.04 -8.53 11.69
C SER A 63 0.60 -8.06 11.52
N MET A 64 0.30 -7.48 10.37
CA MET A 64 -1.05 -6.99 10.09
C MET A 64 -1.71 -7.80 8.99
N THR A 65 -2.65 -8.65 9.37
CA THR A 65 -3.36 -9.50 8.42
C THR A 65 -4.44 -8.72 7.69
N HIS A 66 -5.00 -9.33 6.65
CA HIS A 66 -6.05 -8.68 5.87
C HIS A 66 -7.14 -8.10 6.77
N ALA A 67 -7.62 -8.92 7.70
CA ALA A 67 -8.66 -8.48 8.63
C ALA A 67 -8.20 -7.28 9.45
N ASP A 68 -6.93 -7.28 9.81
CA ASP A 68 -6.36 -6.18 10.59
C ASP A 68 -6.31 -4.90 9.76
N ALA A 69 -5.91 -5.04 8.50
CA ALA A 69 -5.81 -3.90 7.61
C ALA A 69 -7.10 -3.08 7.61
N GLN A 70 -8.23 -3.77 7.70
CA GLN A 70 -9.53 -3.10 7.71
C GLN A 70 -9.68 -2.23 8.96
N ASP A 71 -9.08 -2.68 10.06
CA ASP A 71 -9.16 -1.94 11.32
C ASP A 71 -7.99 -0.95 11.43
N ARG A 72 -7.00 -1.12 10.58
CA ARG A 72 -5.83 -0.24 10.58
C ARG A 72 -5.99 0.87 9.55
N ILE A 73 -6.79 0.62 8.53
CA ILE A 73 -7.02 1.61 7.48
C ILE A 73 -8.15 2.56 7.85
N LYS A 74 -9.21 2.01 8.44
CA LYS A 74 -10.36 2.81 8.85
C LYS A 74 -9.99 3.73 10.01
N ALA A 75 -9.12 3.25 10.88
CA ALA A 75 -8.67 4.04 12.04
C ALA A 75 -7.49 4.92 11.67
N ALA A 76 -7.29 5.13 10.38
CA ALA A 76 -6.19 5.96 9.90
C ALA A 76 -6.40 7.42 10.27
N SER A 77 -5.52 8.29 9.81
CA SER A 77 -5.61 9.71 10.09
C SER A 77 -6.22 10.47 8.90
N TYR A 78 -6.38 11.78 9.07
CA TYR A 78 -6.96 12.61 8.02
C TYR A 78 -6.40 12.22 6.65
N GLN A 79 -5.21 11.63 6.65
CA GLN A 79 -4.57 11.20 5.40
C GLN A 79 -3.90 9.85 5.58
N LEU A 80 -4.17 8.94 4.65
CA LEU A 80 -3.59 7.60 4.69
C LEU A 80 -2.26 7.56 3.95
N CYS A 81 -1.20 7.19 4.65
CA CYS A 81 0.13 7.09 4.05
C CYS A 81 0.48 5.65 3.73
N LEU A 82 0.19 5.23 2.50
CA LEU A 82 0.47 3.87 2.07
C LEU A 82 1.79 3.81 1.30
N LYS A 83 2.72 3.01 1.80
CA LYS A 83 4.02 2.86 1.15
C LYS A 83 4.03 1.67 0.22
N ILE A 84 4.03 1.94 -1.09
CA ILE A 84 4.04 0.88 -2.09
C ILE A 84 5.46 0.49 -2.47
N ASP A 85 5.61 -0.68 -3.07
CA ASP A 85 6.93 -1.17 -3.48
C ASP A 85 7.23 -0.75 -4.91
N ARG A 86 6.23 -0.20 -5.60
CA ARG A 86 6.40 0.24 -6.97
C ARG A 86 7.19 -0.79 -7.78
N ALA A 87 6.80 -2.05 -7.67
CA ALA A 87 7.45 -3.12 -8.39
C ALA A 87 6.50 -3.82 -9.34
N GLU A 88 6.23 -3.17 -10.48
CA GLU A 88 5.32 -3.73 -11.48
C GLU A 88 5.62 -5.20 -11.73
N THR A 89 6.90 -5.52 -11.90
CA THR A 89 7.32 -6.89 -12.14
C THR A 89 7.42 -7.68 -10.84
N ARG A 90 6.48 -7.44 -9.95
CA ARG A 90 6.46 -8.13 -8.65
C ARG A 90 5.93 -9.56 -8.81
N LEU A 91 6.46 -10.27 -9.80
CA LEU A 91 6.04 -11.64 -10.04
C LEU A 91 7.06 -12.64 -9.50
N TRP A 92 8.31 -12.49 -9.93
CA TRP A 92 9.38 -13.37 -9.47
C TRP A 92 10.56 -12.55 -8.95
N SER A 93 10.27 -11.41 -8.35
CA SER A 93 11.31 -10.54 -7.81
C SER A 93 11.88 -11.12 -6.52
N PRO A 94 13.20 -11.35 -6.52
CA PRO A 94 13.90 -11.91 -5.36
C PRO A 94 13.98 -10.92 -4.19
N GLN A 95 13.92 -9.63 -4.52
CA GLN A 95 13.98 -8.59 -3.51
C GLN A 95 12.77 -7.66 -3.60
N VAL A 96 12.73 -6.65 -2.74
CA VAL A 96 11.63 -5.70 -2.73
C VAL A 96 11.92 -4.53 -1.79
N SER A 97 11.51 -3.33 -2.20
CA SER A 97 11.72 -2.14 -1.39
C SER A 97 11.62 -2.46 0.10
N SER A 98 12.76 -2.46 0.78
CA SER A 98 12.80 -2.76 2.21
C SER A 98 12.12 -1.65 3.01
N GLY A 99 12.72 -0.47 3.00
CA GLY A 99 12.16 0.65 3.73
C GLY A 99 12.09 0.40 5.23
N PRO A 100 13.26 0.31 5.87
CA PRO A 100 13.36 0.07 7.31
C PRO A 100 12.89 1.26 8.13
N SER A 101 12.90 1.10 9.45
CA SER A 101 12.47 2.17 10.36
C SER A 101 12.72 1.79 11.81
N SER A 102 13.61 2.53 12.46
CA SER A 102 13.95 2.27 13.85
C SER A 102 12.74 2.48 14.76
N GLY A 103 12.79 1.90 15.94
CA GLY A 103 11.70 2.03 16.89
C GLY A 103 12.16 2.43 18.27
N GLY A 1 16.54 7.75 -7.41
CA GLY A 1 16.22 6.34 -7.53
C GLY A 1 17.21 5.45 -6.78
N SER A 2 17.27 5.62 -5.47
CA SER A 2 18.17 4.84 -4.64
C SER A 2 17.91 3.35 -4.81
N SER A 3 18.77 2.53 -4.20
CA SER A 3 18.64 1.08 -4.30
C SER A 3 17.20 0.65 -4.00
N GLY A 4 16.71 1.05 -2.82
CA GLY A 4 15.36 0.69 -2.43
C GLY A 4 14.31 1.52 -3.14
N SER A 5 13.16 0.92 -3.42
CA SER A 5 12.07 1.61 -4.10
C SER A 5 11.00 2.06 -3.11
N SER A 6 11.27 3.15 -2.41
CA SER A 6 10.34 3.68 -1.43
C SER A 6 9.30 4.58 -2.09
N GLY A 7 8.11 4.02 -2.35
CA GLY A 7 7.06 4.78 -2.98
C GLY A 7 5.99 5.23 -1.99
N ASN A 8 6.09 6.47 -1.55
CA ASN A 8 5.14 7.03 -0.60
C ASN A 8 3.81 7.33 -1.28
N VAL A 9 2.72 7.21 -0.52
CA VAL A 9 1.38 7.46 -1.05
C VAL A 9 0.48 8.04 0.03
N VAL A 10 0.12 9.31 -0.13
CA VAL A 10 -0.75 9.99 0.83
C VAL A 10 -2.07 10.40 0.18
N LEU A 11 -3.13 9.67 0.50
CA LEU A 11 -4.45 9.96 -0.06
C LEU A 11 -5.26 10.84 0.89
N PRO A 12 -5.99 11.80 0.33
CA PRO A 12 -6.83 12.72 1.10
C PRO A 12 -8.04 12.03 1.72
N GLY A 13 -8.27 12.28 3.01
CA GLY A 13 -9.39 11.67 3.69
C GLY A 13 -10.27 12.70 4.38
N PRO A 14 -11.10 12.23 5.32
CA PRO A 14 -11.18 10.80 5.68
C PRO A 14 -11.79 9.96 4.57
N ALA A 15 -11.99 8.67 4.85
CA ALA A 15 -12.58 7.76 3.88
C ALA A 15 -13.93 8.27 3.39
N PRO A 16 -14.41 7.70 2.27
CA PRO A 16 -13.69 6.65 1.55
C PRO A 16 -12.43 7.17 0.86
N TRP A 17 -11.55 6.25 0.47
CA TRP A 17 -10.31 6.63 -0.19
C TRP A 17 -10.43 6.45 -1.71
N GLY A 18 -10.98 5.30 -2.12
CA GLY A 18 -11.15 5.03 -3.54
C GLY A 18 -10.36 3.81 -3.99
N PHE A 19 -9.48 3.33 -3.12
CA PHE A 19 -8.66 2.17 -3.43
C PHE A 19 -9.18 0.93 -2.71
N ARG A 20 -8.72 -0.25 -3.15
CA ARG A 20 -9.14 -1.50 -2.54
C ARG A 20 -7.93 -2.31 -2.06
N LEU A 21 -8.20 -3.43 -1.40
CA LEU A 21 -7.14 -4.28 -0.89
C LEU A 21 -7.40 -5.75 -1.20
N SER A 22 -6.34 -6.51 -1.41
CA SER A 22 -6.46 -7.92 -1.74
C SER A 22 -5.23 -8.69 -1.29
N GLY A 23 -5.45 -9.83 -0.62
CA GLY A 23 -4.34 -10.63 -0.14
C GLY A 23 -4.35 -10.82 1.36
N GLY A 24 -3.18 -11.04 1.94
CA GLY A 24 -3.09 -11.23 3.38
C GLY A 24 -2.02 -12.23 3.76
N ILE A 25 -1.12 -11.83 4.65
CA ILE A 25 -0.04 -12.70 5.09
C ILE A 25 -0.57 -14.08 5.47
N ASP A 26 -1.86 -14.15 5.76
CA ASP A 26 -2.49 -15.42 6.13
C ASP A 26 -2.84 -16.23 4.90
N PHE A 27 -3.26 -15.54 3.83
CA PHE A 27 -3.62 -16.21 2.59
C PHE A 27 -2.39 -16.44 1.71
N ASN A 28 -1.21 -16.23 2.29
CA ASN A 28 0.04 -16.43 1.57
C ASN A 28 0.10 -15.50 0.35
N GLN A 29 -0.37 -14.28 0.52
CA GLN A 29 -0.36 -13.30 -0.56
C GLN A 29 -0.15 -11.88 -0.02
N PRO A 30 0.63 -11.08 -0.75
CA PRO A 30 0.93 -9.70 -0.36
C PRO A 30 -0.29 -8.78 -0.47
N LEU A 31 -0.43 -7.88 0.48
CA LEU A 31 -1.56 -6.95 0.48
C LEU A 31 -1.44 -5.95 -0.67
N VAL A 32 -2.14 -6.23 -1.75
CA VAL A 32 -2.12 -5.36 -2.93
C VAL A 32 -3.50 -4.75 -3.17
N ILE A 33 -3.56 -3.81 -4.12
CA ILE A 33 -4.81 -3.14 -4.45
C ILE A 33 -5.64 -3.98 -5.43
N THR A 34 -6.93 -4.06 -5.18
CA THR A 34 -7.84 -4.83 -6.04
C THR A 34 -8.34 -3.98 -7.20
N ARG A 35 -8.73 -2.74 -6.89
CA ARG A 35 -9.24 -1.83 -7.91
C ARG A 35 -8.99 -0.38 -7.51
N ILE A 36 -9.07 0.52 -8.48
CA ILE A 36 -8.86 1.95 -8.23
C ILE A 36 -10.02 2.77 -8.77
N THR A 37 -10.53 3.68 -7.93
CA THR A 37 -11.63 4.54 -8.33
C THR A 37 -11.26 5.43 -9.50
N PRO A 38 -12.13 5.46 -10.53
CA PRO A 38 -11.90 6.26 -11.73
C PRO A 38 -12.02 7.76 -11.47
N GLY A 39 -11.01 8.51 -11.88
CA GLY A 39 -11.03 9.95 -11.68
C GLY A 39 -11.50 10.33 -10.29
N SER A 40 -10.65 10.07 -9.29
CA SER A 40 -10.99 10.38 -7.90
C SER A 40 -9.72 10.50 -7.05
N LYS A 41 -9.91 10.68 -5.75
CA LYS A 41 -8.80 10.79 -4.82
C LYS A 41 -7.88 9.58 -4.92
N ALA A 42 -8.44 8.46 -5.34
CA ALA A 42 -7.67 7.22 -5.48
C ALA A 42 -6.76 7.28 -6.70
N ALA A 43 -7.37 7.19 -7.88
CA ALA A 43 -6.61 7.23 -9.14
C ALA A 43 -5.79 8.51 -9.24
N ALA A 44 -6.39 9.63 -8.80
CA ALA A 44 -5.71 10.91 -8.85
C ALA A 44 -4.43 10.89 -8.03
N ALA A 45 -4.31 9.90 -7.15
CA ALA A 45 -3.13 9.76 -6.30
C ALA A 45 -2.13 8.79 -6.90
N ASN A 46 -2.22 8.58 -8.21
CA ASN A 46 -1.32 7.67 -8.91
C ASN A 46 -1.47 6.25 -8.38
N LEU A 47 -2.70 5.88 -8.02
CA LEU A 47 -2.97 4.55 -7.50
C LEU A 47 -3.30 3.57 -8.63
N CYS A 48 -2.85 2.33 -8.48
CA CYS A 48 -3.09 1.31 -9.49
C CYS A 48 -3.17 -0.07 -8.86
N PRO A 49 -4.10 -0.90 -9.35
CA PRO A 49 -4.29 -2.27 -8.85
C PRO A 49 -3.14 -3.19 -9.20
N GLY A 50 -2.23 -3.38 -8.25
CA GLY A 50 -1.09 -4.24 -8.47
C GLY A 50 0.06 -3.94 -7.54
N ASP A 51 0.02 -2.76 -6.91
CA ASP A 51 1.06 -2.36 -5.98
C ASP A 51 1.05 -3.22 -4.72
N VAL A 52 2.20 -3.33 -4.08
CA VAL A 52 2.32 -4.14 -2.86
C VAL A 52 2.41 -3.24 -1.62
N ILE A 53 1.35 -3.26 -0.82
CA ILE A 53 1.31 -2.45 0.39
C ILE A 53 2.35 -2.92 1.40
N LEU A 54 3.40 -2.12 1.59
CA LEU A 54 4.45 -2.46 2.52
C LEU A 54 4.05 -2.13 3.95
N ALA A 55 3.61 -0.89 4.17
CA ALA A 55 3.18 -0.46 5.49
C ALA A 55 1.85 0.30 5.41
N ILE A 56 0.88 -0.13 6.19
CA ILE A 56 -0.43 0.49 6.21
C ILE A 56 -0.50 1.58 7.29
N ASP A 57 -0.96 2.77 6.89
CA ASP A 57 -1.08 3.88 7.82
C ASP A 57 0.17 4.01 8.67
N GLY A 58 1.33 3.80 8.06
CA GLY A 58 2.59 3.90 8.78
C GLY A 58 2.86 2.68 9.63
N PHE A 59 2.39 1.53 9.18
CA PHE A 59 2.58 0.28 9.92
C PHE A 59 2.94 -0.86 8.97
N GLY A 60 4.17 -1.36 9.11
CA GLY A 60 4.61 -2.46 8.26
C GLY A 60 3.70 -3.67 8.34
N THR A 61 3.48 -4.31 7.20
CA THR A 61 2.62 -5.49 7.14
C THR A 61 3.44 -6.76 7.30
N GLU A 62 4.43 -6.74 8.18
CA GLU A 62 5.28 -7.89 8.42
C GLU A 62 4.48 -9.04 9.01
N SER A 63 3.60 -8.73 9.95
CA SER A 63 2.77 -9.74 10.60
C SER A 63 1.33 -9.27 10.71
N MET A 64 0.90 -8.49 9.72
CA MET A 64 -0.47 -7.97 9.71
C MET A 64 -1.31 -8.70 8.67
N THR A 65 -2.45 -9.23 9.10
CA THR A 65 -3.35 -9.96 8.21
C THR A 65 -4.36 -9.03 7.57
N HIS A 66 -4.99 -9.48 6.49
CA HIS A 66 -5.98 -8.68 5.78
C HIS A 66 -6.86 -7.91 6.77
N ALA A 67 -7.44 -8.62 7.73
CA ALA A 67 -8.29 -8.00 8.73
C ALA A 67 -7.58 -6.83 9.41
N ASP A 68 -6.47 -7.13 10.07
CA ASP A 68 -5.69 -6.11 10.77
C ASP A 68 -5.64 -4.82 9.95
N ALA A 69 -5.19 -4.94 8.71
CA ALA A 69 -5.09 -3.79 7.82
C ALA A 69 -6.36 -2.95 7.87
N GLN A 70 -7.51 -3.61 7.96
CA GLN A 70 -8.78 -2.92 8.01
C GLN A 70 -8.86 -2.01 9.24
N ASP A 71 -8.50 -2.54 10.39
CA ASP A 71 -8.52 -1.77 11.63
C ASP A 71 -7.62 -0.55 11.53
N ARG A 72 -6.76 -0.53 10.52
CA ARG A 72 -5.85 0.59 10.31
C ARG A 72 -6.39 1.55 9.27
N ILE A 73 -7.04 1.01 8.25
CA ILE A 73 -7.61 1.83 7.18
C ILE A 73 -8.89 2.51 7.65
N LYS A 74 -9.65 1.82 8.50
CA LYS A 74 -10.90 2.36 9.03
C LYS A 74 -10.63 3.38 10.12
N ALA A 75 -9.55 3.19 10.86
CA ALA A 75 -9.17 4.09 11.94
C ALA A 75 -8.15 5.12 11.46
N ALA A 76 -7.92 5.16 10.15
CA ALA A 76 -6.97 6.09 9.57
C ALA A 76 -7.28 7.52 10.00
N SER A 77 -6.48 8.47 9.51
CA SER A 77 -6.66 9.88 9.84
C SER A 77 -7.12 10.67 8.62
N TYR A 78 -7.31 11.97 8.80
CA TYR A 78 -7.75 12.84 7.73
C TYR A 78 -7.05 12.48 6.41
N GLN A 79 -5.87 11.87 6.53
CA GLN A 79 -5.11 11.48 5.36
C GLN A 79 -4.53 10.07 5.54
N LEU A 80 -4.70 9.24 4.52
CA LEU A 80 -4.19 7.87 4.56
C LEU A 80 -2.75 7.81 4.05
N CYS A 81 -1.95 6.97 4.69
CA CYS A 81 -0.54 6.80 4.30
C CYS A 81 -0.22 5.34 4.01
N LEU A 82 0.17 5.05 2.78
CA LEU A 82 0.51 3.69 2.39
C LEU A 82 1.84 3.65 1.65
N LYS A 83 2.79 2.89 2.19
CA LYS A 83 4.11 2.77 1.58
C LYS A 83 4.15 1.61 0.59
N ILE A 84 4.28 1.92 -0.68
CA ILE A 84 4.33 0.90 -1.72
C ILE A 84 5.75 0.71 -2.24
N ASP A 85 6.00 -0.44 -2.85
CA ASP A 85 7.33 -0.75 -3.39
C ASP A 85 7.40 -0.39 -4.87
N ARG A 86 6.71 0.68 -5.26
CA ARG A 86 6.70 1.13 -6.64
C ARG A 86 6.71 -0.06 -7.60
N ALA A 87 6.08 -1.15 -7.18
CA ALA A 87 6.01 -2.36 -8.00
C ALA A 87 5.06 -2.18 -9.17
N GLU A 88 5.60 -1.75 -10.31
CA GLU A 88 4.81 -1.53 -11.50
C GLU A 88 4.70 -2.81 -12.33
N THR A 89 5.80 -3.52 -12.46
CA THR A 89 5.83 -4.77 -13.22
C THR A 89 6.35 -5.93 -12.36
N ARG A 90 7.04 -5.59 -11.28
CA ARG A 90 7.58 -6.61 -10.38
C ARG A 90 8.22 -7.74 -11.17
N LEU A 91 9.10 -7.39 -12.10
CA LEU A 91 9.77 -8.39 -12.93
C LEU A 91 11.17 -8.67 -12.39
N TRP A 92 11.75 -7.69 -11.70
CA TRP A 92 13.09 -7.84 -11.13
C TRP A 92 13.37 -6.74 -10.12
N SER A 93 13.38 -7.11 -8.84
CA SER A 93 13.63 -6.15 -7.77
C SER A 93 14.23 -6.85 -6.55
N PRO A 94 15.12 -6.14 -5.85
CA PRO A 94 15.78 -6.67 -4.65
C PRO A 94 14.83 -6.81 -3.48
N GLN A 95 15.38 -7.08 -2.29
CA GLN A 95 14.57 -7.25 -1.10
C GLN A 95 14.72 -6.05 -0.17
N VAL A 96 14.55 -4.86 -0.73
CA VAL A 96 14.67 -3.63 0.05
C VAL A 96 13.88 -2.49 -0.60
N SER A 97 13.05 -1.82 0.19
CA SER A 97 12.24 -0.71 -0.31
C SER A 97 12.51 0.56 0.48
N SER A 98 13.75 0.70 0.96
CA SER A 98 14.13 1.86 1.74
C SER A 98 15.63 2.15 1.59
N GLY A 99 16.04 3.35 1.99
CA GLY A 99 17.44 3.71 1.90
C GLY A 99 17.79 4.88 2.81
N PRO A 100 18.78 5.69 2.38
CA PRO A 100 19.23 6.85 3.16
C PRO A 100 18.19 7.96 3.19
N SER A 101 17.41 8.08 2.12
CA SER A 101 16.38 9.10 2.03
C SER A 101 15.56 9.17 3.32
N SER A 102 15.09 8.00 3.77
CA SER A 102 14.29 7.93 4.99
C SER A 102 15.12 7.39 6.15
N GLY A 103 15.14 8.13 7.26
CA GLY A 103 15.90 7.71 8.42
C GLY A 103 16.42 8.88 9.22
N GLY A 1 14.18 14.11 1.24
CA GLY A 1 13.69 14.79 0.05
C GLY A 1 12.35 14.23 -0.41
N SER A 2 12.33 13.68 -1.62
CA SER A 2 11.12 13.12 -2.19
C SER A 2 11.22 11.61 -2.32
N SER A 3 12.30 11.15 -2.96
CA SER A 3 12.52 9.73 -3.17
C SER A 3 13.59 9.21 -2.21
N GLY A 4 13.15 8.63 -1.09
CA GLY A 4 14.08 8.11 -0.12
C GLY A 4 14.09 6.58 -0.09
N SER A 5 14.16 5.97 -1.26
CA SER A 5 14.17 4.52 -1.36
C SER A 5 12.87 3.93 -0.82
N SER A 6 11.75 4.54 -1.19
CA SER A 6 10.44 4.08 -0.76
C SER A 6 9.32 4.84 -1.45
N GLY A 7 8.38 4.11 -2.01
CA GLY A 7 7.27 4.73 -2.72
C GLY A 7 6.25 5.34 -1.76
N ASN A 8 6.50 6.58 -1.36
CA ASN A 8 5.61 7.28 -0.44
C ASN A 8 4.32 7.69 -1.15
N VAL A 9 3.19 7.40 -0.52
CA VAL A 9 1.89 7.75 -1.09
C VAL A 9 0.90 8.12 0.00
N VAL A 10 0.53 9.40 0.04
CA VAL A 10 -0.41 9.90 1.03
C VAL A 10 -1.70 10.40 0.37
N LEU A 11 -2.81 9.73 0.65
CA LEU A 11 -4.09 10.10 0.08
C LEU A 11 -4.84 11.07 1.00
N PRO A 12 -5.42 12.12 0.41
CA PRO A 12 -6.17 13.13 1.16
C PRO A 12 -7.48 12.58 1.72
N GLY A 13 -7.63 12.67 3.04
CA GLY A 13 -8.84 12.18 3.68
C GLY A 13 -9.63 13.28 4.35
N PRO A 14 -10.43 12.92 5.36
CA PRO A 14 -10.56 11.52 5.80
C PRO A 14 -11.27 10.65 4.77
N ALA A 15 -11.45 9.37 5.10
CA ALA A 15 -12.11 8.43 4.21
C ALA A 15 -13.46 8.98 3.75
N PRO A 16 -14.05 8.33 2.74
CA PRO A 16 -13.47 7.15 2.10
C PRO A 16 -12.23 7.51 1.27
N TRP A 17 -11.63 6.49 0.66
CA TRP A 17 -10.44 6.70 -0.16
C TRP A 17 -10.73 6.38 -1.63
N GLY A 18 -11.24 5.18 -1.87
CA GLY A 18 -11.55 4.78 -3.23
C GLY A 18 -10.57 3.76 -3.78
N PHE A 19 -10.11 2.87 -2.91
CA PHE A 19 -9.16 1.83 -3.31
C PHE A 19 -9.40 0.54 -2.53
N ARG A 20 -9.33 -0.59 -3.24
CA ARG A 20 -9.54 -1.89 -2.61
C ARG A 20 -8.20 -2.58 -2.32
N LEU A 21 -8.26 -3.72 -1.66
CA LEU A 21 -7.06 -4.47 -1.31
C LEU A 21 -7.34 -5.97 -1.31
N SER A 22 -6.28 -6.76 -1.43
CA SER A 22 -6.40 -8.22 -1.44
C SER A 22 -5.13 -8.88 -0.94
N GLY A 23 -5.29 -10.02 -0.27
CA GLY A 23 -4.15 -10.73 0.26
C GLY A 23 -4.10 -10.72 1.77
N GLY A 24 -2.90 -10.79 2.34
CA GLY A 24 -2.74 -10.78 3.77
C GLY A 24 -1.65 -11.72 4.25
N ILE A 25 -0.83 -11.25 5.18
CA ILE A 25 0.26 -12.05 5.71
C ILE A 25 -0.22 -13.43 6.14
N ASP A 26 -1.46 -13.48 6.64
CA ASP A 26 -2.05 -14.75 7.08
C ASP A 26 -2.36 -15.65 5.89
N PHE A 27 -2.65 -15.03 4.75
CA PHE A 27 -2.97 -15.77 3.54
C PHE A 27 -1.74 -15.96 2.67
N ASN A 28 -0.56 -15.81 3.28
CA ASN A 28 0.69 -15.96 2.56
C ASN A 28 0.65 -15.21 1.24
N GLN A 29 0.07 -14.01 1.24
CA GLN A 29 -0.03 -13.20 0.05
C GLN A 29 0.14 -11.72 0.37
N PRO A 30 0.82 -10.99 -0.53
CA PRO A 30 1.07 -9.56 -0.36
C PRO A 30 -0.19 -8.73 -0.49
N LEU A 31 -0.31 -7.69 0.34
CA LEU A 31 -1.48 -6.82 0.32
C LEU A 31 -1.39 -5.83 -0.83
N VAL A 32 -2.06 -6.14 -1.94
CA VAL A 32 -2.06 -5.27 -3.10
C VAL A 32 -3.45 -4.73 -3.40
N ILE A 33 -3.52 -3.67 -4.19
CA ILE A 33 -4.80 -3.06 -4.54
C ILE A 33 -5.57 -3.95 -5.51
N THR A 34 -6.88 -4.07 -5.27
CA THR A 34 -7.73 -4.88 -6.11
C THR A 34 -8.52 -4.02 -7.10
N ARG A 35 -8.87 -2.81 -6.67
CA ARG A 35 -9.62 -1.89 -7.50
C ARG A 35 -9.33 -0.44 -7.12
N ILE A 36 -9.55 0.47 -8.06
CA ILE A 36 -9.32 1.89 -7.81
C ILE A 36 -10.42 2.75 -8.43
N THR A 37 -11.00 3.63 -7.61
CA THR A 37 -12.07 4.50 -8.07
C THR A 37 -11.56 5.46 -9.16
N PRO A 38 -12.10 5.29 -10.38
CA PRO A 38 -11.71 6.12 -11.53
C PRO A 38 -12.23 7.55 -11.39
N GLY A 39 -11.40 8.42 -10.83
CA GLY A 39 -11.78 9.81 -10.65
C GLY A 39 -12.14 10.14 -9.21
N SER A 40 -11.19 9.92 -8.31
CA SER A 40 -11.41 10.19 -6.90
C SER A 40 -10.08 10.32 -6.16
N LYS A 41 -10.15 10.47 -4.83
CA LYS A 41 -8.96 10.59 -4.01
C LYS A 41 -8.01 9.42 -4.24
N ALA A 42 -8.56 8.29 -4.64
CA ALA A 42 -7.77 7.09 -4.89
C ALA A 42 -7.01 7.22 -6.21
N ALA A 43 -7.72 7.11 -7.33
CA ALA A 43 -7.11 7.21 -8.64
C ALA A 43 -6.32 8.51 -8.78
N ALA A 44 -6.90 9.61 -8.35
CA ALA A 44 -6.25 10.91 -8.42
C ALA A 44 -4.90 10.89 -7.71
N ALA A 45 -4.67 9.85 -6.92
CA ALA A 45 -3.42 9.70 -6.18
C ALA A 45 -2.47 8.75 -6.89
N ASN A 46 -2.69 8.56 -8.19
CA ASN A 46 -1.86 7.68 -8.99
C ASN A 46 -1.94 6.24 -8.49
N LEU A 47 -3.08 5.89 -7.91
CA LEU A 47 -3.29 4.54 -7.38
C LEU A 47 -3.80 3.60 -8.46
N CYS A 48 -3.27 2.38 -8.49
CA CYS A 48 -3.67 1.39 -9.47
C CYS A 48 -3.73 0.00 -8.85
N PRO A 49 -4.66 -0.83 -9.32
CA PRO A 49 -4.84 -2.20 -8.84
C PRO A 49 -3.69 -3.11 -9.25
N GLY A 50 -2.76 -3.34 -8.31
CA GLY A 50 -1.63 -4.20 -8.60
C GLY A 50 -0.42 -3.87 -7.74
N ASP A 51 -0.38 -2.64 -7.24
CA ASP A 51 0.74 -2.20 -6.40
C ASP A 51 0.84 -3.05 -5.14
N VAL A 52 2.03 -3.13 -4.57
CA VAL A 52 2.26 -3.91 -3.36
C VAL A 52 2.32 -3.01 -2.13
N ILE A 53 1.38 -3.22 -1.22
CA ILE A 53 1.33 -2.43 0.01
C ILE A 53 2.30 -2.97 1.06
N LEU A 54 3.34 -2.18 1.34
CA LEU A 54 4.34 -2.57 2.33
C LEU A 54 3.91 -2.19 3.74
N ALA A 55 3.46 -0.94 3.89
CA ALA A 55 3.01 -0.44 5.19
C ALA A 55 1.70 0.34 5.05
N ILE A 56 0.82 0.16 6.01
CA ILE A 56 -0.47 0.85 6.01
C ILE A 56 -0.54 1.89 7.12
N ASP A 57 -1.02 3.08 6.77
CA ASP A 57 -1.14 4.16 7.75
C ASP A 57 0.09 4.23 8.64
N GLY A 58 1.24 3.92 8.06
CA GLY A 58 2.49 3.96 8.83
C GLY A 58 2.68 2.72 9.67
N PHE A 59 2.33 1.56 9.11
CA PHE A 59 2.47 0.30 9.82
C PHE A 59 2.73 -0.84 8.85
N GLY A 60 3.98 -1.33 8.84
CA GLY A 60 4.34 -2.42 7.95
C GLY A 60 3.41 -3.61 8.09
N THR A 61 3.22 -4.34 6.99
CA THR A 61 2.36 -5.51 6.98
C THR A 61 3.11 -6.76 7.42
N GLU A 62 4.00 -6.61 8.39
CA GLU A 62 4.78 -7.73 8.90
C GLU A 62 3.93 -8.64 9.78
N SER A 63 3.16 -8.04 10.67
CA SER A 63 2.31 -8.79 11.58
C SER A 63 0.85 -8.33 11.46
N MET A 64 0.53 -7.69 10.35
CA MET A 64 -0.82 -7.19 10.12
C MET A 64 -1.57 -8.08 9.13
N THR A 65 -2.60 -8.77 9.62
CA THR A 65 -3.40 -9.65 8.77
C THR A 65 -4.51 -8.89 8.07
N HIS A 66 -5.03 -9.47 6.99
CA HIS A 66 -6.10 -8.85 6.23
C HIS A 66 -7.12 -8.20 7.16
N ALA A 67 -7.63 -8.97 8.11
CA ALA A 67 -8.60 -8.47 9.06
C ALA A 67 -8.06 -7.26 9.82
N ASP A 68 -6.78 -7.30 10.16
CA ASP A 68 -6.14 -6.20 10.87
C ASP A 68 -6.02 -4.96 9.99
N ALA A 69 -5.44 -5.13 8.81
CA ALA A 69 -5.27 -4.04 7.87
C ALA A 69 -6.57 -3.23 7.72
N GLN A 70 -7.70 -3.94 7.70
CA GLN A 70 -8.99 -3.30 7.55
C GLN A 70 -9.22 -2.28 8.67
N ASP A 71 -8.82 -2.63 9.88
CA ASP A 71 -8.97 -1.74 11.02
C ASP A 71 -8.05 -0.53 10.90
N ARG A 72 -7.12 -0.59 9.96
CA ARG A 72 -6.18 0.50 9.74
C ARG A 72 -6.68 1.44 8.64
N ILE A 73 -7.42 0.88 7.69
CA ILE A 73 -7.96 1.67 6.58
C ILE A 73 -9.25 2.38 6.98
N LYS A 74 -10.11 1.66 7.70
CA LYS A 74 -11.38 2.22 8.15
C LYS A 74 -11.15 3.25 9.26
N ALA A 75 -10.18 2.97 10.13
CA ALA A 75 -9.85 3.87 11.23
C ALA A 75 -8.75 4.84 10.84
N ALA A 76 -8.57 5.03 9.54
CA ALA A 76 -7.54 5.94 9.05
C ALA A 76 -7.73 7.35 9.61
N SER A 77 -6.89 8.27 9.16
CA SER A 77 -6.95 9.66 9.64
C SER A 77 -7.15 10.62 8.46
N TYR A 78 -7.28 11.90 8.78
CA TYR A 78 -7.47 12.92 7.75
C TYR A 78 -6.63 12.62 6.51
N GLN A 79 -5.50 11.96 6.73
CA GLN A 79 -4.60 11.62 5.63
C GLN A 79 -4.07 10.20 5.80
N LEU A 80 -4.31 9.37 4.79
CA LEU A 80 -3.86 7.98 4.82
C LEU A 80 -2.46 7.86 4.22
N CYS A 81 -1.64 6.99 4.80
CA CYS A 81 -0.28 6.78 4.33
C CYS A 81 -0.08 5.33 3.90
N LEU A 82 0.34 5.14 2.65
CA LEU A 82 0.56 3.80 2.11
C LEU A 82 1.89 3.74 1.36
N LYS A 83 2.82 2.94 1.87
CA LYS A 83 4.12 2.78 1.25
C LYS A 83 4.12 1.61 0.27
N ILE A 84 4.57 1.86 -0.96
CA ILE A 84 4.62 0.81 -1.98
C ILE A 84 6.06 0.55 -2.41
N ASP A 85 6.31 -0.67 -2.89
CA ASP A 85 7.64 -1.06 -3.34
C ASP A 85 7.94 -0.48 -4.72
N ARG A 86 6.89 -0.28 -5.51
CA ARG A 86 7.04 0.27 -6.85
C ARG A 86 7.78 -0.72 -7.76
N ALA A 87 7.34 -1.97 -7.74
CA ALA A 87 7.97 -3.00 -8.57
C ALA A 87 7.58 -2.84 -10.03
N GLU A 88 8.57 -2.48 -10.86
CA GLU A 88 8.34 -2.29 -12.29
C GLU A 88 7.82 -3.58 -12.93
N THR A 89 8.42 -4.70 -12.55
CA THR A 89 8.03 -6.00 -13.09
C THR A 89 7.51 -6.92 -11.99
N ARG A 90 7.91 -6.63 -10.75
CA ARG A 90 7.49 -7.44 -9.61
C ARG A 90 8.03 -8.86 -9.72
N LEU A 91 9.29 -8.98 -10.14
CA LEU A 91 9.93 -10.28 -10.28
C LEU A 91 11.04 -10.46 -9.27
N TRP A 92 12.14 -9.75 -9.46
CA TRP A 92 13.28 -9.83 -8.54
C TRP A 92 13.73 -8.43 -8.12
N SER A 93 13.52 -8.11 -6.85
CA SER A 93 13.91 -6.80 -6.31
C SER A 93 13.67 -6.75 -4.81
N PRO A 94 14.59 -6.07 -4.10
CA PRO A 94 14.51 -5.92 -2.65
C PRO A 94 13.36 -5.01 -2.22
N GLN A 95 13.40 -4.57 -0.96
CA GLN A 95 12.36 -3.69 -0.43
C GLN A 95 12.64 -2.24 -0.78
N VAL A 96 13.51 -2.03 -1.77
CA VAL A 96 13.88 -0.68 -2.20
C VAL A 96 13.01 -0.22 -3.36
N SER A 97 12.58 1.03 -3.32
CA SER A 97 11.74 1.60 -4.36
C SER A 97 12.58 2.38 -5.37
N SER A 98 12.41 2.06 -6.65
CA SER A 98 13.15 2.72 -7.71
C SER A 98 12.79 4.20 -7.77
N GLY A 99 13.76 5.02 -8.17
CA GLY A 99 13.54 6.45 -8.28
C GLY A 99 12.66 6.82 -9.47
N PRO A 100 12.72 8.08 -9.88
CA PRO A 100 11.93 8.59 -11.01
C PRO A 100 12.41 8.03 -12.34
N SER A 101 11.47 7.85 -13.27
CA SER A 101 11.81 7.32 -14.59
C SER A 101 12.73 8.27 -15.34
N SER A 102 12.28 9.51 -15.52
CA SER A 102 13.06 10.51 -16.23
C SER A 102 14.29 10.90 -15.43
N GLY A 103 14.08 11.39 -14.21
CA GLY A 103 15.19 11.79 -13.37
C GLY A 103 15.59 13.24 -13.57
N GLY A 1 18.04 6.91 6.16
CA GLY A 1 17.63 5.62 5.65
C GLY A 1 18.76 4.87 4.97
N SER A 2 18.41 3.93 4.10
CA SER A 2 19.40 3.15 3.38
C SER A 2 19.31 3.39 1.88
N SER A 3 20.27 2.87 1.14
CA SER A 3 20.31 3.04 -0.32
C SER A 3 19.38 2.04 -1.00
N GLY A 4 18.39 2.56 -1.71
CA GLY A 4 17.45 1.69 -2.40
C GLY A 4 16.33 2.47 -3.07
N SER A 5 15.11 1.95 -2.99
CA SER A 5 13.95 2.60 -3.60
C SER A 5 12.76 2.55 -2.66
N SER A 6 11.98 3.63 -2.64
CA SER A 6 10.80 3.72 -1.80
C SER A 6 9.67 4.47 -2.51
N GLY A 7 8.48 4.41 -1.92
CA GLY A 7 7.34 5.09 -2.51
C GLY A 7 6.34 5.56 -1.47
N ASN A 8 6.04 6.85 -1.48
CA ASN A 8 5.10 7.43 -0.52
C ASN A 8 3.74 7.67 -1.17
N VAL A 9 2.68 7.45 -0.41
CA VAL A 9 1.32 7.64 -0.91
C VAL A 9 0.43 8.25 0.15
N VAL A 10 0.12 9.55 0.01
CA VAL A 10 -0.73 10.24 0.97
C VAL A 10 -2.09 10.56 0.35
N LEU A 11 -3.10 9.79 0.73
CA LEU A 11 -4.45 10.00 0.22
C LEU A 11 -5.26 10.90 1.15
N PRO A 12 -6.01 11.84 0.56
CA PRO A 12 -6.84 12.78 1.32
C PRO A 12 -8.04 12.10 1.97
N GLY A 13 -8.09 12.15 3.30
CA GLY A 13 -9.18 11.53 4.03
C GLY A 13 -10.12 12.55 4.62
N PRO A 14 -10.97 12.11 5.58
CA PRO A 14 -10.97 10.72 6.03
C PRO A 14 -11.51 9.76 4.98
N ALA A 15 -11.70 8.50 5.37
CA ALA A 15 -12.22 7.49 4.46
C ALA A 15 -13.65 7.79 4.05
N PRO A 16 -14.14 7.10 3.02
CA PRO A 16 -13.34 6.11 2.28
C PRO A 16 -12.22 6.75 1.48
N TRP A 17 -11.39 5.90 0.85
CA TRP A 17 -10.29 6.39 0.05
C TRP A 17 -10.58 6.22 -1.44
N GLY A 18 -10.89 4.99 -1.84
CA GLY A 18 -11.18 4.72 -3.24
C GLY A 18 -10.47 3.50 -3.76
N PHE A 19 -9.47 3.03 -3.01
CA PHE A 19 -8.70 1.85 -3.41
C PHE A 19 -9.13 0.62 -2.60
N ARG A 20 -9.00 -0.55 -3.21
CA ARG A 20 -9.37 -1.79 -2.54
C ARG A 20 -8.13 -2.53 -2.04
N LEU A 21 -8.36 -3.63 -1.33
CA LEU A 21 -7.26 -4.42 -0.78
C LEU A 21 -7.43 -5.91 -1.13
N SER A 22 -6.33 -6.62 -1.19
CA SER A 22 -6.36 -8.05 -1.51
C SER A 22 -5.18 -8.77 -0.87
N GLY A 23 -5.36 -10.07 -0.60
CA GLY A 23 -4.31 -10.85 0.02
C GLY A 23 -4.16 -10.57 1.50
N GLY A 24 -3.03 -10.98 2.07
CA GLY A 24 -2.78 -10.76 3.48
C GLY A 24 -1.77 -11.73 4.05
N ILE A 25 -1.03 -11.28 5.06
CA ILE A 25 -0.01 -12.11 5.69
C ILE A 25 -0.63 -13.36 6.30
N ASP A 26 -1.95 -13.40 6.33
CA ASP A 26 -2.67 -14.55 6.88
C ASP A 26 -3.03 -15.55 5.79
N PHE A 27 -3.28 -15.03 4.58
CA PHE A 27 -3.64 -15.87 3.45
C PHE A 27 -2.40 -16.25 2.64
N ASN A 28 -1.24 -15.95 3.20
CA ASN A 28 0.03 -16.26 2.52
C ASN A 28 0.13 -15.52 1.19
N GLN A 29 -0.37 -14.29 1.17
CA GLN A 29 -0.33 -13.46 -0.04
C GLN A 29 -0.03 -12.00 0.30
N PRO A 30 0.62 -11.31 -0.64
CA PRO A 30 0.98 -9.89 -0.47
C PRO A 30 -0.24 -8.98 -0.50
N LEU A 31 -0.21 -7.92 0.31
CA LEU A 31 -1.30 -6.97 0.38
C LEU A 31 -1.31 -6.07 -0.86
N VAL A 32 -2.18 -6.38 -1.81
CA VAL A 32 -2.30 -5.60 -3.03
C VAL A 32 -3.72 -5.08 -3.22
N ILE A 33 -3.87 -4.08 -4.07
CA ILE A 33 -5.18 -3.49 -4.35
C ILE A 33 -5.95 -4.32 -5.36
N THR A 34 -7.25 -4.48 -5.13
CA THR A 34 -8.10 -5.26 -6.02
C THR A 34 -8.61 -4.40 -7.17
N ARG A 35 -8.92 -3.14 -6.87
CA ARG A 35 -9.42 -2.22 -7.89
C ARG A 35 -9.23 -0.77 -7.44
N ILE A 36 -9.40 0.16 -8.37
CA ILE A 36 -9.25 1.57 -8.08
C ILE A 36 -10.40 2.39 -8.66
N THR A 37 -10.79 3.44 -7.95
CA THR A 37 -11.88 4.29 -8.40
C THR A 37 -11.42 5.23 -9.52
N PRO A 38 -12.22 5.30 -10.60
CA PRO A 38 -11.92 6.15 -11.75
C PRO A 38 -12.07 7.64 -11.43
N GLY A 39 -11.01 8.40 -11.69
CA GLY A 39 -11.03 9.83 -11.42
C GLY A 39 -11.54 10.14 -10.03
N SER A 40 -10.75 9.82 -9.02
CA SER A 40 -11.12 10.07 -7.64
C SER A 40 -9.88 10.20 -6.75
N LYS A 41 -10.11 10.34 -5.45
CA LYS A 41 -9.02 10.47 -4.49
C LYS A 41 -8.04 9.32 -4.62
N ALA A 42 -8.53 8.18 -5.11
CA ALA A 42 -7.68 7.01 -5.29
C ALA A 42 -6.91 7.09 -6.60
N ALA A 43 -7.61 6.89 -7.72
CA ALA A 43 -6.97 6.95 -9.03
C ALA A 43 -6.18 8.24 -9.21
N ALA A 44 -6.74 9.34 -8.73
CA ALA A 44 -6.09 10.64 -8.83
C ALA A 44 -4.79 10.66 -8.05
N ALA A 45 -4.70 9.81 -7.02
CA ALA A 45 -3.50 9.73 -6.19
C ALA A 45 -2.49 8.75 -6.77
N ASN A 46 -2.64 8.44 -8.05
CA ASN A 46 -1.75 7.50 -8.72
C ASN A 46 -1.89 6.10 -8.14
N LEU A 47 -3.12 5.74 -7.78
CA LEU A 47 -3.40 4.41 -7.23
C LEU A 47 -3.89 3.46 -8.31
N CYS A 48 -3.36 2.23 -8.28
CA CYS A 48 -3.75 1.23 -9.25
C CYS A 48 -3.77 -0.17 -8.61
N PRO A 49 -4.64 -1.05 -9.14
CA PRO A 49 -4.78 -2.42 -8.64
C PRO A 49 -3.56 -3.28 -8.95
N GLY A 50 -2.65 -3.40 -7.97
CA GLY A 50 -1.46 -4.19 -8.17
C GLY A 50 -0.32 -3.76 -7.27
N ASP A 51 -0.42 -2.54 -6.74
CA ASP A 51 0.60 -2.00 -5.85
C ASP A 51 0.72 -2.84 -4.58
N VAL A 52 1.95 -3.17 -4.20
CA VAL A 52 2.20 -3.97 -3.00
C VAL A 52 2.34 -3.07 -1.78
N ILE A 53 1.35 -3.14 -0.88
CA ILE A 53 1.37 -2.34 0.34
C ILE A 53 2.48 -2.80 1.28
N LEU A 54 3.58 -2.06 1.32
CA LEU A 54 4.71 -2.38 2.18
C LEU A 54 4.41 -2.06 3.63
N ALA A 55 3.84 -0.89 3.86
CA ALA A 55 3.48 -0.46 5.21
C ALA A 55 2.23 0.41 5.21
N ILE A 56 1.61 0.54 6.36
CA ILE A 56 0.40 1.35 6.50
C ILE A 56 0.55 2.40 7.59
N ASP A 57 0.24 3.65 7.26
CA ASP A 57 0.34 4.74 8.22
C ASP A 57 1.59 4.60 9.08
N GLY A 58 2.64 4.03 8.51
CA GLY A 58 3.88 3.85 9.24
C GLY A 58 3.89 2.55 10.03
N PHE A 59 3.29 1.51 9.46
CA PHE A 59 3.23 0.21 10.12
C PHE A 59 3.39 -0.93 9.12
N GLY A 60 4.56 -1.55 9.12
CA GLY A 60 4.82 -2.65 8.20
C GLY A 60 3.74 -3.70 8.24
N THR A 61 3.44 -4.28 7.09
CA THR A 61 2.41 -5.31 6.99
C THR A 61 3.00 -6.70 7.21
N GLU A 62 3.98 -6.77 8.10
CA GLU A 62 4.63 -8.05 8.41
C GLU A 62 3.80 -8.85 9.40
N SER A 63 3.18 -8.15 10.34
CA SER A 63 2.35 -8.80 11.36
C SER A 63 0.90 -8.31 11.29
N MET A 64 0.56 -7.68 10.17
CA MET A 64 -0.79 -7.15 9.98
C MET A 64 -1.54 -7.98 8.94
N THR A 65 -2.54 -8.73 9.39
CA THR A 65 -3.34 -9.57 8.50
C THR A 65 -4.41 -8.74 7.79
N HIS A 66 -5.01 -9.34 6.76
CA HIS A 66 -6.06 -8.65 6.00
C HIS A 66 -7.08 -8.01 6.93
N ALA A 67 -7.64 -8.81 7.83
CA ALA A 67 -8.63 -8.32 8.78
C ALA A 67 -8.12 -7.08 9.52
N ASP A 68 -6.85 -7.13 9.92
CA ASP A 68 -6.24 -6.01 10.64
C ASP A 68 -6.18 -4.76 9.76
N ALA A 69 -5.62 -4.90 8.56
CA ALA A 69 -5.50 -3.79 7.63
C ALA A 69 -6.82 -3.04 7.51
N GLN A 70 -7.92 -3.77 7.64
CA GLN A 70 -9.25 -3.17 7.55
C GLN A 70 -9.51 -2.22 8.72
N ASP A 71 -9.00 -2.58 9.89
CA ASP A 71 -9.17 -1.76 11.07
C ASP A 71 -8.18 -0.59 11.08
N ARG A 72 -7.21 -0.65 10.18
CA ARG A 72 -6.20 0.39 10.08
C ARG A 72 -6.59 1.43 9.02
N ILE A 73 -7.24 0.95 7.96
CA ILE A 73 -7.66 1.83 6.88
C ILE A 73 -8.92 2.61 7.26
N LYS A 74 -9.85 1.92 7.89
CA LYS A 74 -11.11 2.54 8.31
C LYS A 74 -10.88 3.45 9.51
N ALA A 75 -9.98 3.06 10.40
CA ALA A 75 -9.68 3.85 11.58
C ALA A 75 -8.55 4.84 11.31
N ALA A 76 -8.14 4.92 10.04
CA ALA A 76 -7.06 5.82 9.64
C ALA A 76 -7.36 7.25 10.08
N SER A 77 -6.49 8.18 9.68
CA SER A 77 -6.65 9.58 10.04
C SER A 77 -7.02 10.42 8.81
N TYR A 78 -7.26 11.71 9.04
CA TYR A 78 -7.62 12.62 7.95
C TYR A 78 -6.82 12.30 6.69
N GLN A 79 -5.63 11.75 6.88
CA GLN A 79 -4.77 11.39 5.76
C GLN A 79 -4.08 10.05 5.99
N LEU A 80 -4.21 9.16 5.02
CA LEU A 80 -3.61 7.83 5.12
C LEU A 80 -2.29 7.77 4.35
N CYS A 81 -1.26 7.24 5.00
CA CYS A 81 0.05 7.13 4.37
C CYS A 81 0.43 5.66 4.14
N LEU A 82 0.46 5.26 2.88
CA LEU A 82 0.80 3.88 2.53
C LEU A 82 2.04 3.83 1.64
N LYS A 83 2.94 2.89 1.92
CA LYS A 83 4.16 2.73 1.14
C LYS A 83 4.00 1.63 0.10
N ILE A 84 4.52 1.88 -1.09
CA ILE A 84 4.45 0.91 -2.17
C ILE A 84 5.83 0.41 -2.58
N ASP A 85 5.88 -0.73 -3.24
CA ASP A 85 7.14 -1.31 -3.69
C ASP A 85 7.53 -0.76 -5.06
N ARG A 86 7.02 0.41 -5.39
CA ARG A 86 7.32 1.04 -6.68
C ARG A 86 7.23 0.02 -7.81
N ALA A 87 6.23 -0.86 -7.74
CA ALA A 87 6.04 -1.89 -8.76
C ALA A 87 6.12 -1.29 -10.16
N GLU A 88 7.24 -1.53 -10.85
CA GLU A 88 7.44 -1.01 -12.20
C GLU A 88 6.49 -1.70 -13.18
N THR A 89 6.40 -3.02 -13.07
CA THR A 89 5.54 -3.80 -13.96
C THR A 89 4.47 -4.55 -13.17
N ARG A 90 4.66 -4.63 -11.86
CA ARG A 90 3.72 -5.33 -10.99
C ARG A 90 3.50 -6.76 -11.46
N LEU A 91 4.60 -7.51 -11.60
CA LEU A 91 4.52 -8.89 -12.04
C LEU A 91 5.64 -9.72 -11.41
N TRP A 92 5.26 -10.57 -10.46
CA TRP A 92 6.23 -11.42 -9.78
C TRP A 92 7.23 -10.59 -8.99
N SER A 93 6.73 -9.59 -8.28
CA SER A 93 7.58 -8.71 -7.49
C SER A 93 7.83 -9.30 -6.10
N PRO A 94 9.06 -9.16 -5.61
CA PRO A 94 9.45 -9.68 -4.29
C PRO A 94 8.81 -8.89 -3.15
N GLN A 95 9.29 -9.13 -1.93
CA GLN A 95 8.75 -8.44 -0.76
C GLN A 95 9.64 -7.25 -0.38
N VAL A 96 10.40 -6.76 -1.35
CA VAL A 96 11.29 -5.63 -1.11
C VAL A 96 10.99 -4.49 -2.09
N SER A 97 11.24 -3.26 -1.64
CA SER A 97 10.99 -2.08 -2.47
C SER A 97 12.02 -1.98 -3.59
N SER A 98 11.94 -2.90 -4.55
CA SER A 98 12.87 -2.91 -5.67
C SER A 98 14.26 -2.44 -5.24
N GLY A 99 14.78 -3.07 -4.19
CA GLY A 99 16.09 -2.71 -3.69
C GLY A 99 17.21 -3.27 -4.54
N PRO A 100 17.73 -4.44 -4.15
CA PRO A 100 18.82 -5.11 -4.88
C PRO A 100 18.37 -5.64 -6.24
N SER A 101 17.07 -5.72 -6.43
CA SER A 101 16.50 -6.21 -7.69
C SER A 101 17.17 -5.53 -8.88
N SER A 102 17.17 -6.22 -10.02
CA SER A 102 17.76 -5.68 -11.23
C SER A 102 16.69 -5.14 -12.17
N GLY A 103 15.69 -5.97 -12.47
CA GLY A 103 14.62 -5.57 -13.35
C GLY A 103 14.86 -6.00 -14.79
N GLY A 1 22.53 10.27 1.62
CA GLY A 1 22.44 8.83 1.80
C GLY A 1 21.02 8.32 1.72
N SER A 2 20.60 7.94 0.52
CA SER A 2 19.25 7.43 0.30
C SER A 2 19.22 6.42 -0.84
N SER A 3 18.96 5.15 -0.50
CA SER A 3 18.91 4.09 -1.49
C SER A 3 17.66 3.23 -1.30
N GLY A 4 17.09 2.77 -2.41
CA GLY A 4 15.91 1.94 -2.34
C GLY A 4 14.73 2.55 -3.07
N SER A 5 13.73 1.72 -3.38
CA SER A 5 12.55 2.17 -4.09
C SER A 5 11.43 2.53 -3.11
N SER A 6 11.54 3.72 -2.51
CA SER A 6 10.55 4.17 -1.55
C SER A 6 9.45 4.98 -2.24
N GLY A 7 8.25 4.41 -2.31
CA GLY A 7 7.14 5.10 -2.95
C GLY A 7 6.11 5.58 -1.94
N ASN A 8 6.24 6.83 -1.52
CA ASN A 8 5.31 7.42 -0.57
C ASN A 8 3.97 7.72 -1.21
N VAL A 9 2.89 7.56 -0.45
CA VAL A 9 1.55 7.81 -0.95
C VAL A 9 0.65 8.37 0.14
N VAL A 10 0.33 9.65 0.05
CA VAL A 10 -0.54 10.30 1.03
C VAL A 10 -1.87 10.71 0.41
N LEU A 11 -2.91 9.93 0.69
CA LEU A 11 -4.24 10.21 0.16
C LEU A 11 -5.03 11.10 1.13
N PRO A 12 -5.79 12.05 0.57
CA PRO A 12 -6.61 12.97 1.36
C PRO A 12 -7.80 12.29 2.00
N GLY A 13 -7.90 12.40 3.32
CA GLY A 13 -9.01 11.78 4.04
C GLY A 13 -9.91 12.79 4.70
N PRO A 14 -10.71 12.33 5.68
CA PRO A 14 -10.72 10.93 6.09
C PRO A 14 -11.32 10.01 5.04
N ALA A 15 -11.52 8.75 5.40
CA ALA A 15 -12.10 7.77 4.47
C ALA A 15 -13.54 8.14 4.11
N PRO A 16 -14.07 7.48 3.06
CA PRO A 16 -13.33 6.47 2.32
C PRO A 16 -12.21 7.07 1.48
N TRP A 17 -11.35 6.21 0.94
CA TRP A 17 -10.23 6.66 0.12
C TRP A 17 -10.53 6.46 -1.36
N GLY A 18 -10.99 5.27 -1.71
CA GLY A 18 -11.31 4.98 -3.10
C GLY A 18 -10.59 3.74 -3.61
N PHE A 19 -9.70 3.20 -2.80
CA PHE A 19 -8.94 2.02 -3.18
C PHE A 19 -9.37 0.81 -2.34
N ARG A 20 -9.11 -0.39 -2.87
CA ARG A 20 -9.47 -1.62 -2.18
C ARG A 20 -8.23 -2.36 -1.72
N LEU A 21 -8.43 -3.46 -0.99
CA LEU A 21 -7.32 -4.26 -0.48
C LEU A 21 -7.50 -5.73 -0.84
N SER A 22 -6.40 -6.46 -0.93
CA SER A 22 -6.45 -7.88 -1.26
C SER A 22 -5.29 -8.63 -0.60
N GLY A 23 -5.35 -9.95 -0.64
CA GLY A 23 -4.30 -10.77 -0.05
C GLY A 23 -4.18 -10.55 1.44
N GLY A 24 -3.02 -10.91 2.00
CA GLY A 24 -2.80 -10.74 3.43
C GLY A 24 -1.82 -11.76 3.98
N ILE A 25 -0.96 -11.31 4.90
CA ILE A 25 0.02 -12.19 5.51
C ILE A 25 -0.63 -13.45 6.08
N ASP A 26 -1.94 -13.40 6.23
CA ASP A 26 -2.70 -14.54 6.77
C ASP A 26 -3.08 -15.51 5.65
N PHE A 27 -3.29 -14.97 4.46
CA PHE A 27 -3.66 -15.78 3.31
C PHE A 27 -2.43 -16.19 2.50
N ASN A 28 -1.25 -15.99 3.08
CA ASN A 28 0.00 -16.32 2.41
C ASN A 28 0.12 -15.59 1.08
N GLN A 29 -0.29 -14.32 1.07
CA GLN A 29 -0.23 -13.51 -0.13
C GLN A 29 0.04 -12.04 0.21
N PRO A 30 0.68 -11.33 -0.73
CA PRO A 30 1.00 -9.90 -0.55
C PRO A 30 -0.24 -9.03 -0.57
N LEU A 31 -0.21 -7.96 0.22
CA LEU A 31 -1.34 -7.03 0.29
C LEU A 31 -1.37 -6.12 -0.93
N VAL A 32 -2.34 -6.36 -1.81
CA VAL A 32 -2.48 -5.55 -3.02
C VAL A 32 -3.91 -5.02 -3.16
N ILE A 33 -4.05 -3.95 -3.93
CA ILE A 33 -5.36 -3.35 -4.16
C ILE A 33 -6.18 -4.16 -5.15
N THR A 34 -7.46 -4.35 -4.85
CA THR A 34 -8.36 -5.10 -5.71
C THR A 34 -8.91 -4.23 -6.83
N ARG A 35 -9.17 -2.97 -6.51
CA ARG A 35 -9.72 -2.03 -7.49
C ARG A 35 -9.49 -0.59 -7.04
N ILE A 36 -9.64 0.34 -7.97
CA ILE A 36 -9.46 1.77 -7.67
C ILE A 36 -10.61 2.60 -8.22
N THR A 37 -11.05 3.57 -7.43
CA THR A 37 -12.15 4.44 -7.85
C THR A 37 -11.77 5.27 -9.07
N PRO A 38 -12.68 5.34 -10.05
CA PRO A 38 -12.47 6.08 -11.29
C PRO A 38 -12.46 7.59 -11.06
N GLY A 39 -11.33 8.23 -11.38
CA GLY A 39 -11.23 9.67 -11.20
C GLY A 39 -11.60 10.11 -9.80
N SER A 40 -10.79 9.74 -8.82
CA SER A 40 -11.04 10.09 -7.44
C SER A 40 -9.74 10.32 -6.68
N LYS A 41 -9.84 10.56 -5.38
CA LYS A 41 -8.66 10.78 -4.54
C LYS A 41 -7.72 9.59 -4.59
N ALA A 42 -8.26 8.42 -4.91
CA ALA A 42 -7.46 7.21 -5.00
C ALA A 42 -6.73 7.13 -6.33
N ALA A 43 -7.48 6.84 -7.40
CA ALA A 43 -6.90 6.74 -8.73
C ALA A 43 -6.12 8.00 -9.09
N ALA A 44 -6.68 9.15 -8.77
CA ALA A 44 -6.02 10.43 -9.05
C ALA A 44 -4.71 10.55 -8.30
N ALA A 45 -4.54 9.73 -7.26
CA ALA A 45 -3.33 9.75 -6.46
C ALA A 45 -2.30 8.76 -7.01
N ASN A 46 -2.45 8.39 -8.27
CA ASN A 46 -1.54 7.46 -8.92
C ASN A 46 -1.69 6.06 -8.32
N LEU A 47 -2.91 5.72 -7.91
CA LEU A 47 -3.18 4.41 -7.33
C LEU A 47 -3.76 3.47 -8.37
N CYS A 48 -3.27 2.23 -8.37
CA CYS A 48 -3.74 1.22 -9.32
C CYS A 48 -3.85 -0.14 -8.65
N PRO A 49 -4.83 -0.94 -9.08
CA PRO A 49 -5.07 -2.28 -8.54
C PRO A 49 -3.97 -3.26 -8.92
N GLY A 50 -3.04 -3.48 -8.00
CA GLY A 50 -1.94 -4.40 -8.26
C GLY A 50 -0.72 -4.09 -7.43
N ASP A 51 -0.65 -2.88 -6.89
CA ASP A 51 0.47 -2.46 -6.06
C ASP A 51 0.58 -3.33 -4.81
N VAL A 52 1.73 -3.25 -4.15
CA VAL A 52 1.97 -4.03 -2.94
C VAL A 52 2.13 -3.11 -1.73
N ILE A 53 1.12 -3.09 -0.87
CA ILE A 53 1.15 -2.26 0.34
C ILE A 53 2.22 -2.74 1.30
N LEU A 54 3.24 -1.92 1.51
CA LEU A 54 4.33 -2.27 2.42
C LEU A 54 3.99 -1.87 3.86
N ALA A 55 3.45 -0.67 4.02
CA ALA A 55 3.08 -0.18 5.33
C ALA A 55 1.83 0.71 5.26
N ILE A 56 0.92 0.51 6.21
CA ILE A 56 -0.32 1.28 6.25
C ILE A 56 -0.29 2.30 7.38
N ASP A 57 -0.42 3.58 7.04
CA ASP A 57 -0.41 4.64 8.03
C ASP A 57 0.81 4.54 8.95
N GLY A 58 1.93 4.08 8.38
CA GLY A 58 3.14 3.94 9.16
C GLY A 58 3.20 2.61 9.89
N PHE A 59 2.55 1.60 9.33
CA PHE A 59 2.53 0.28 9.95
C PHE A 59 2.80 -0.81 8.91
N GLY A 60 4.02 -1.33 8.90
CA GLY A 60 4.40 -2.36 7.96
C GLY A 60 3.51 -3.59 8.06
N THR A 61 3.23 -4.21 6.92
CA THR A 61 2.39 -5.40 6.89
C THR A 61 3.20 -6.65 7.21
N GLU A 62 4.17 -6.52 8.10
CA GLU A 62 5.01 -7.65 8.49
C GLU A 62 4.24 -8.64 9.35
N SER A 63 3.43 -8.10 10.27
CA SER A 63 2.63 -8.94 11.15
C SER A 63 1.18 -8.48 11.18
N MET A 64 0.75 -7.82 10.11
CA MET A 64 -0.61 -7.33 10.01
C MET A 64 -1.41 -8.13 8.96
N THR A 65 -2.37 -8.91 9.44
CA THR A 65 -3.19 -9.73 8.56
C THR A 65 -4.25 -8.89 7.87
N HIS A 66 -4.79 -9.40 6.77
CA HIS A 66 -5.83 -8.69 6.02
C HIS A 66 -6.86 -8.07 6.97
N ALA A 67 -7.45 -8.90 7.81
CA ALA A 67 -8.45 -8.44 8.77
C ALA A 67 -7.93 -7.26 9.58
N ASP A 68 -6.67 -7.33 9.97
CA ASP A 68 -6.05 -6.26 10.75
C ASP A 68 -5.97 -4.97 9.94
N ALA A 69 -5.55 -5.09 8.68
CA ALA A 69 -5.43 -3.93 7.81
C ALA A 69 -6.76 -3.19 7.70
N GLN A 70 -7.86 -3.95 7.76
CA GLN A 70 -9.19 -3.36 7.65
C GLN A 70 -9.45 -2.40 8.80
N ASP A 71 -8.93 -2.72 9.97
CA ASP A 71 -9.10 -1.89 11.15
C ASP A 71 -8.16 -0.68 11.11
N ARG A 72 -7.21 -0.72 10.18
CA ARG A 72 -6.24 0.36 10.03
C ARG A 72 -6.71 1.37 8.97
N ILE A 73 -7.29 0.84 7.90
CA ILE A 73 -7.78 1.70 6.82
C ILE A 73 -9.04 2.44 7.23
N LYS A 74 -9.87 1.79 8.03
CA LYS A 74 -11.11 2.40 8.51
C LYS A 74 -10.84 3.32 9.68
N ALA A 75 -9.90 2.94 10.54
CA ALA A 75 -9.54 3.74 11.70
C ALA A 75 -8.39 4.68 11.39
N ALA A 76 -8.01 4.76 10.12
CA ALA A 76 -6.92 5.62 9.69
C ALA A 76 -7.14 7.06 10.17
N SER A 77 -6.20 7.94 9.82
CA SER A 77 -6.30 9.34 10.21
C SER A 77 -6.75 10.21 9.06
N TYR A 78 -6.90 11.51 9.31
CA TYR A 78 -7.33 12.44 8.28
C TYR A 78 -6.60 12.19 6.97
N GLN A 79 -5.39 11.66 7.08
CA GLN A 79 -4.57 11.37 5.90
C GLN A 79 -3.99 9.96 5.97
N LEU A 80 -4.10 9.22 4.86
CA LEU A 80 -3.58 7.87 4.80
C LEU A 80 -2.22 7.83 4.12
N CYS A 81 -1.23 7.26 4.81
CA CYS A 81 0.11 7.17 4.27
C CYS A 81 0.50 5.71 4.02
N LEU A 82 0.46 5.31 2.76
CA LEU A 82 0.80 3.94 2.38
C LEU A 82 2.08 3.90 1.56
N LYS A 83 2.98 2.98 1.91
CA LYS A 83 4.24 2.84 1.20
C LYS A 83 4.18 1.69 0.19
N ILE A 84 4.44 2.01 -1.07
CA ILE A 84 4.41 1.00 -2.12
C ILE A 84 5.82 0.63 -2.56
N ASP A 85 5.98 -0.60 -3.03
CA ASP A 85 7.28 -1.09 -3.48
C ASP A 85 7.64 -0.49 -4.85
N ARG A 86 6.60 -0.10 -5.59
CA ARG A 86 6.81 0.48 -6.93
C ARG A 86 7.37 -0.56 -7.89
N ALA A 87 6.81 -1.77 -7.84
CA ALA A 87 7.25 -2.85 -8.71
C ALA A 87 6.67 -2.70 -10.11
N GLU A 88 7.54 -2.43 -11.09
CA GLU A 88 7.11 -2.26 -12.46
C GLU A 88 6.65 -3.60 -13.06
N THR A 89 7.31 -4.68 -12.65
CA THR A 89 6.97 -6.01 -13.15
C THR A 89 6.73 -6.98 -11.99
N ARG A 90 7.08 -6.55 -10.78
CA ARG A 90 6.91 -7.38 -9.60
C ARG A 90 7.76 -8.64 -9.69
N LEU A 91 9.01 -8.48 -10.11
CA LEU A 91 9.93 -9.61 -10.25
C LEU A 91 10.03 -10.38 -8.93
N TRP A 92 10.63 -11.57 -8.99
CA TRP A 92 10.79 -12.40 -7.82
C TRP A 92 11.48 -11.63 -6.69
N SER A 93 10.67 -10.93 -5.90
CA SER A 93 11.20 -10.14 -4.78
C SER A 93 10.27 -10.22 -3.58
N PRO A 94 10.86 -10.08 -2.37
CA PRO A 94 10.09 -10.12 -1.11
C PRO A 94 9.20 -8.91 -0.94
N GLN A 95 8.58 -8.81 0.24
CA GLN A 95 7.69 -7.70 0.54
C GLN A 95 8.46 -6.55 1.20
N VAL A 96 9.54 -6.12 0.57
CA VAL A 96 10.35 -5.03 1.10
C VAL A 96 11.11 -4.32 -0.02
N SER A 97 10.86 -3.02 -0.15
CA SER A 97 11.51 -2.22 -1.18
C SER A 97 13.00 -2.05 -0.89
N SER A 98 13.31 -1.68 0.36
CA SER A 98 14.69 -1.48 0.78
C SER A 98 15.15 -2.62 1.68
N GLY A 99 16.34 -3.16 1.38
CA GLY A 99 16.87 -4.25 2.18
C GLY A 99 17.97 -5.01 1.46
N PRO A 100 18.22 -6.25 1.90
CA PRO A 100 19.25 -7.10 1.31
C PRO A 100 18.88 -7.57 -0.09
N SER A 101 19.76 -7.30 -1.06
CA SER A 101 19.52 -7.68 -2.45
C SER A 101 20.54 -8.71 -2.90
N SER A 102 20.25 -9.98 -2.64
CA SER A 102 21.15 -11.08 -3.02
C SER A 102 21.63 -10.90 -4.46
N GLY A 103 20.68 -10.68 -5.36
CA GLY A 103 21.03 -10.51 -6.76
C GLY A 103 21.41 -9.07 -7.09
N GLY A 1 25.24 5.50 -4.56
CA GLY A 1 24.76 4.50 -3.63
C GLY A 1 23.33 4.79 -3.17
N SER A 2 22.36 4.26 -3.90
CA SER A 2 20.95 4.47 -3.56
C SER A 2 20.46 3.38 -2.61
N SER A 3 19.50 3.75 -1.77
CA SER A 3 18.93 2.80 -0.81
C SER A 3 17.98 1.82 -1.49
N GLY A 4 16.98 2.36 -2.17
CA GLY A 4 16.02 1.51 -2.86
C GLY A 4 14.97 2.32 -3.60
N SER A 5 13.76 1.77 -3.72
CA SER A 5 12.68 2.44 -4.42
C SER A 5 11.41 2.43 -3.57
N SER A 6 11.25 3.46 -2.74
CA SER A 6 10.08 3.57 -1.87
C SER A 6 9.05 4.51 -2.47
N GLY A 7 7.85 3.99 -2.71
CA GLY A 7 6.80 4.79 -3.29
C GLY A 7 5.81 5.29 -2.24
N ASN A 8 5.97 6.55 -1.84
CA ASN A 8 5.09 7.14 -0.84
C ASN A 8 3.73 7.50 -1.44
N VAL A 9 2.68 7.28 -0.67
CA VAL A 9 1.32 7.57 -1.13
C VAL A 9 0.47 8.15 -0.01
N VAL A 10 0.13 9.43 -0.12
CA VAL A 10 -0.68 10.10 0.89
C VAL A 10 -2.03 10.53 0.31
N LEU A 11 -3.06 9.75 0.58
CA LEU A 11 -4.40 10.05 0.09
C LEU A 11 -5.13 10.99 1.05
N PRO A 12 -5.80 12.00 0.49
CA PRO A 12 -6.55 12.99 1.27
C PRO A 12 -7.81 12.39 1.90
N GLY A 13 -7.91 12.52 3.22
CA GLY A 13 -9.07 11.99 3.93
C GLY A 13 -9.86 13.08 4.65
N PRO A 14 -10.65 12.66 5.64
CA PRO A 14 -10.77 11.26 6.05
C PRO A 14 -11.49 10.42 4.99
N ALA A 15 -11.58 9.11 5.25
CA ALA A 15 -12.25 8.21 4.32
C ALA A 15 -13.59 8.77 3.87
N PRO A 16 -14.18 8.15 2.83
CA PRO A 16 -13.57 7.00 2.16
C PRO A 16 -12.33 7.38 1.37
N TRP A 17 -11.65 6.37 0.81
CA TRP A 17 -10.45 6.60 0.02
C TRP A 17 -10.71 6.36 -1.46
N GLY A 18 -11.21 5.17 -1.77
CA GLY A 18 -11.50 4.83 -3.16
C GLY A 18 -10.54 3.81 -3.72
N PHE A 19 -10.15 2.84 -2.89
CA PHE A 19 -9.22 1.80 -3.30
C PHE A 19 -9.49 0.49 -2.56
N ARG A 20 -9.38 -0.62 -3.27
CA ARG A 20 -9.61 -1.93 -2.67
C ARG A 20 -8.29 -2.62 -2.32
N LEU A 21 -8.38 -3.76 -1.67
CA LEU A 21 -7.20 -4.52 -1.28
C LEU A 21 -7.48 -6.02 -1.28
N SER A 22 -6.42 -6.81 -1.36
CA SER A 22 -6.56 -8.27 -1.37
C SER A 22 -5.29 -8.93 -0.85
N GLY A 23 -5.42 -10.19 -0.44
CA GLY A 23 -4.27 -10.92 0.08
C GLY A 23 -4.12 -10.77 1.58
N GLY A 24 -2.90 -10.98 2.07
CA GLY A 24 -2.65 -10.87 3.49
C GLY A 24 -1.57 -11.83 3.97
N ILE A 25 -0.75 -11.37 4.92
CA ILE A 25 0.32 -12.20 5.46
C ILE A 25 -0.22 -13.53 5.97
N ASP A 26 -1.46 -13.53 6.44
CA ASP A 26 -2.10 -14.74 6.95
C ASP A 26 -2.40 -15.71 5.82
N PHE A 27 -2.72 -15.16 4.65
CA PHE A 27 -3.04 -15.98 3.48
C PHE A 27 -1.81 -16.17 2.60
N ASN A 28 -0.64 -15.94 3.18
CA ASN A 28 0.62 -16.08 2.44
C ASN A 28 0.58 -15.31 1.13
N GLN A 29 0.01 -14.11 1.17
CA GLN A 29 -0.10 -13.27 -0.01
C GLN A 29 0.08 -11.80 0.35
N PRO A 30 0.75 -11.05 -0.54
CA PRO A 30 1.00 -9.61 -0.34
C PRO A 30 -0.27 -8.79 -0.45
N LEU A 31 -0.39 -7.78 0.41
CA LEU A 31 -1.56 -6.91 0.42
C LEU A 31 -1.49 -5.90 -0.73
N VAL A 32 -2.14 -6.23 -1.84
CA VAL A 32 -2.15 -5.35 -3.00
C VAL A 32 -3.55 -4.80 -3.26
N ILE A 33 -3.65 -3.81 -4.13
CA ILE A 33 -4.92 -3.21 -4.48
C ILE A 33 -5.72 -4.09 -5.43
N THR A 34 -7.03 -4.17 -5.20
CA THR A 34 -7.91 -4.98 -6.03
C THR A 34 -8.68 -4.12 -7.03
N ARG A 35 -8.89 -2.86 -6.67
CA ARG A 35 -9.61 -1.94 -7.54
C ARG A 35 -9.37 -0.48 -7.12
N ILE A 36 -9.56 0.44 -8.04
CA ILE A 36 -9.37 1.85 -7.76
C ILE A 36 -10.52 2.69 -8.31
N THR A 37 -10.83 3.78 -7.61
CA THR A 37 -11.91 4.66 -8.03
C THR A 37 -11.50 5.53 -9.21
N PRO A 38 -12.10 5.28 -10.37
CA PRO A 38 -11.81 6.02 -11.60
C PRO A 38 -12.32 7.46 -11.54
N GLY A 39 -11.46 8.37 -11.12
CA GLY A 39 -11.84 9.77 -11.03
C GLY A 39 -12.10 10.21 -9.59
N SER A 40 -11.07 10.09 -8.75
CA SER A 40 -11.20 10.48 -7.35
C SER A 40 -9.82 10.46 -6.67
N LYS A 41 -9.78 10.99 -5.45
CA LYS A 41 -8.54 11.04 -4.69
C LYS A 41 -7.81 9.71 -4.75
N ALA A 42 -8.56 8.63 -4.96
CA ALA A 42 -7.98 7.30 -5.04
C ALA A 42 -7.03 7.19 -6.22
N ALA A 43 -7.58 7.24 -7.43
CA ALA A 43 -6.77 7.14 -8.64
C ALA A 43 -5.86 8.35 -8.78
N ALA A 44 -6.37 9.53 -8.44
CA ALA A 44 -5.62 10.76 -8.54
C ALA A 44 -4.33 10.68 -7.73
N ALA A 45 -4.25 9.70 -6.84
CA ALA A 45 -3.08 9.50 -6.01
C ALA A 45 -2.13 8.48 -6.62
N ASN A 46 -2.36 8.15 -7.88
CA ASN A 46 -1.53 7.17 -8.59
C ASN A 46 -1.80 5.76 -8.10
N LEU A 47 -3.00 5.54 -7.58
CA LEU A 47 -3.40 4.22 -7.07
C LEU A 47 -3.83 3.31 -8.20
N CYS A 48 -3.41 2.05 -8.13
CA CYS A 48 -3.75 1.07 -9.16
C CYS A 48 -3.92 -0.32 -8.55
N PRO A 49 -4.88 -1.09 -9.08
CA PRO A 49 -5.17 -2.44 -8.60
C PRO A 49 -4.04 -3.42 -8.95
N GLY A 50 -3.05 -3.51 -8.07
CA GLY A 50 -1.94 -4.41 -8.29
C GLY A 50 -0.73 -4.07 -7.44
N ASP A 51 -0.58 -2.80 -7.13
CA ASP A 51 0.54 -2.33 -6.32
C ASP A 51 0.64 -3.14 -5.02
N VAL A 52 1.86 -3.25 -4.50
CA VAL A 52 2.09 -3.99 -3.26
C VAL A 52 2.14 -3.05 -2.06
N ILE A 53 1.32 -3.35 -1.05
CA ILE A 53 1.27 -2.53 0.16
C ILE A 53 2.33 -2.97 1.16
N LEU A 54 3.36 -2.16 1.33
CA LEU A 54 4.44 -2.47 2.26
C LEU A 54 4.06 -2.06 3.68
N ALA A 55 3.44 -0.89 3.81
CA ALA A 55 3.02 -0.38 5.11
C ALA A 55 1.72 0.41 5.00
N ILE A 56 0.84 0.23 5.98
CA ILE A 56 -0.44 0.93 6.00
C ILE A 56 -0.49 1.98 7.10
N ASP A 57 -0.80 3.21 6.74
CA ASP A 57 -0.88 4.30 7.71
C ASP A 57 0.27 4.23 8.70
N GLY A 58 1.48 3.99 8.19
CA GLY A 58 2.65 3.91 9.04
C GLY A 58 2.67 2.62 9.86
N PHE A 59 2.04 1.58 9.33
CA PHE A 59 1.98 0.29 10.03
C PHE A 59 2.47 -0.83 9.12
N GLY A 60 3.75 -1.15 9.21
CA GLY A 60 4.31 -2.20 8.39
C GLY A 60 3.39 -3.40 8.26
N THR A 61 3.37 -4.00 7.08
CA THR A 61 2.52 -5.16 6.83
C THR A 61 3.29 -6.46 6.99
N GLU A 62 4.22 -6.48 7.93
CA GLU A 62 5.04 -7.66 8.19
C GLU A 62 4.30 -8.64 9.11
N SER A 63 3.46 -8.09 9.99
CA SER A 63 2.71 -8.91 10.92
C SER A 63 1.24 -8.50 10.95
N MET A 64 0.81 -7.82 9.89
CA MET A 64 -0.58 -7.35 9.79
C MET A 64 -1.35 -8.18 8.77
N THR A 65 -2.43 -8.82 9.22
CA THR A 65 -3.26 -9.64 8.35
C THR A 65 -4.35 -8.81 7.68
N HIS A 66 -4.93 -9.36 6.62
CA HIS A 66 -5.99 -8.67 5.89
C HIS A 66 -6.92 -7.95 6.86
N ALA A 67 -7.48 -8.69 7.81
CA ALA A 67 -8.39 -8.13 8.79
C ALA A 67 -7.75 -6.96 9.52
N ASP A 68 -6.49 -7.12 9.93
CA ASP A 68 -5.77 -6.08 10.64
C ASP A 68 -5.71 -4.80 9.81
N ALA A 69 -5.26 -4.92 8.57
CA ALA A 69 -5.16 -3.77 7.68
C ALA A 69 -6.47 -3.00 7.64
N GLN A 70 -7.59 -3.72 7.69
CA GLN A 70 -8.90 -3.10 7.66
C GLN A 70 -9.10 -2.18 8.86
N ASP A 71 -8.64 -2.63 10.02
CA ASP A 71 -8.76 -1.84 11.25
C ASP A 71 -7.94 -0.57 11.16
N ARG A 72 -7.03 -0.51 10.20
CA ARG A 72 -6.17 0.65 10.00
C ARG A 72 -6.75 1.58 8.93
N ILE A 73 -7.37 0.99 7.93
CA ILE A 73 -7.97 1.77 6.84
C ILE A 73 -9.27 2.42 7.28
N LYS A 74 -10.05 1.70 8.07
CA LYS A 74 -11.33 2.20 8.57
C LYS A 74 -11.11 3.26 9.64
N ALA A 75 -10.14 3.01 10.51
CA ALA A 75 -9.82 3.94 11.59
C ALA A 75 -8.68 4.87 11.20
N ALA A 76 -8.43 4.98 9.90
CA ALA A 76 -7.36 5.84 9.40
C ALA A 76 -7.47 7.24 9.97
N SER A 77 -6.61 8.14 9.49
CA SER A 77 -6.60 9.52 9.97
C SER A 77 -6.90 10.48 8.83
N TYR A 78 -6.98 11.77 9.15
CA TYR A 78 -7.25 12.80 8.15
C TYR A 78 -6.59 12.46 6.83
N GLN A 79 -5.41 11.85 6.89
CA GLN A 79 -4.67 11.47 5.69
C GLN A 79 -4.12 10.06 5.82
N LEU A 80 -4.37 9.23 4.81
CA LEU A 80 -3.90 7.86 4.81
C LEU A 80 -2.52 7.75 4.16
N CYS A 81 -1.62 7.02 4.80
CA CYS A 81 -0.27 6.85 4.28
C CYS A 81 -0.01 5.39 3.93
N LEU A 82 0.11 5.11 2.64
CA LEU A 82 0.35 3.75 2.17
C LEU A 82 1.67 3.66 1.42
N LYS A 83 2.62 2.92 1.98
CA LYS A 83 3.93 2.75 1.36
C LYS A 83 3.92 1.59 0.38
N ILE A 84 4.07 1.90 -0.91
CA ILE A 84 4.08 0.88 -1.94
C ILE A 84 5.50 0.41 -2.25
N ASP A 85 5.61 -0.70 -2.96
CA ASP A 85 6.92 -1.24 -3.33
C ASP A 85 7.39 -0.68 -4.66
N ARG A 86 6.44 -0.32 -5.53
CA ARG A 86 6.77 0.23 -6.84
C ARG A 86 7.53 -0.79 -7.68
N ALA A 87 7.07 -2.04 -7.65
CA ALA A 87 7.71 -3.10 -8.42
C ALA A 87 7.39 -2.99 -9.90
N GLU A 88 8.40 -2.68 -10.70
CA GLU A 88 8.21 -2.54 -12.15
C GLU A 88 7.75 -3.86 -12.75
N THR A 89 8.34 -4.97 -12.29
CA THR A 89 7.99 -6.29 -12.79
C THR A 89 7.44 -7.18 -11.69
N ARG A 90 7.72 -6.80 -10.44
CA ARG A 90 7.24 -7.56 -9.29
C ARG A 90 7.82 -8.97 -9.30
N LEU A 91 9.13 -9.08 -9.54
CA LEU A 91 9.80 -10.37 -9.58
C LEU A 91 11.10 -10.33 -8.79
N TRP A 92 11.87 -9.27 -8.99
CA TRP A 92 13.15 -9.11 -8.29
C TRP A 92 12.93 -8.54 -6.90
N SER A 93 13.12 -9.39 -5.88
CA SER A 93 12.95 -8.96 -4.50
C SER A 93 11.82 -7.94 -4.38
N PRO A 94 10.64 -8.28 -4.90
CA PRO A 94 9.47 -7.41 -4.86
C PRO A 94 8.90 -7.25 -3.46
N GLN A 95 9.36 -8.10 -2.54
CA GLN A 95 8.90 -8.05 -1.16
C GLN A 95 9.77 -7.10 -0.33
N VAL A 96 10.21 -6.01 -0.96
CA VAL A 96 11.03 -5.02 -0.28
C VAL A 96 11.30 -3.82 -1.18
N SER A 97 11.29 -2.63 -0.58
CA SER A 97 11.52 -1.39 -1.33
C SER A 97 12.98 -0.95 -1.20
N SER A 98 13.52 -1.03 0.00
CA SER A 98 14.90 -0.64 0.25
C SER A 98 15.63 -1.69 1.08
N GLY A 99 16.84 -2.03 0.66
CA GLY A 99 17.61 -3.03 1.38
C GLY A 99 19.09 -2.69 1.43
N PRO A 100 19.94 -3.71 1.61
CA PRO A 100 21.39 -3.53 1.69
C PRO A 100 22.00 -3.14 0.34
N SER A 101 22.92 -2.20 0.37
CA SER A 101 23.58 -1.73 -0.85
C SER A 101 25.09 -1.71 -0.67
N SER A 102 25.80 -2.28 -1.64
CA SER A 102 27.25 -2.34 -1.60
C SER A 102 27.73 -3.19 -0.42
N GLY A 103 27.06 -4.32 -0.21
CA GLY A 103 27.43 -5.20 0.88
C GLY A 103 26.94 -6.63 0.66
N GLY A 1 26.75 3.93 -4.42
CA GLY A 1 25.72 4.56 -5.22
C GLY A 1 24.39 4.64 -4.49
N SER A 2 23.37 3.96 -5.01
CA SER A 2 22.06 3.97 -4.41
C SER A 2 21.12 2.99 -5.14
N SER A 3 20.40 2.19 -4.36
CA SER A 3 19.47 1.21 -4.93
C SER A 3 18.18 1.18 -4.14
N GLY A 4 17.05 1.24 -4.85
CA GLY A 4 15.76 1.21 -4.21
C GLY A 4 14.67 1.83 -5.06
N SER A 5 13.47 1.24 -5.01
CA SER A 5 12.35 1.74 -5.80
C SER A 5 11.19 2.15 -4.88
N SER A 6 11.52 2.84 -3.80
CA SER A 6 10.52 3.29 -2.84
C SER A 6 9.41 4.04 -3.54
N GLY A 7 8.29 4.23 -2.85
CA GLY A 7 7.16 4.95 -3.42
C GLY A 7 6.18 5.44 -2.36
N ASN A 8 6.38 6.66 -1.90
CA ASN A 8 5.52 7.25 -0.88
C ASN A 8 4.17 7.66 -1.49
N VAL A 9 3.10 7.38 -0.77
CA VAL A 9 1.76 7.72 -1.23
C VAL A 9 0.86 8.13 -0.06
N VAL A 10 0.48 9.40 -0.02
CA VAL A 10 -0.38 9.92 1.03
C VAL A 10 -1.69 10.43 0.47
N LEU A 11 -2.76 9.67 0.68
CA LEU A 11 -4.08 10.06 0.20
C LEU A 11 -4.75 11.05 1.15
N PRO A 12 -5.31 12.12 0.59
CA PRO A 12 -5.99 13.17 1.36
C PRO A 12 -7.30 12.66 1.97
N GLY A 13 -7.39 12.70 3.30
CA GLY A 13 -8.58 12.26 3.98
C GLY A 13 -9.34 13.39 4.63
N PRO A 14 -10.08 13.08 5.70
CA PRO A 14 -10.17 11.71 6.22
C PRO A 14 -10.95 10.78 5.29
N ALA A 15 -11.05 9.52 5.68
CA ALA A 15 -11.76 8.54 4.88
C ALA A 15 -13.16 9.03 4.51
N PRO A 16 -13.81 8.33 3.58
CA PRO A 16 -13.24 7.13 2.94
C PRO A 16 -12.08 7.48 2.00
N TRP A 17 -11.52 6.45 1.37
CA TRP A 17 -10.40 6.64 0.45
C TRP A 17 -10.79 6.25 -0.96
N GLY A 18 -11.30 5.03 -1.11
CA GLY A 18 -11.70 4.55 -2.42
C GLY A 18 -10.75 3.51 -2.98
N PHE A 19 -10.22 2.67 -2.10
CA PHE A 19 -9.28 1.63 -2.51
C PHE A 19 -9.49 0.36 -1.68
N ARG A 20 -9.44 -0.78 -2.35
CA ARG A 20 -9.62 -2.07 -1.68
C ARG A 20 -8.27 -2.74 -1.43
N LEU A 21 -8.30 -3.86 -0.71
CA LEU A 21 -7.07 -4.60 -0.40
C LEU A 21 -7.19 -6.05 -0.87
N SER A 22 -6.04 -6.70 -1.06
CA SER A 22 -6.00 -8.08 -1.51
C SER A 22 -4.90 -8.85 -0.80
N GLY A 23 -5.12 -10.15 -0.60
CA GLY A 23 -4.14 -10.98 0.07
C GLY A 23 -4.17 -10.83 1.58
N GLY A 24 -3.01 -10.92 2.20
CA GLY A 24 -2.93 -10.79 3.65
C GLY A 24 -1.91 -11.72 4.26
N ILE A 25 -1.04 -11.17 5.10
CA ILE A 25 0.00 -11.96 5.74
C ILE A 25 -0.57 -13.26 6.31
N ASP A 26 -1.87 -13.28 6.53
CA ASP A 26 -2.56 -14.45 7.06
C ASP A 26 -2.81 -15.48 5.96
N PHE A 27 -3.12 -14.99 4.77
CA PHE A 27 -3.39 -15.86 3.63
C PHE A 27 -2.12 -16.12 2.83
N ASN A 28 -0.98 -15.88 3.45
CA ASN A 28 0.31 -16.08 2.79
C ASN A 28 0.37 -15.34 1.47
N GLN A 29 -0.12 -14.11 1.46
CA GLN A 29 -0.13 -13.29 0.24
C GLN A 29 0.15 -11.82 0.57
N PRO A 30 0.74 -11.11 -0.39
CA PRO A 30 1.07 -9.69 -0.22
C PRO A 30 -0.18 -8.80 -0.19
N LEU A 31 -0.15 -7.77 0.64
CA LEU A 31 -1.27 -6.85 0.78
C LEU A 31 -1.27 -5.83 -0.35
N VAL A 32 -2.03 -6.10 -1.41
CA VAL A 32 -2.12 -5.20 -2.55
C VAL A 32 -3.53 -4.66 -2.71
N ILE A 33 -3.72 -3.80 -3.71
CA ILE A 33 -5.02 -3.22 -3.98
C ILE A 33 -5.86 -4.13 -4.86
N THR A 34 -7.13 -4.30 -4.49
CA THR A 34 -8.04 -5.14 -5.25
C THR A 34 -8.90 -4.32 -6.21
N ARG A 35 -9.24 -3.11 -5.79
CA ARG A 35 -10.07 -2.22 -6.61
C ARG A 35 -9.75 -0.76 -6.29
N ILE A 36 -10.10 0.12 -7.23
CA ILE A 36 -9.85 1.55 -7.06
C ILE A 36 -11.00 2.37 -7.64
N THR A 37 -11.35 3.46 -6.95
CA THR A 37 -12.43 4.33 -7.41
C THR A 37 -11.94 5.27 -8.51
N PRO A 38 -12.50 5.09 -9.72
CA PRO A 38 -12.15 5.90 -10.88
C PRO A 38 -12.65 7.34 -10.76
N GLY A 39 -11.72 8.27 -10.54
CA GLY A 39 -12.09 9.67 -10.40
C GLY A 39 -12.41 10.05 -8.98
N SER A 40 -11.45 9.83 -8.08
CA SER A 40 -11.63 10.14 -6.67
C SER A 40 -10.29 10.16 -5.94
N LYS A 41 -10.34 10.41 -4.63
CA LYS A 41 -9.14 10.44 -3.81
C LYS A 41 -8.29 9.19 -4.03
N ALA A 42 -8.95 8.10 -4.43
CA ALA A 42 -8.26 6.84 -4.67
C ALA A 42 -7.48 6.88 -5.99
N ALA A 43 -8.20 6.83 -7.09
CA ALA A 43 -7.58 6.86 -8.41
C ALA A 43 -6.81 8.15 -8.62
N ALA A 44 -7.43 9.28 -8.28
CA ALA A 44 -6.79 10.58 -8.43
C ALA A 44 -5.40 10.59 -7.79
N ALA A 45 -5.20 9.70 -6.83
CA ALA A 45 -3.92 9.60 -6.14
C ALA A 45 -2.98 8.62 -6.85
N ASN A 46 -3.26 8.36 -8.12
CA ASN A 46 -2.45 7.44 -8.90
C ASN A 46 -2.50 6.03 -8.33
N LEU A 47 -3.63 5.69 -7.73
CA LEU A 47 -3.80 4.37 -7.13
C LEU A 47 -4.32 3.36 -8.16
N CYS A 48 -3.78 2.15 -8.13
CA CYS A 48 -4.18 1.11 -9.06
C CYS A 48 -4.28 -0.25 -8.35
N PRO A 49 -5.25 -1.06 -8.75
CA PRO A 49 -5.48 -2.39 -8.17
C PRO A 49 -4.38 -3.37 -8.56
N GLY A 50 -3.35 -3.45 -7.72
CA GLY A 50 -2.24 -4.36 -7.98
C GLY A 50 -1.00 -4.00 -7.20
N ASP A 51 -0.85 -2.72 -6.88
CA ASP A 51 0.31 -2.24 -6.12
C ASP A 51 0.43 -2.99 -4.80
N VAL A 52 1.66 -3.09 -4.29
CA VAL A 52 1.91 -3.78 -3.04
C VAL A 52 1.94 -2.80 -1.87
N ILE A 53 1.41 -3.24 -0.73
CA ILE A 53 1.37 -2.40 0.47
C ILE A 53 2.45 -2.82 1.47
N LEU A 54 3.53 -2.06 1.52
CA LEU A 54 4.63 -2.36 2.44
C LEU A 54 4.28 -1.92 3.86
N ALA A 55 3.74 -0.72 3.99
CA ALA A 55 3.35 -0.19 5.29
C ALA A 55 2.10 0.67 5.19
N ILE A 56 1.23 0.57 6.19
CA ILE A 56 -0.01 1.33 6.22
C ILE A 56 0.07 2.48 7.22
N ASP A 57 -0.45 3.63 6.82
CA ASP A 57 -0.45 4.81 7.68
C ASP A 57 0.82 4.84 8.54
N GLY A 58 1.95 4.54 7.93
CA GLY A 58 3.21 4.54 8.65
C GLY A 58 3.34 3.37 9.60
N PHE A 59 2.94 2.18 9.12
CA PHE A 59 3.01 0.98 9.94
C PHE A 59 3.15 -0.26 9.07
N GLY A 60 4.35 -0.83 9.03
CA GLY A 60 4.60 -2.01 8.23
C GLY A 60 3.60 -3.11 8.49
N THR A 61 3.27 -3.87 7.45
CA THR A 61 2.31 -4.97 7.58
C THR A 61 3.02 -6.29 7.89
N GLU A 62 4.03 -6.22 8.75
CA GLU A 62 4.78 -7.40 9.12
C GLU A 62 3.92 -8.36 9.95
N SER A 63 3.00 -7.80 10.72
CA SER A 63 2.12 -8.59 11.57
C SER A 63 0.68 -8.10 11.46
N MET A 64 0.33 -7.55 10.30
CA MET A 64 -1.01 -7.03 10.07
C MET A 64 -1.75 -7.88 9.04
N THR A 65 -2.64 -8.75 9.51
CA THR A 65 -3.40 -9.62 8.64
C THR A 65 -4.43 -8.83 7.84
N HIS A 66 -5.00 -9.47 6.82
CA HIS A 66 -6.00 -8.82 5.98
C HIS A 66 -7.02 -8.07 6.83
N ALA A 67 -7.65 -8.78 7.74
CA ALA A 67 -8.65 -8.17 8.63
C ALA A 67 -8.08 -6.94 9.34
N ASP A 68 -6.86 -7.08 9.86
CA ASP A 68 -6.22 -5.98 10.56
C ASP A 68 -6.11 -4.75 9.67
N ALA A 69 -5.77 -4.96 8.40
CA ALA A 69 -5.64 -3.87 7.45
C ALA A 69 -6.95 -3.13 7.29
N GLN A 70 -8.02 -3.87 7.06
CA GLN A 70 -9.34 -3.27 6.87
C GLN A 70 -9.71 -2.40 8.08
N ASP A 71 -9.29 -2.82 9.25
CA ASP A 71 -9.57 -2.08 10.48
C ASP A 71 -8.59 -0.92 10.65
N ARG A 72 -7.53 -0.92 9.85
CA ARG A 72 -6.52 0.12 9.91
C ARG A 72 -6.79 1.20 8.87
N ILE A 73 -7.34 0.79 7.73
CA ILE A 73 -7.66 1.73 6.66
C ILE A 73 -8.89 2.56 6.98
N LYS A 74 -9.92 1.90 7.51
CA LYS A 74 -11.15 2.57 7.88
C LYS A 74 -10.93 3.51 9.06
N ALA A 75 -10.03 3.13 9.96
CA ALA A 75 -9.73 3.96 11.13
C ALA A 75 -8.52 4.84 10.87
N ALA A 76 -8.17 5.01 9.61
CA ALA A 76 -7.02 5.84 9.23
C ALA A 76 -7.14 7.23 9.83
N SER A 77 -6.19 8.10 9.49
CA SER A 77 -6.17 9.47 9.99
C SER A 77 -6.40 10.46 8.87
N TYR A 78 -6.44 11.74 9.21
CA TYR A 78 -6.66 12.80 8.23
C TYR A 78 -5.93 12.48 6.93
N GLN A 79 -4.76 11.86 7.05
CA GLN A 79 -3.97 11.50 5.88
C GLN A 79 -3.51 10.05 5.95
N LEU A 80 -3.83 9.27 4.92
CA LEU A 80 -3.46 7.87 4.88
C LEU A 80 -2.13 7.68 4.14
N CYS A 81 -1.12 7.21 4.85
CA CYS A 81 0.20 6.99 4.26
C CYS A 81 0.39 5.51 3.92
N LEU A 82 0.46 5.21 2.63
CA LEU A 82 0.65 3.85 2.17
C LEU A 82 1.88 3.73 1.27
N LYS A 83 2.86 2.97 1.72
CA LYS A 83 4.09 2.78 0.97
C LYS A 83 3.95 1.61 -0.01
N ILE A 84 4.44 1.81 -1.23
CA ILE A 84 4.38 0.77 -2.26
C ILE A 84 5.76 0.45 -2.80
N ASP A 85 5.94 -0.80 -3.22
CA ASP A 85 7.22 -1.24 -3.76
C ASP A 85 7.29 -0.98 -5.27
N ARG A 86 6.39 -0.14 -5.76
CA ARG A 86 6.34 0.19 -7.18
C ARG A 86 6.69 -1.03 -8.03
N ALA A 87 6.04 -2.15 -7.75
CA ALA A 87 6.28 -3.39 -8.48
C ALA A 87 5.11 -3.71 -9.40
N GLU A 88 5.29 -3.45 -10.70
CA GLU A 88 4.24 -3.72 -11.67
C GLU A 88 4.32 -5.16 -12.18
N THR A 89 5.54 -5.62 -12.45
CA THR A 89 5.75 -6.98 -12.93
C THR A 89 5.98 -7.95 -11.78
N ARG A 90 6.36 -7.40 -10.63
CA ARG A 90 6.62 -8.23 -9.45
C ARG A 90 7.14 -9.61 -9.84
N LEU A 91 8.15 -9.62 -10.70
CA LEU A 91 8.74 -10.88 -11.16
C LEU A 91 9.71 -11.43 -10.13
N TRP A 92 10.43 -10.53 -9.46
CA TRP A 92 11.40 -10.93 -8.45
C TRP A 92 10.78 -10.88 -7.05
N SER A 93 9.46 -10.89 -7.00
CA SER A 93 8.74 -10.84 -5.73
C SER A 93 9.52 -10.04 -4.70
N PRO A 94 9.87 -8.79 -5.07
CA PRO A 94 10.63 -7.89 -4.19
C PRO A 94 9.80 -7.41 -3.01
N GLN A 95 8.60 -6.89 -3.30
CA GLN A 95 7.71 -6.39 -2.26
C GLN A 95 8.51 -5.79 -1.10
N VAL A 96 9.64 -5.17 -1.43
CA VAL A 96 10.49 -4.55 -0.42
C VAL A 96 11.08 -3.24 -0.92
N SER A 97 11.09 -2.23 -0.06
CA SER A 97 11.62 -0.92 -0.42
C SER A 97 11.71 -0.01 0.81
N SER A 98 12.93 0.37 1.16
CA SER A 98 13.16 1.24 2.32
C SER A 98 12.90 2.70 1.96
N GLY A 99 11.63 3.09 2.01
CA GLY A 99 11.27 4.47 1.69
C GLY A 99 11.88 5.47 2.65
N PRO A 100 12.22 6.65 2.15
CA PRO A 100 12.81 7.72 2.96
C PRO A 100 11.82 8.33 3.94
N SER A 101 11.91 7.91 5.20
CA SER A 101 11.01 8.40 6.24
C SER A 101 9.62 8.64 5.68
N SER A 102 9.12 7.67 4.90
CA SER A 102 7.80 7.78 4.30
C SER A 102 6.81 8.44 5.27
N GLY A 103 6.80 7.97 6.51
CA GLY A 103 5.91 8.52 7.51
C GLY A 103 5.00 7.48 8.11
N GLY A 1 16.12 10.02 4.85
CA GLY A 1 15.80 9.33 3.62
C GLY A 1 15.78 7.82 3.79
N SER A 2 15.52 7.11 2.70
CA SER A 2 15.47 5.65 2.72
C SER A 2 16.14 5.06 1.49
N SER A 3 16.88 3.97 1.70
CA SER A 3 17.58 3.31 0.61
C SER A 3 16.71 2.22 -0.02
N GLY A 4 16.39 2.40 -1.30
CA GLY A 4 15.56 1.43 -2.00
C GLY A 4 14.45 2.08 -2.80
N SER A 5 13.54 1.26 -3.32
CA SER A 5 12.43 1.77 -4.12
C SER A 5 11.16 1.90 -3.28
N SER A 6 11.12 2.92 -2.43
CA SER A 6 9.97 3.15 -1.56
C SER A 6 8.96 4.07 -2.24
N GLY A 7 7.72 3.60 -2.36
CA GLY A 7 6.69 4.39 -2.99
C GLY A 7 5.72 4.97 -1.98
N ASN A 8 5.87 6.26 -1.67
CA ASN A 8 5.00 6.93 -0.72
C ASN A 8 3.64 7.23 -1.34
N VAL A 9 2.59 7.08 -0.55
CA VAL A 9 1.24 7.34 -1.01
C VAL A 9 0.37 7.91 0.10
N VAL A 10 0.05 9.20 0.00
CA VAL A 10 -0.78 9.87 1.00
C VAL A 10 -2.09 10.34 0.39
N LEU A 11 -3.15 9.59 0.65
CA LEU A 11 -4.47 9.94 0.13
C LEU A 11 -5.22 10.84 1.11
N PRO A 12 -5.91 11.86 0.57
CA PRO A 12 -6.68 12.81 1.37
C PRO A 12 -7.92 12.18 1.98
N GLY A 13 -7.97 12.14 3.32
CA GLY A 13 -9.11 11.56 4.00
C GLY A 13 -9.96 12.61 4.69
N PRO A 14 -10.73 12.18 5.70
CA PRO A 14 -10.74 10.78 6.15
C PRO A 14 -11.40 9.85 5.14
N ALA A 15 -11.64 8.61 5.55
CA ALA A 15 -12.27 7.63 4.68
C ALA A 15 -13.68 8.07 4.28
N PRO A 16 -14.19 7.47 3.19
CA PRO A 16 -13.47 6.46 2.42
C PRO A 16 -12.29 7.03 1.66
N TRP A 17 -11.53 6.16 1.02
CA TRP A 17 -10.36 6.58 0.25
C TRP A 17 -10.63 6.47 -1.24
N GLY A 18 -11.16 5.32 -1.66
CA GLY A 18 -11.44 5.10 -3.07
C GLY A 18 -10.72 3.89 -3.63
N PHE A 19 -9.79 3.35 -2.85
CA PHE A 19 -9.03 2.18 -3.28
C PHE A 19 -9.47 0.93 -2.52
N ARG A 20 -9.04 -0.23 -3.00
CA ARG A 20 -9.40 -1.50 -2.38
C ARG A 20 -8.15 -2.27 -1.96
N LEU A 21 -8.35 -3.40 -1.29
CA LEU A 21 -7.24 -4.22 -0.83
C LEU A 21 -7.47 -5.69 -1.17
N SER A 22 -6.40 -6.43 -1.37
CA SER A 22 -6.48 -7.84 -1.71
C SER A 22 -5.28 -8.61 -1.17
N GLY A 23 -5.53 -9.78 -0.61
CA GLY A 23 -4.45 -10.59 -0.07
C GLY A 23 -4.26 -10.38 1.42
N GLY A 24 -3.12 -10.84 1.94
CA GLY A 24 -2.84 -10.68 3.35
C GLY A 24 -1.82 -11.68 3.85
N ILE A 25 -1.00 -11.27 4.81
CA ILE A 25 0.03 -12.13 5.37
C ILE A 25 -0.56 -13.45 5.86
N ASP A 26 -1.83 -13.41 6.26
CA ASP A 26 -2.52 -14.59 6.73
C ASP A 26 -2.84 -15.54 5.59
N PHE A 27 -3.22 -14.97 4.44
CA PHE A 27 -3.56 -15.77 3.27
C PHE A 27 -2.31 -16.07 2.44
N ASN A 28 -1.14 -15.91 3.06
CA ASN A 28 0.12 -16.16 2.38
C ASN A 28 0.19 -15.38 1.07
N GLN A 29 -0.28 -14.13 1.10
CA GLN A 29 -0.26 -13.28 -0.08
C GLN A 29 -0.10 -11.81 0.31
N PRO A 30 0.65 -11.06 -0.51
CA PRO A 30 0.89 -9.63 -0.27
C PRO A 30 -0.36 -8.78 -0.48
N LEU A 31 -0.55 -7.79 0.39
CA LEU A 31 -1.70 -6.91 0.30
C LEU A 31 -1.57 -5.96 -0.88
N VAL A 32 -2.32 -6.23 -1.95
CA VAL A 32 -2.29 -5.39 -3.14
C VAL A 32 -3.66 -4.81 -3.44
N ILE A 33 -3.69 -3.62 -4.04
CA ILE A 33 -4.94 -2.97 -4.38
C ILE A 33 -5.74 -3.81 -5.39
N THR A 34 -7.04 -3.95 -5.11
CA THR A 34 -7.91 -4.72 -5.99
C THR A 34 -8.44 -3.86 -7.14
N ARG A 35 -9.07 -2.75 -6.79
CA ARG A 35 -9.61 -1.84 -7.79
C ARG A 35 -9.39 -0.39 -7.39
N ILE A 36 -9.36 0.50 -8.37
CA ILE A 36 -9.15 1.92 -8.13
C ILE A 36 -10.26 2.75 -8.74
N THR A 37 -10.87 3.62 -7.93
CA THR A 37 -11.95 4.48 -8.40
C THR A 37 -11.47 5.41 -9.50
N PRO A 38 -12.02 5.24 -10.71
CA PRO A 38 -11.67 6.06 -11.87
C PRO A 38 -12.17 7.49 -11.75
N GLY A 39 -11.26 8.41 -11.48
CA GLY A 39 -11.63 9.82 -11.34
C GLY A 39 -12.03 10.17 -9.92
N SER A 40 -11.08 10.05 -8.99
CA SER A 40 -11.35 10.35 -7.59
C SER A 40 -10.05 10.40 -6.79
N LYS A 41 -10.17 10.64 -5.49
CA LYS A 41 -9.01 10.71 -4.62
C LYS A 41 -8.14 9.47 -4.74
N ALA A 42 -8.77 8.37 -5.19
CA ALA A 42 -8.05 7.11 -5.35
C ALA A 42 -7.16 7.14 -6.60
N ALA A 43 -7.78 7.08 -7.77
CA ALA A 43 -7.05 7.10 -9.02
C ALA A 43 -6.21 8.37 -9.15
N ALA A 44 -6.79 9.50 -8.76
CA ALA A 44 -6.09 10.78 -8.82
C ALA A 44 -4.80 10.74 -8.01
N ALA A 45 -4.76 9.87 -7.01
CA ALA A 45 -3.58 9.73 -6.16
C ALA A 45 -2.60 8.74 -6.76
N ASN A 46 -2.70 8.50 -8.06
CA ASN A 46 -1.81 7.58 -8.75
C ASN A 46 -1.97 6.16 -8.21
N LEU A 47 -3.20 5.81 -7.84
CA LEU A 47 -3.50 4.49 -7.31
C LEU A 47 -3.82 3.51 -8.44
N CYS A 48 -3.32 2.29 -8.31
CA CYS A 48 -3.55 1.26 -9.32
C CYS A 48 -3.61 -0.12 -8.67
N PRO A 49 -4.49 -0.98 -9.21
CA PRO A 49 -4.68 -2.35 -8.70
C PRO A 49 -3.47 -3.24 -9.00
N GLY A 50 -2.57 -3.35 -8.04
CA GLY A 50 -1.40 -4.18 -8.21
C GLY A 50 -0.27 -3.82 -7.26
N ASP A 51 -0.27 -2.56 -6.83
CA ASP A 51 0.76 -2.08 -5.90
C ASP A 51 0.77 -2.91 -4.62
N VAL A 52 1.96 -3.27 -4.17
CA VAL A 52 2.10 -4.06 -2.95
C VAL A 52 2.25 -3.16 -1.73
N ILE A 53 1.44 -3.43 -0.71
CA ILE A 53 1.46 -2.64 0.52
C ILE A 53 2.57 -3.14 1.45
N LEU A 54 3.47 -2.23 1.82
CA LEU A 54 4.57 -2.57 2.72
C LEU A 54 4.27 -2.14 4.15
N ALA A 55 3.91 -0.86 4.31
CA ALA A 55 3.59 -0.33 5.62
C ALA A 55 2.37 0.58 5.56
N ILE A 56 1.50 0.45 6.55
CA ILE A 56 0.28 1.25 6.62
C ILE A 56 0.41 2.36 7.66
N ASP A 57 0.16 3.60 7.23
CA ASP A 57 0.25 4.75 8.12
C ASP A 57 1.54 4.71 8.94
N GLY A 58 2.63 4.29 8.31
CA GLY A 58 3.90 4.21 8.99
C GLY A 58 4.00 2.99 9.89
N PHE A 59 3.43 1.88 9.44
CA PHE A 59 3.46 0.64 10.21
C PHE A 59 3.52 -0.58 9.28
N GLY A 60 4.71 -1.18 9.21
CA GLY A 60 4.89 -2.34 8.35
C GLY A 60 3.81 -3.40 8.57
N THR A 61 3.48 -4.13 7.51
CA THR A 61 2.47 -5.17 7.59
C THR A 61 3.10 -6.55 7.72
N GLU A 62 4.18 -6.63 8.49
CA GLU A 62 4.87 -7.89 8.71
C GLU A 62 4.03 -8.85 9.55
N SER A 63 3.23 -8.27 10.45
CA SER A 63 2.37 -9.07 11.32
C SER A 63 0.95 -8.54 11.31
N MET A 64 0.56 -7.91 10.21
CA MET A 64 -0.78 -7.36 10.08
C MET A 64 -1.56 -8.09 8.98
N THR A 65 -2.47 -8.97 9.39
CA THR A 65 -3.28 -9.73 8.45
C THR A 65 -4.31 -8.84 7.76
N HIS A 66 -4.94 -9.37 6.72
CA HIS A 66 -5.96 -8.62 5.99
C HIS A 66 -6.89 -7.88 6.93
N ALA A 67 -7.49 -8.61 7.87
CA ALA A 67 -8.40 -8.02 8.84
C ALA A 67 -7.75 -6.85 9.56
N ASP A 68 -6.50 -7.02 9.95
CA ASP A 68 -5.76 -5.98 10.65
C ASP A 68 -5.64 -4.72 9.78
N ALA A 69 -5.34 -4.92 8.51
CA ALA A 69 -5.20 -3.81 7.57
C ALA A 69 -6.49 -3.00 7.48
N GLN A 70 -7.62 -3.71 7.43
CA GLN A 70 -8.92 -3.05 7.33
C GLN A 70 -9.16 -2.16 8.54
N ASP A 71 -8.80 -2.66 9.73
CA ASP A 71 -8.98 -1.90 10.96
C ASP A 71 -8.05 -0.69 11.00
N ARG A 72 -7.08 -0.67 10.08
CA ARG A 72 -6.13 0.43 10.02
C ARG A 72 -6.57 1.48 9.00
N ILE A 73 -7.22 1.02 7.93
CA ILE A 73 -7.69 1.91 6.89
C ILE A 73 -8.92 2.69 7.33
N LYS A 74 -9.80 2.02 8.07
CA LYS A 74 -11.02 2.65 8.57
C LYS A 74 -10.71 3.57 9.74
N ALA A 75 -9.72 3.19 10.55
CA ALA A 75 -9.33 3.99 11.70
C ALA A 75 -8.11 4.84 11.39
N ALA A 76 -7.82 5.02 10.11
CA ALA A 76 -6.67 5.81 9.67
C ALA A 76 -6.79 7.25 10.17
N SER A 77 -5.85 8.09 9.74
CA SER A 77 -5.83 9.49 10.16
C SER A 77 -6.36 10.39 9.03
N TYR A 78 -6.35 11.69 9.27
CA TYR A 78 -6.83 12.66 8.28
C TYR A 78 -6.39 12.26 6.88
N GLN A 79 -5.30 11.50 6.80
CA GLN A 79 -4.77 11.05 5.52
C GLN A 79 -4.26 9.61 5.61
N LEU A 80 -4.32 8.90 4.49
CA LEU A 80 -3.88 7.51 4.44
C LEU A 80 -2.49 7.41 3.81
N CYS A 81 -1.49 7.11 4.65
CA CYS A 81 -0.12 6.99 4.18
C CYS A 81 0.27 5.52 3.99
N LEU A 82 0.26 5.06 2.74
CA LEU A 82 0.60 3.68 2.44
C LEU A 82 1.91 3.61 1.63
N LYS A 83 2.89 2.89 2.17
CA LYS A 83 4.17 2.74 1.50
C LYS A 83 4.18 1.51 0.61
N ILE A 84 4.11 1.72 -0.70
CA ILE A 84 4.10 0.62 -1.65
C ILE A 84 5.47 0.46 -2.31
N ASP A 85 5.71 -0.70 -2.91
CA ASP A 85 6.98 -0.98 -3.56
C ASP A 85 6.91 -0.63 -5.04
N ARG A 86 5.70 -0.39 -5.53
CA ARG A 86 5.50 -0.04 -6.94
C ARG A 86 6.48 -0.79 -7.83
N ALA A 87 6.76 -2.03 -7.48
CA ALA A 87 7.68 -2.86 -8.25
C ALA A 87 6.98 -3.52 -9.43
N GLU A 88 7.25 -3.03 -10.63
CA GLU A 88 6.64 -3.58 -11.84
C GLU A 88 6.68 -5.10 -11.83
N THR A 89 7.87 -5.65 -11.60
CA THR A 89 8.05 -7.10 -11.56
C THR A 89 7.77 -7.65 -10.17
N ARG A 90 6.79 -7.07 -9.49
CA ARG A 90 6.43 -7.50 -8.15
C ARG A 90 5.97 -8.96 -8.15
N LEU A 91 6.92 -9.88 -8.26
CA LEU A 91 6.61 -11.30 -8.28
C LEU A 91 6.74 -11.90 -6.89
N TRP A 92 6.35 -13.17 -6.76
CA TRP A 92 6.42 -13.86 -5.48
C TRP A 92 7.64 -13.40 -4.68
N SER A 93 7.42 -12.41 -3.81
CA SER A 93 8.49 -11.87 -2.98
C SER A 93 7.94 -11.29 -1.69
N PRO A 94 8.78 -11.28 -0.64
CA PRO A 94 8.40 -10.76 0.67
C PRO A 94 8.22 -9.24 0.67
N GLN A 95 8.08 -8.67 1.85
CA GLN A 95 7.91 -7.22 1.99
C GLN A 95 9.21 -6.49 1.71
N VAL A 96 9.73 -6.63 0.50
CA VAL A 96 10.97 -5.98 0.11
C VAL A 96 10.76 -5.07 -1.09
N SER A 97 11.42 -3.90 -1.07
CA SER A 97 11.29 -2.94 -2.16
C SER A 97 12.66 -2.64 -2.76
N SER A 98 13.46 -3.67 -2.95
CA SER A 98 14.80 -3.52 -3.52
C SER A 98 14.87 -4.13 -4.92
N GLY A 99 15.62 -3.48 -5.80
CA GLY A 99 15.75 -3.96 -7.16
C GLY A 99 17.20 -4.04 -7.60
N PRO A 100 17.42 -4.12 -8.93
CA PRO A 100 18.76 -4.20 -9.51
C PRO A 100 19.53 -2.90 -9.36
N SER A 101 20.23 -2.75 -8.25
CA SER A 101 21.01 -1.53 -7.99
C SER A 101 22.44 -1.89 -7.58
N SER A 102 23.34 -1.94 -8.56
CA SER A 102 24.74 -2.26 -8.29
C SER A 102 25.43 -1.14 -7.54
N GLY A 103 25.34 -1.19 -6.20
CA GLY A 103 25.96 -0.17 -5.38
C GLY A 103 26.95 -0.75 -4.38
N GLY A 1 14.14 12.54 -0.74
CA GLY A 1 15.25 12.73 -1.64
C GLY A 1 16.44 11.85 -1.30
N SER A 2 16.42 10.61 -1.79
CA SER A 2 17.49 9.67 -1.53
C SER A 2 17.48 8.53 -2.54
N SER A 3 18.62 7.89 -2.72
CA SER A 3 18.74 6.78 -3.67
C SER A 3 17.98 5.55 -3.17
N GLY A 4 16.74 5.41 -3.64
CA GLY A 4 15.92 4.29 -3.24
C GLY A 4 14.65 4.17 -4.06
N SER A 5 13.90 3.10 -3.83
CA SER A 5 12.66 2.87 -4.57
C SER A 5 11.45 3.00 -3.64
N SER A 6 11.53 3.93 -2.70
CA SER A 6 10.45 4.16 -1.74
C SER A 6 9.32 4.95 -2.38
N GLY A 7 8.23 4.26 -2.73
CA GLY A 7 7.10 4.92 -3.34
C GLY A 7 6.06 5.38 -2.32
N ASN A 8 6.24 6.59 -1.81
CA ASN A 8 5.31 7.13 -0.83
C ASN A 8 3.97 7.48 -1.47
N VAL A 9 2.89 7.30 -0.71
CA VAL A 9 1.55 7.60 -1.21
C VAL A 9 0.65 8.09 -0.07
N VAL A 10 0.28 9.37 -0.15
CA VAL A 10 -0.59 9.97 0.86
C VAL A 10 -1.92 10.40 0.26
N LEU A 11 -3.00 9.73 0.68
CA LEU A 11 -4.33 10.05 0.19
C LEU A 11 -5.08 10.96 1.15
N PRO A 12 -5.83 11.92 0.61
CA PRO A 12 -6.61 12.87 1.42
C PRO A 12 -7.80 12.21 2.11
N GLY A 13 -7.86 12.33 3.43
CA GLY A 13 -8.94 11.73 4.18
C GLY A 13 -9.82 12.77 4.85
N PRO A 14 -10.60 12.34 5.86
CA PRO A 14 -10.62 10.94 6.30
C PRO A 14 -11.26 10.01 5.27
N ALA A 15 -11.49 8.77 5.68
CA ALA A 15 -12.11 7.78 4.79
C ALA A 15 -13.53 8.17 4.43
N PRO A 16 -14.10 7.51 3.42
CA PRO A 16 -13.40 6.46 2.68
C PRO A 16 -12.26 7.00 1.82
N TRP A 17 -11.44 6.11 1.29
CA TRP A 17 -10.31 6.50 0.46
C TRP A 17 -10.66 6.34 -1.02
N GLY A 18 -11.05 5.13 -1.41
CA GLY A 18 -11.39 4.87 -2.80
C GLY A 18 -10.70 3.65 -3.34
N PHE A 19 -9.70 3.15 -2.61
CA PHE A 19 -8.95 1.98 -3.04
C PHE A 19 -9.37 0.75 -2.26
N ARG A 20 -9.02 -0.42 -2.77
CA ARG A 20 -9.36 -1.69 -2.11
C ARG A 20 -8.09 -2.42 -1.66
N LEU A 21 -8.29 -3.54 -0.96
CA LEU A 21 -7.17 -4.33 -0.48
C LEU A 21 -7.34 -5.81 -0.85
N SER A 22 -6.23 -6.52 -0.97
CA SER A 22 -6.26 -7.94 -1.32
C SER A 22 -5.16 -8.70 -0.60
N GLY A 23 -5.27 -10.03 -0.60
CA GLY A 23 -4.27 -10.85 0.06
C GLY A 23 -4.12 -10.52 1.53
N GLY A 24 -2.95 -10.82 2.08
CA GLY A 24 -2.70 -10.55 3.49
C GLY A 24 -1.66 -11.48 4.08
N ILE A 25 -0.97 -11.01 5.13
CA ILE A 25 0.05 -11.80 5.79
C ILE A 25 -0.54 -13.08 6.39
N ASP A 26 -1.87 -13.11 6.51
CA ASP A 26 -2.56 -14.26 7.06
C ASP A 26 -2.90 -15.26 5.97
N PHE A 27 -3.17 -14.75 4.77
CA PHE A 27 -3.52 -15.60 3.64
C PHE A 27 -2.28 -16.02 2.87
N ASN A 28 -1.11 -15.76 3.45
CA ASN A 28 0.16 -16.11 2.82
C ASN A 28 0.27 -15.47 1.44
N GLN A 29 -0.18 -14.23 1.34
CA GLN A 29 -0.13 -13.50 0.07
C GLN A 29 0.17 -12.02 0.31
N PRO A 30 0.77 -11.36 -0.69
CA PRO A 30 1.12 -9.95 -0.62
C PRO A 30 -0.12 -9.05 -0.64
N LEU A 31 -0.09 -7.99 0.17
CA LEU A 31 -1.21 -7.06 0.24
C LEU A 31 -1.25 -6.17 -1.01
N VAL A 32 -2.21 -6.42 -1.88
CA VAL A 32 -2.37 -5.64 -3.11
C VAL A 32 -3.80 -5.16 -3.27
N ILE A 33 -3.95 -3.99 -3.88
CA ILE A 33 -5.28 -3.42 -4.11
C ILE A 33 -6.10 -4.29 -5.06
N THR A 34 -7.39 -4.43 -4.76
CA THR A 34 -8.28 -5.23 -5.59
C THR A 34 -9.02 -4.36 -6.59
N ARG A 35 -9.09 -3.07 -6.32
CA ARG A 35 -9.77 -2.12 -7.20
C ARG A 35 -9.46 -0.69 -6.80
N ILE A 36 -9.69 0.24 -7.72
CA ILE A 36 -9.44 1.66 -7.47
C ILE A 36 -10.57 2.53 -8.02
N THR A 37 -11.05 3.46 -7.20
CA THR A 37 -12.12 4.34 -7.62
C THR A 37 -11.73 5.17 -8.83
N PRO A 38 -12.47 5.00 -9.93
CA PRO A 38 -12.21 5.72 -11.18
C PRO A 38 -12.54 7.20 -11.08
N GLY A 39 -11.52 8.03 -11.11
CA GLY A 39 -11.72 9.47 -11.01
C GLY A 39 -12.07 9.92 -9.61
N SER A 40 -11.12 9.75 -8.69
CA SER A 40 -11.33 10.13 -7.29
C SER A 40 -10.00 10.30 -6.58
N LYS A 41 -10.07 10.55 -5.27
CA LYS A 41 -8.88 10.74 -4.45
C LYS A 41 -7.97 9.51 -4.54
N ALA A 42 -8.58 8.35 -4.78
CA ALA A 42 -7.82 7.11 -4.90
C ALA A 42 -6.96 7.09 -6.15
N ALA A 43 -7.61 6.92 -7.31
CA ALA A 43 -6.91 6.89 -8.58
C ALA A 43 -6.14 8.18 -8.82
N ALA A 44 -6.78 9.32 -8.53
CA ALA A 44 -6.16 10.62 -8.71
C ALA A 44 -4.81 10.68 -7.98
N ALA A 45 -4.58 9.74 -7.08
CA ALA A 45 -3.34 9.69 -6.32
C ALA A 45 -2.39 8.64 -6.88
N ASN A 46 -2.54 8.35 -8.18
CA ASN A 46 -1.70 7.37 -8.84
C ASN A 46 -1.91 5.97 -8.25
N LEU A 47 -3.15 5.70 -7.84
CA LEU A 47 -3.48 4.41 -7.26
C LEU A 47 -4.03 3.46 -8.32
N CYS A 48 -3.67 2.19 -8.21
CA CYS A 48 -4.13 1.18 -9.16
C CYS A 48 -4.11 -0.21 -8.53
N PRO A 49 -5.03 -1.08 -8.99
CA PRO A 49 -5.14 -2.46 -8.48
C PRO A 49 -3.95 -3.33 -8.90
N GLY A 50 -2.98 -3.44 -8.01
CA GLY A 50 -1.81 -4.24 -8.30
C GLY A 50 -0.60 -3.84 -7.46
N ASP A 51 -0.66 -2.65 -6.88
CA ASP A 51 0.43 -2.14 -6.05
C ASP A 51 0.52 -2.92 -4.74
N VAL A 52 1.73 -3.07 -4.22
CA VAL A 52 1.95 -3.78 -2.98
C VAL A 52 2.05 -2.83 -1.79
N ILE A 53 1.21 -3.04 -0.78
CA ILE A 53 1.20 -2.20 0.40
C ILE A 53 2.26 -2.64 1.40
N LEU A 54 3.39 -1.94 1.41
CA LEU A 54 4.48 -2.25 2.31
C LEU A 54 4.16 -1.81 3.74
N ALA A 55 3.66 -0.58 3.87
CA ALA A 55 3.31 -0.04 5.17
C ALA A 55 1.98 0.71 5.11
N ILE A 56 1.24 0.68 6.22
CA ILE A 56 -0.05 1.36 6.29
C ILE A 56 -0.01 2.52 7.28
N ASP A 57 -0.27 3.72 6.80
CA ASP A 57 -0.27 4.91 7.64
C ASP A 57 1.04 5.01 8.43
N GLY A 58 2.15 4.68 7.77
CA GLY A 58 3.45 4.74 8.43
C GLY A 58 3.66 3.58 9.38
N PHE A 59 3.14 2.41 9.02
CA PHE A 59 3.28 1.23 9.86
C PHE A 59 3.37 -0.03 9.00
N GLY A 60 4.58 -0.59 8.89
CA GLY A 60 4.77 -1.79 8.09
C GLY A 60 3.75 -2.87 8.42
N THR A 61 3.36 -3.63 7.41
CA THR A 61 2.38 -4.70 7.59
C THR A 61 3.08 -6.02 7.88
N GLU A 62 4.11 -5.98 8.71
CA GLU A 62 4.85 -7.18 9.07
C GLU A 62 3.99 -8.14 9.88
N SER A 63 3.08 -7.58 10.68
CA SER A 63 2.20 -8.39 11.51
C SER A 63 0.76 -7.89 11.40
N MET A 64 0.43 -7.32 10.25
CA MET A 64 -0.93 -6.81 10.01
C MET A 64 -1.65 -7.66 8.98
N THR A 65 -2.50 -8.56 9.46
CA THR A 65 -3.26 -9.45 8.58
C THR A 65 -4.40 -8.69 7.90
N HIS A 66 -4.79 -9.16 6.72
CA HIS A 66 -5.87 -8.53 5.96
C HIS A 66 -6.92 -7.95 6.90
N ALA A 67 -7.45 -8.79 7.78
CA ALA A 67 -8.46 -8.36 8.74
C ALA A 67 -8.02 -7.10 9.48
N ASP A 68 -6.76 -7.07 9.89
CA ASP A 68 -6.20 -5.93 10.61
C ASP A 68 -6.28 -4.66 9.75
N ALA A 69 -5.78 -4.76 8.52
CA ALA A 69 -5.79 -3.63 7.60
C ALA A 69 -7.17 -2.97 7.55
N GLN A 70 -8.21 -3.79 7.64
CA GLN A 70 -9.58 -3.29 7.61
C GLN A 70 -9.85 -2.35 8.79
N ASP A 71 -9.25 -2.66 9.93
CA ASP A 71 -9.42 -1.85 11.13
C ASP A 71 -8.39 -0.73 11.17
N ARG A 72 -7.39 -0.81 10.31
CA ARG A 72 -6.33 0.18 10.26
C ARG A 72 -6.65 1.25 9.20
N ILE A 73 -7.32 0.84 8.14
CA ILE A 73 -7.69 1.77 7.07
C ILE A 73 -8.89 2.61 7.46
N LYS A 74 -9.87 1.99 8.11
CA LYS A 74 -11.07 2.68 8.54
C LYS A 74 -10.78 3.60 9.72
N ALA A 75 -9.91 3.14 10.61
CA ALA A 75 -9.54 3.92 11.78
C ALA A 75 -8.34 4.81 11.49
N ALA A 76 -7.86 4.76 10.26
CA ALA A 76 -6.71 5.57 9.85
C ALA A 76 -6.89 7.03 10.27
N SER A 77 -5.88 7.84 9.98
CA SER A 77 -5.92 9.26 10.33
C SER A 77 -6.43 10.09 9.16
N TYR A 78 -6.63 11.38 9.41
CA TYR A 78 -7.11 12.29 8.37
C TYR A 78 -6.43 12.00 7.03
N GLN A 79 -5.21 11.46 7.10
CA GLN A 79 -4.47 11.13 5.89
C GLN A 79 -3.87 9.73 5.99
N LEU A 80 -4.03 8.95 4.93
CA LEU A 80 -3.51 7.59 4.88
C LEU A 80 -2.20 7.53 4.10
N CYS A 81 -1.14 7.11 4.78
CA CYS A 81 0.18 7.00 4.15
C CYS A 81 0.54 5.55 3.88
N LEU A 82 0.42 5.14 2.63
CA LEU A 82 0.73 3.76 2.23
C LEU A 82 1.99 3.72 1.37
N LYS A 83 2.98 2.96 1.83
CA LYS A 83 4.24 2.83 1.10
C LYS A 83 4.17 1.68 0.09
N ILE A 84 4.39 2.00 -1.18
CA ILE A 84 4.35 1.00 -2.24
C ILE A 84 5.75 0.62 -2.69
N ASP A 85 5.92 -0.64 -3.08
CA ASP A 85 7.21 -1.13 -3.54
C ASP A 85 7.54 -0.59 -4.92
N ARG A 86 6.53 -0.46 -5.76
CA ARG A 86 6.71 0.04 -7.12
C ARG A 86 7.38 -1.00 -8.00
N ALA A 87 6.98 -2.26 -7.84
CA ALA A 87 7.54 -3.36 -8.62
C ALA A 87 6.82 -3.50 -9.96
N GLU A 88 7.54 -3.22 -11.04
CA GLU A 88 6.96 -3.33 -12.38
C GLU A 88 6.28 -4.68 -12.59
N THR A 89 7.02 -5.76 -12.32
CA THR A 89 6.49 -7.10 -12.47
C THR A 89 6.60 -7.89 -11.17
N ARG A 90 6.74 -7.17 -10.06
CA ARG A 90 6.85 -7.79 -8.75
C ARG A 90 7.74 -9.04 -8.82
N LEU A 91 8.93 -8.87 -9.41
CA LEU A 91 9.88 -9.98 -9.54
C LEU A 91 10.02 -10.73 -8.22
N TRP A 92 10.35 -12.01 -8.32
CA TRP A 92 10.51 -12.86 -7.13
C TRP A 92 11.88 -12.63 -6.49
N SER A 93 11.98 -11.62 -5.64
CA SER A 93 13.24 -11.30 -4.97
C SER A 93 12.98 -10.82 -3.55
N PRO A 94 13.93 -11.10 -2.64
CA PRO A 94 13.84 -10.70 -1.25
C PRO A 94 13.96 -9.20 -1.06
N GLN A 95 14.46 -8.51 -2.08
CA GLN A 95 14.63 -7.07 -2.03
C GLN A 95 13.32 -6.37 -1.74
N VAL A 96 13.09 -6.01 -0.49
CA VAL A 96 11.86 -5.33 -0.08
C VAL A 96 11.99 -3.82 -0.25
N SER A 97 11.89 -3.37 -1.50
CA SER A 97 11.99 -1.94 -1.80
C SER A 97 13.17 -1.32 -1.07
N SER A 98 14.25 -2.09 -0.93
CA SER A 98 15.44 -1.61 -0.25
C SER A 98 16.36 -0.88 -1.21
N GLY A 99 16.15 -1.10 -2.51
CA GLY A 99 16.98 -0.46 -3.52
C GLY A 99 18.07 -1.36 -4.04
N PRO A 100 19.33 -0.93 -3.91
CA PRO A 100 20.49 -1.68 -4.37
C PRO A 100 20.73 -2.93 -3.52
N SER A 101 21.33 -3.95 -4.14
CA SER A 101 21.62 -5.20 -3.45
C SER A 101 23.12 -5.36 -3.21
N SER A 102 23.90 -5.22 -4.27
CA SER A 102 25.35 -5.35 -4.17
C SER A 102 25.91 -4.40 -3.12
N GLY A 103 25.43 -3.16 -3.13
CA GLY A 103 25.89 -2.18 -2.15
C GLY A 103 26.07 -0.81 -2.76
N GLY A 1 16.72 10.88 -2.63
CA GLY A 1 16.06 9.63 -2.96
C GLY A 1 16.47 8.48 -2.07
N SER A 2 15.51 7.83 -1.45
CA SER A 2 15.78 6.71 -0.56
C SER A 2 16.72 5.70 -1.23
N SER A 3 17.49 4.99 -0.42
CA SER A 3 18.44 4.00 -0.93
C SER A 3 17.82 3.23 -2.10
N GLY A 4 16.57 2.82 -1.94
CA GLY A 4 15.89 2.07 -2.98
C GLY A 4 14.95 2.93 -3.79
N SER A 5 13.77 2.42 -4.08
CA SER A 5 12.78 3.16 -4.86
C SER A 5 11.44 3.20 -4.13
N SER A 6 11.48 3.42 -2.83
CA SER A 6 10.26 3.49 -2.02
C SER A 6 9.24 4.42 -2.66
N GLY A 7 7.98 3.96 -2.69
CA GLY A 7 6.92 4.76 -3.27
C GLY A 7 6.03 5.39 -2.22
N ASN A 8 6.25 6.67 -1.95
CA ASN A 8 5.47 7.39 -0.96
C ASN A 8 4.11 7.79 -1.53
N VAL A 9 3.05 7.52 -0.78
CA VAL A 9 1.70 7.86 -1.21
C VAL A 9 0.85 8.34 -0.03
N VAL A 10 0.51 9.63 -0.07
CA VAL A 10 -0.30 10.22 1.00
C VAL A 10 -1.65 10.68 0.46
N LEU A 11 -2.68 9.89 0.69
CA LEU A 11 -4.03 10.22 0.24
C LEU A 11 -4.70 11.20 1.20
N PRO A 12 -5.30 12.26 0.63
CA PRO A 12 -6.00 13.29 1.42
C PRO A 12 -7.28 12.77 2.04
N GLY A 13 -7.35 12.79 3.37
CA GLY A 13 -8.53 12.32 4.07
C GLY A 13 -9.28 13.44 4.74
N PRO A 14 -10.01 13.11 5.82
CA PRO A 14 -10.09 11.74 6.32
C PRO A 14 -10.86 10.81 5.39
N ALA A 15 -10.93 9.53 5.75
CA ALA A 15 -11.64 8.55 4.94
C ALA A 15 -13.05 9.02 4.60
N PRO A 16 -13.70 8.32 3.67
CA PRO A 16 -13.12 7.16 3.00
C PRO A 16 -11.98 7.55 2.05
N TRP A 17 -11.37 6.55 1.43
CA TRP A 17 -10.26 6.79 0.50
C TRP A 17 -10.67 6.42 -0.93
N GLY A 18 -11.15 5.19 -1.10
CA GLY A 18 -11.56 4.74 -2.42
C GLY A 18 -10.63 3.67 -2.98
N PHE A 19 -10.13 2.81 -2.11
CA PHE A 19 -9.24 1.73 -2.51
C PHE A 19 -9.45 0.50 -1.65
N ARG A 20 -9.39 -0.67 -2.29
CA ARG A 20 -9.58 -1.94 -1.59
C ARG A 20 -8.24 -2.60 -1.30
N LEU A 21 -8.28 -3.70 -0.57
CA LEU A 21 -7.06 -4.44 -0.22
C LEU A 21 -7.21 -5.92 -0.51
N SER A 22 -6.09 -6.60 -0.76
CA SER A 22 -6.12 -8.02 -1.06
C SER A 22 -5.02 -8.75 -0.27
N GLY A 23 -4.96 -10.07 -0.45
CA GLY A 23 -3.95 -10.86 0.25
C GLY A 23 -3.92 -10.57 1.74
N GLY A 24 -2.80 -10.88 2.38
CA GLY A 24 -2.67 -10.65 3.80
C GLY A 24 -1.73 -11.63 4.46
N ILE A 25 -0.89 -11.13 5.36
CA ILE A 25 0.07 -11.98 6.07
C ILE A 25 -0.60 -13.22 6.63
N ASP A 26 -1.93 -13.17 6.75
CA ASP A 26 -2.68 -14.30 7.27
C ASP A 26 -2.97 -15.31 6.17
N PHE A 27 -3.16 -14.83 4.95
CA PHE A 27 -3.44 -15.69 3.81
C PHE A 27 -2.16 -16.02 3.05
N ASN A 28 -1.02 -15.79 3.68
CA ASN A 28 0.27 -16.05 3.06
C ASN A 28 0.33 -15.46 1.66
N GLN A 29 -0.10 -14.20 1.54
CA GLN A 29 -0.10 -13.51 0.26
C GLN A 29 0.20 -12.03 0.43
N PRO A 30 0.68 -11.39 -0.64
CA PRO A 30 1.02 -9.96 -0.62
C PRO A 30 -0.22 -9.07 -0.53
N LEU A 31 -0.11 -7.99 0.24
CA LEU A 31 -1.21 -7.06 0.41
C LEU A 31 -1.30 -6.08 -0.75
N VAL A 32 -2.15 -6.39 -1.72
CA VAL A 32 -2.32 -5.53 -2.89
C VAL A 32 -3.76 -5.07 -3.02
N ILE A 33 -3.96 -3.93 -3.67
CA ILE A 33 -5.29 -3.38 -3.87
C ILE A 33 -6.16 -4.32 -4.69
N THR A 34 -7.45 -4.38 -4.35
CA THR A 34 -8.39 -5.24 -5.05
C THR A 34 -9.31 -4.44 -5.96
N ARG A 35 -9.46 -3.15 -5.65
CA ARG A 35 -10.31 -2.27 -6.45
C ARG A 35 -10.00 -0.80 -6.16
N ILE A 36 -10.36 0.07 -7.09
CA ILE A 36 -10.13 1.50 -6.92
C ILE A 36 -11.29 2.31 -7.49
N THR A 37 -11.59 3.43 -6.83
CA THR A 37 -12.68 4.29 -7.25
C THR A 37 -12.25 5.20 -8.41
N PRO A 38 -13.04 5.18 -9.49
CA PRO A 38 -12.76 5.99 -10.69
C PRO A 38 -12.96 7.48 -10.45
N GLY A 39 -11.85 8.20 -10.30
CA GLY A 39 -11.92 9.62 -10.06
C GLY A 39 -12.26 9.96 -8.63
N SER A 40 -11.37 9.57 -7.71
CA SER A 40 -11.58 9.82 -6.29
C SER A 40 -10.26 10.01 -5.56
N LYS A 41 -10.32 10.15 -4.25
CA LYS A 41 -9.11 10.34 -3.44
C LYS A 41 -8.13 9.19 -3.66
N ALA A 42 -8.66 8.01 -3.97
CA ALA A 42 -7.83 6.84 -4.20
C ALA A 42 -7.17 6.89 -5.57
N ALA A 43 -7.96 6.77 -6.62
CA ALA A 43 -7.45 6.81 -7.99
C ALA A 43 -6.68 8.10 -8.24
N ALA A 44 -7.28 9.24 -7.88
CA ALA A 44 -6.65 10.53 -8.07
C ALA A 44 -5.21 10.52 -7.55
N ALA A 45 -4.92 9.58 -6.66
CA ALA A 45 -3.58 9.46 -6.08
C ALA A 45 -2.74 8.46 -6.85
N ASN A 46 -3.12 8.21 -8.11
CA ASN A 46 -2.39 7.26 -8.95
C ASN A 46 -2.48 5.85 -8.38
N LEU A 47 -3.54 5.58 -7.63
CA LEU A 47 -3.75 4.27 -7.03
C LEU A 47 -4.47 3.34 -7.99
N CYS A 48 -4.02 2.09 -8.05
CA CYS A 48 -4.62 1.10 -8.93
C CYS A 48 -4.63 -0.29 -8.27
N PRO A 49 -5.59 -1.12 -8.67
CA PRO A 49 -5.74 -2.47 -8.13
C PRO A 49 -4.62 -3.41 -8.58
N GLY A 50 -3.59 -3.55 -7.73
CA GLY A 50 -2.48 -4.41 -8.07
C GLY A 50 -1.21 -4.02 -7.32
N ASP A 51 -1.11 -2.76 -6.93
CA ASP A 51 0.05 -2.27 -6.21
C ASP A 51 0.17 -2.95 -4.84
N VAL A 52 1.40 -3.20 -4.43
CA VAL A 52 1.66 -3.84 -3.15
C VAL A 52 1.76 -2.82 -2.02
N ILE A 53 1.29 -3.20 -0.84
CA ILE A 53 1.32 -2.31 0.32
C ILE A 53 2.40 -2.74 1.31
N LEU A 54 3.46 -1.96 1.40
CA LEU A 54 4.56 -2.27 2.32
C LEU A 54 4.20 -1.87 3.75
N ALA A 55 3.64 -0.68 3.90
CA ALA A 55 3.25 -0.18 5.21
C ALA A 55 1.99 0.66 5.13
N ILE A 56 1.07 0.45 6.07
CA ILE A 56 -0.18 1.19 6.11
C ILE A 56 -0.13 2.33 7.12
N ASP A 57 -0.66 3.48 6.73
CA ASP A 57 -0.67 4.65 7.60
C ASP A 57 0.58 4.70 8.47
N GLY A 58 1.73 4.39 7.87
CA GLY A 58 2.98 4.40 8.59
C GLY A 58 3.11 3.22 9.53
N PHE A 59 2.73 2.04 9.05
CA PHE A 59 2.81 0.83 9.85
C PHE A 59 2.96 -0.41 8.96
N GLY A 60 4.16 -0.97 8.93
CA GLY A 60 4.40 -2.14 8.11
C GLY A 60 3.35 -3.22 8.30
N THR A 61 3.14 -4.02 7.26
CA THR A 61 2.15 -5.09 7.31
C THR A 61 2.79 -6.42 7.67
N GLU A 62 3.84 -6.36 8.49
CA GLU A 62 4.55 -7.57 8.92
C GLU A 62 3.73 -8.35 9.96
N SER A 63 3.09 -7.61 10.86
CA SER A 63 2.28 -8.23 11.90
C SER A 63 0.83 -7.77 11.80
N MET A 64 0.44 -7.33 10.61
CA MET A 64 -0.93 -6.88 10.38
C MET A 64 -1.63 -7.76 9.34
N THR A 65 -2.56 -8.59 9.81
CA THR A 65 -3.30 -9.47 8.92
C THR A 65 -4.34 -8.71 8.12
N HIS A 66 -4.76 -9.28 7.00
CA HIS A 66 -5.76 -8.65 6.14
C HIS A 66 -6.84 -7.97 6.98
N ALA A 67 -7.51 -8.75 7.81
CA ALA A 67 -8.57 -8.22 8.67
C ALA A 67 -8.11 -6.98 9.42
N ASP A 68 -6.87 -7.04 9.92
CA ASP A 68 -6.29 -5.92 10.66
C ASP A 68 -6.13 -4.69 9.76
N ALA A 69 -5.76 -4.94 8.51
CA ALA A 69 -5.57 -3.86 7.55
C ALA A 69 -6.89 -3.15 7.25
N GLN A 70 -7.95 -3.93 7.10
CA GLN A 70 -9.27 -3.37 6.81
C GLN A 70 -9.72 -2.44 7.92
N ASP A 71 -9.36 -2.76 9.16
CA ASP A 71 -9.72 -1.95 10.31
C ASP A 71 -8.76 -0.78 10.48
N ARG A 72 -7.64 -0.83 9.75
CA ARG A 72 -6.64 0.22 9.83
C ARG A 72 -6.89 1.28 8.77
N ILE A 73 -7.45 0.88 7.65
CA ILE A 73 -7.76 1.81 6.55
C ILE A 73 -9.02 2.60 6.84
N LYS A 74 -10.07 1.90 7.26
CA LYS A 74 -11.35 2.53 7.57
C LYS A 74 -11.21 3.50 8.74
N ALA A 75 -10.36 3.13 9.71
CA ALA A 75 -10.13 3.95 10.88
C ALA A 75 -8.89 4.82 10.71
N ALA A 76 -8.42 4.94 9.48
CA ALA A 76 -7.24 5.74 9.18
C ALA A 76 -7.37 7.14 9.75
N SER A 77 -6.38 7.98 9.47
CA SER A 77 -6.37 9.36 9.96
C SER A 77 -6.65 10.34 8.82
N TYR A 78 -6.77 11.60 9.17
CA TYR A 78 -7.05 12.64 8.18
C TYR A 78 -6.25 12.40 6.90
N GLN A 79 -5.12 11.72 7.04
CA GLN A 79 -4.27 11.41 5.89
C GLN A 79 -3.75 9.98 5.96
N LEU A 80 -3.88 9.26 4.85
CA LEU A 80 -3.43 7.88 4.78
C LEU A 80 -2.07 7.77 4.10
N CYS A 81 -1.13 7.11 4.76
CA CYS A 81 0.21 6.94 4.21
C CYS A 81 0.48 5.48 3.87
N LEU A 82 0.38 5.16 2.59
CA LEU A 82 0.61 3.79 2.13
C LEU A 82 1.84 3.73 1.21
N LYS A 83 2.89 3.08 1.70
CA LYS A 83 4.13 2.93 0.93
C LYS A 83 4.08 1.69 0.05
N ILE A 84 4.24 1.90 -1.26
CA ILE A 84 4.21 0.80 -2.21
C ILE A 84 5.63 0.40 -2.63
N ASP A 85 5.76 -0.81 -3.16
CA ASP A 85 7.07 -1.30 -3.61
C ASP A 85 7.27 -1.01 -5.09
N ARG A 86 6.70 0.08 -5.56
CA ARG A 86 6.81 0.47 -6.96
C ARG A 86 6.86 -0.76 -7.86
N ALA A 87 5.89 -1.65 -7.70
CA ALA A 87 5.82 -2.86 -8.49
C ALA A 87 5.79 -2.55 -9.98
N GLU A 88 6.94 -2.69 -10.63
CA GLU A 88 7.05 -2.42 -12.07
C GLU A 88 6.32 -3.47 -12.88
N THR A 89 6.41 -4.73 -12.44
CA THR A 89 5.77 -5.84 -13.14
C THR A 89 4.83 -6.59 -12.19
N ARG A 90 4.95 -6.33 -10.90
CA ARG A 90 4.12 -6.98 -9.91
C ARG A 90 4.24 -8.51 -10.02
N LEU A 91 5.46 -8.98 -10.20
CA LEU A 91 5.71 -10.42 -10.32
C LEU A 91 5.90 -11.06 -8.95
N TRP A 92 6.71 -10.41 -8.12
CA TRP A 92 6.99 -10.91 -6.77
C TRP A 92 7.28 -9.77 -5.81
N SER A 93 7.39 -10.09 -4.53
CA SER A 93 7.67 -9.08 -3.51
C SER A 93 9.09 -9.22 -2.99
N PRO A 94 10.07 -8.73 -3.77
CA PRO A 94 11.48 -8.79 -3.40
C PRO A 94 11.82 -7.86 -2.25
N GLN A 95 13.12 -7.64 -2.02
CA GLN A 95 13.57 -6.79 -0.94
C GLN A 95 12.65 -5.58 -0.78
N VAL A 96 12.37 -5.21 0.46
CA VAL A 96 11.49 -4.08 0.77
C VAL A 96 12.12 -2.77 0.30
N SER A 97 11.92 -2.44 -0.98
CA SER A 97 12.47 -1.22 -1.54
C SER A 97 13.83 -0.90 -0.95
N SER A 98 14.74 -1.87 -1.01
CA SER A 98 16.08 -1.70 -0.48
C SER A 98 17.13 -1.78 -1.59
N GLY A 99 18.01 -0.79 -1.64
CA GLY A 99 19.05 -0.75 -2.65
C GLY A 99 19.58 -2.14 -2.96
N PRO A 100 19.56 -2.51 -4.25
CA PRO A 100 20.05 -3.81 -4.71
C PRO A 100 21.56 -3.94 -4.60
N SER A 101 22.02 -4.74 -3.64
CA SER A 101 23.45 -4.94 -3.42
C SER A 101 23.71 -6.30 -2.78
N SER A 102 24.98 -6.64 -2.63
CA SER A 102 25.38 -7.91 -2.03
C SER A 102 25.11 -7.90 -0.53
N GLY A 103 23.88 -8.22 -0.15
CA GLY A 103 23.52 -8.26 1.26
C GLY A 103 22.74 -7.03 1.68
N GLY A 1 24.78 -1.37 1.00
CA GLY A 1 24.03 -0.49 0.12
C GLY A 1 22.80 0.08 0.78
N SER A 2 21.91 0.68 -0.02
CA SER A 2 20.69 1.27 0.50
C SER A 2 19.47 0.46 0.05
N SER A 3 19.39 0.19 -1.24
CA SER A 3 18.27 -0.56 -1.80
C SER A 3 16.95 -0.12 -1.17
N GLY A 4 16.82 1.18 -0.94
CA GLY A 4 15.60 1.70 -0.35
C GLY A 4 14.65 2.27 -1.38
N SER A 5 14.27 1.45 -2.36
CA SER A 5 13.35 1.89 -3.41
C SER A 5 11.91 1.79 -2.95
N SER A 6 11.49 2.75 -2.13
CA SER A 6 10.13 2.78 -1.62
C SER A 6 9.32 3.90 -2.26
N GLY A 7 7.99 3.80 -2.17
CA GLY A 7 7.14 4.82 -2.75
C GLY A 7 6.07 5.31 -1.77
N ASN A 8 6.18 6.57 -1.38
CA ASN A 8 5.22 7.15 -0.44
C ASN A 8 3.93 7.56 -1.15
N VAL A 9 2.80 7.33 -0.50
CA VAL A 9 1.50 7.68 -1.08
C VAL A 9 0.54 8.16 0.00
N VAL A 10 0.24 9.45 0.00
CA VAL A 10 -0.67 10.03 0.98
C VAL A 10 -2.02 10.36 0.34
N LEU A 11 -3.06 9.65 0.76
CA LEU A 11 -4.39 9.86 0.23
C LEU A 11 -5.24 10.67 1.21
N PRO A 12 -5.99 11.65 0.68
CA PRO A 12 -6.85 12.52 1.48
C PRO A 12 -8.06 11.77 2.04
N GLY A 13 -8.41 12.06 3.30
CA GLY A 13 -9.53 11.41 3.92
C GLY A 13 -10.50 12.39 4.56
N PRO A 14 -11.29 11.91 5.53
CA PRO A 14 -11.24 10.51 5.97
C PRO A 14 -11.79 9.57 4.91
N ALA A 15 -12.04 8.32 5.31
CA ALA A 15 -12.56 7.32 4.40
C ALA A 15 -13.97 7.69 3.93
N PRO A 16 -14.39 7.10 2.80
CA PRO A 16 -13.56 6.15 2.04
C PRO A 16 -12.38 6.83 1.37
N TRP A 17 -11.46 6.02 0.84
CA TRP A 17 -10.28 6.54 0.16
C TRP A 17 -10.41 6.40 -1.35
N GLY A 18 -11.04 5.31 -1.79
CA GLY A 18 -11.21 5.08 -3.20
C GLY A 18 -10.40 3.92 -3.70
N PHE A 19 -9.65 3.29 -2.80
CA PHE A 19 -8.82 2.15 -3.16
C PHE A 19 -9.24 0.90 -2.40
N ARG A 20 -9.01 -0.26 -3.01
CA ARG A 20 -9.38 -1.53 -2.38
C ARG A 20 -8.13 -2.30 -1.94
N LEU A 21 -8.35 -3.41 -1.26
CA LEU A 21 -7.24 -4.23 -0.77
C LEU A 21 -7.51 -5.72 -1.02
N SER A 22 -6.44 -6.49 -1.18
CA SER A 22 -6.57 -7.92 -1.42
C SER A 22 -5.35 -8.67 -0.90
N GLY A 23 -5.54 -9.95 -0.59
CA GLY A 23 -4.44 -10.76 -0.09
C GLY A 23 -4.30 -10.67 1.42
N GLY A 24 -3.09 -10.92 1.92
CA GLY A 24 -2.84 -10.86 3.35
C GLY A 24 -1.80 -11.86 3.80
N ILE A 25 -1.05 -11.50 4.84
CA ILE A 25 0.00 -12.36 5.36
C ILE A 25 -0.58 -13.70 5.85
N ASP A 26 -1.88 -13.71 6.09
CA ASP A 26 -2.56 -14.91 6.55
C ASP A 26 -2.91 -15.83 5.38
N PHE A 27 -3.24 -15.23 4.24
CA PHE A 27 -3.59 -15.98 3.05
C PHE A 27 -2.35 -16.30 2.21
N ASN A 28 -1.19 -16.08 2.80
CA ASN A 28 0.08 -16.34 2.11
C ASN A 28 0.17 -15.52 0.83
N GLN A 29 -0.30 -14.28 0.89
CA GLN A 29 -0.26 -13.39 -0.27
C GLN A 29 -0.05 -11.94 0.16
N PRO A 30 0.66 -11.17 -0.68
CA PRO A 30 0.96 -9.77 -0.41
C PRO A 30 -0.29 -8.89 -0.51
N LEU A 31 -0.39 -7.91 0.38
CA LEU A 31 -1.53 -7.00 0.39
C LEU A 31 -1.46 -6.03 -0.78
N VAL A 32 -2.25 -6.29 -1.81
CA VAL A 32 -2.28 -5.45 -3.00
C VAL A 32 -3.68 -4.88 -3.22
N ILE A 33 -3.75 -3.79 -3.99
CA ILE A 33 -5.03 -3.15 -4.29
C ILE A 33 -5.87 -4.00 -5.24
N THR A 34 -7.17 -4.04 -5.01
CA THR A 34 -8.08 -4.81 -5.84
C THR A 34 -8.64 -3.96 -6.97
N ARG A 35 -8.94 -2.71 -6.67
CA ARG A 35 -9.48 -1.79 -7.67
C ARG A 35 -9.27 -0.34 -7.25
N ILE A 36 -9.20 0.55 -8.24
CA ILE A 36 -8.99 1.97 -7.97
C ILE A 36 -10.06 2.82 -8.65
N THR A 37 -10.55 3.82 -7.93
CA THR A 37 -11.59 4.71 -8.45
C THR A 37 -10.99 5.73 -9.42
N PRO A 38 -11.36 5.61 -10.71
CA PRO A 38 -10.88 6.51 -11.76
C PRO A 38 -11.46 7.91 -11.62
N GLY A 39 -10.58 8.90 -11.45
CA GLY A 39 -11.02 10.27 -11.31
C GLY A 39 -11.42 10.62 -9.88
N SER A 40 -10.59 10.21 -8.93
CA SER A 40 -10.87 10.48 -7.52
C SER A 40 -9.57 10.51 -6.71
N LYS A 41 -9.70 10.66 -5.40
CA LYS A 41 -8.54 10.71 -4.51
C LYS A 41 -7.72 9.44 -4.64
N ALA A 42 -8.33 8.39 -5.19
CA ALA A 42 -7.65 7.11 -5.36
C ALA A 42 -6.84 7.09 -6.66
N ALA A 43 -7.54 7.04 -7.78
CA ALA A 43 -6.88 7.03 -9.08
C ALA A 43 -6.01 8.26 -9.28
N ALA A 44 -6.50 9.40 -8.83
CA ALA A 44 -5.77 10.66 -8.94
C ALA A 44 -4.46 10.61 -8.16
N ALA A 45 -4.41 9.72 -7.17
CA ALA A 45 -3.22 9.58 -6.33
C ALA A 45 -2.23 8.61 -6.96
N ASN A 46 -2.40 8.34 -8.26
CA ASN A 46 -1.52 7.43 -8.97
C ASN A 46 -1.63 6.01 -8.42
N LEU A 47 -2.82 5.66 -7.96
CA LEU A 47 -3.06 4.33 -7.40
C LEU A 47 -3.56 3.37 -8.48
N CYS A 48 -3.15 2.11 -8.38
CA CYS A 48 -3.57 1.10 -9.34
C CYS A 48 -3.70 -0.27 -8.68
N PRO A 49 -4.67 -1.06 -9.15
CA PRO A 49 -4.92 -2.40 -8.61
C PRO A 49 -3.81 -3.39 -8.95
N GLY A 50 -2.85 -3.54 -8.04
CA GLY A 50 -1.75 -4.45 -8.27
C GLY A 50 -0.54 -4.13 -7.42
N ASP A 51 -0.44 -2.87 -7.01
CA ASP A 51 0.69 -2.43 -6.17
C ASP A 51 0.70 -3.18 -4.84
N VAL A 52 1.88 -3.31 -4.26
CA VAL A 52 2.03 -4.01 -2.98
C VAL A 52 2.14 -3.01 -1.83
N ILE A 53 1.36 -3.24 -0.78
CA ILE A 53 1.37 -2.37 0.39
C ILE A 53 2.42 -2.81 1.39
N LEU A 54 3.50 -2.03 1.52
CA LEU A 54 4.57 -2.33 2.45
C LEU A 54 4.17 -1.99 3.88
N ALA A 55 3.65 -0.78 4.06
CA ALA A 55 3.23 -0.33 5.38
C ALA A 55 1.94 0.49 5.29
N ILE A 56 1.19 0.51 6.39
CA ILE A 56 -0.06 1.25 6.44
C ILE A 56 -0.04 2.33 7.52
N ASP A 57 -0.47 3.53 7.17
CA ASP A 57 -0.49 4.65 8.11
C ASP A 57 0.77 4.65 8.97
N GLY A 58 1.88 4.22 8.38
CA GLY A 58 3.13 4.19 9.12
C GLY A 58 3.28 2.93 9.95
N PHE A 59 2.84 1.80 9.41
CA PHE A 59 2.91 0.53 10.11
C PHE A 59 3.14 -0.62 9.13
N GLY A 60 4.37 -1.13 9.10
CA GLY A 60 4.69 -2.22 8.21
C GLY A 60 3.73 -3.39 8.34
N THR A 61 3.46 -4.05 7.21
CA THR A 61 2.54 -5.19 7.21
C THR A 61 3.29 -6.50 7.42
N GLU A 62 4.24 -6.50 8.33
CA GLU A 62 5.04 -7.69 8.62
C GLU A 62 4.18 -8.76 9.30
N SER A 63 3.29 -8.32 10.19
CA SER A 63 2.43 -9.24 10.92
C SER A 63 0.99 -8.72 10.94
N MET A 64 0.63 -7.95 9.92
CA MET A 64 -0.72 -7.38 9.83
C MET A 64 -1.54 -8.11 8.78
N THR A 65 -2.45 -8.97 9.23
CA THR A 65 -3.29 -9.73 8.32
C THR A 65 -4.30 -8.83 7.62
N HIS A 66 -4.96 -9.36 6.59
CA HIS A 66 -5.95 -8.60 5.84
C HIS A 66 -6.94 -7.91 6.78
N ALA A 67 -7.51 -8.69 7.69
CA ALA A 67 -8.47 -8.15 8.65
C ALA A 67 -7.85 -7.02 9.47
N ASP A 68 -6.59 -7.19 9.85
CA ASP A 68 -5.89 -6.19 10.63
C ASP A 68 -5.78 -4.87 9.87
N ALA A 69 -5.46 -4.96 8.58
CA ALA A 69 -5.33 -3.78 7.74
C ALA A 69 -6.64 -3.00 7.69
N GLN A 70 -7.75 -3.71 7.75
CA GLN A 70 -9.06 -3.08 7.71
C GLN A 70 -9.27 -2.18 8.93
N ASP A 71 -8.74 -2.60 10.07
CA ASP A 71 -8.87 -1.84 11.30
C ASP A 71 -7.94 -0.62 11.28
N ARG A 72 -7.03 -0.60 10.32
CA ARG A 72 -6.08 0.50 10.19
C ARG A 72 -6.59 1.55 9.21
N ILE A 73 -7.25 1.08 8.15
CA ILE A 73 -7.79 1.99 7.13
C ILE A 73 -9.02 2.73 7.66
N LYS A 74 -9.83 2.03 8.44
CA LYS A 74 -11.04 2.63 9.01
C LYS A 74 -10.70 3.56 10.16
N ALA A 75 -9.66 3.21 10.91
CA ALA A 75 -9.23 4.02 12.05
C ALA A 75 -8.10 4.97 11.65
N ALA A 76 -7.90 5.12 10.35
CA ALA A 76 -6.85 5.99 9.83
C ALA A 76 -7.10 7.44 10.24
N SER A 77 -6.22 8.33 9.81
CA SER A 77 -6.34 9.75 10.15
C SER A 77 -6.83 10.55 8.94
N TYR A 78 -6.99 11.86 9.13
CA TYR A 78 -7.47 12.72 8.06
C TYR A 78 -6.79 12.38 6.74
N GLN A 79 -5.62 11.77 6.82
CA GLN A 79 -4.87 11.38 5.63
C GLN A 79 -4.25 10.00 5.80
N LEU A 80 -4.43 9.16 4.79
CA LEU A 80 -3.88 7.79 4.83
C LEU A 80 -2.50 7.75 4.19
N CYS A 81 -1.58 7.06 4.86
CA CYS A 81 -0.21 6.94 4.35
C CYS A 81 0.13 5.48 4.05
N LEU A 82 0.36 5.19 2.78
CA LEU A 82 0.70 3.82 2.36
C LEU A 82 1.95 3.82 1.49
N LYS A 83 2.92 3.00 1.87
CA LYS A 83 4.17 2.88 1.12
C LYS A 83 4.15 1.68 0.19
N ILE A 84 4.46 1.91 -1.08
CA ILE A 84 4.48 0.84 -2.06
C ILE A 84 5.88 0.60 -2.60
N ASP A 85 6.13 -0.62 -3.06
CA ASP A 85 7.44 -0.98 -3.60
C ASP A 85 7.63 -0.40 -5.00
N ARG A 86 6.53 -0.20 -5.71
CA ARG A 86 6.57 0.34 -7.06
C ARG A 86 7.31 -0.61 -8.00
N ALA A 87 6.99 -1.90 -7.92
CA ALA A 87 7.62 -2.90 -8.77
C ALA A 87 6.73 -3.27 -9.94
N GLU A 88 7.10 -2.81 -11.14
CA GLU A 88 6.33 -3.10 -12.34
C GLU A 88 6.20 -4.60 -12.56
N THR A 89 7.27 -5.34 -12.23
CA THR A 89 7.28 -6.78 -12.40
C THR A 89 6.95 -7.49 -11.08
N ARG A 90 6.40 -6.74 -10.14
CA ARG A 90 6.05 -7.29 -8.84
C ARG A 90 5.45 -8.69 -8.99
N LEU A 91 4.87 -8.96 -10.16
CA LEU A 91 4.27 -10.26 -10.42
C LEU A 91 5.05 -11.38 -9.74
N TRP A 92 6.37 -11.31 -9.83
CA TRP A 92 7.22 -12.32 -9.22
C TRP A 92 8.36 -11.67 -8.43
N SER A 93 8.03 -11.06 -7.30
CA SER A 93 9.02 -10.40 -6.46
C SER A 93 8.91 -10.86 -5.02
N PRO A 94 9.75 -11.84 -4.65
CA PRO A 94 9.77 -12.39 -3.28
C PRO A 94 10.31 -11.40 -2.26
N GLN A 95 11.04 -10.40 -2.75
CA GLN A 95 11.63 -9.38 -1.88
C GLN A 95 10.77 -8.12 -1.87
N VAL A 96 10.72 -7.45 -0.73
CA VAL A 96 9.94 -6.22 -0.59
C VAL A 96 10.85 -5.03 -0.30
N SER A 97 10.37 -3.84 -0.64
CA SER A 97 11.13 -2.62 -0.42
C SER A 97 11.18 -2.26 1.06
N SER A 98 12.06 -2.91 1.80
CA SER A 98 12.20 -2.67 3.23
C SER A 98 12.51 -1.20 3.50
N GLY A 99 11.88 -0.65 4.55
CA GLY A 99 12.09 0.74 4.89
C GLY A 99 12.61 0.91 6.32
N PRO A 100 12.17 1.98 6.98
CA PRO A 100 12.57 2.28 8.35
C PRO A 100 11.99 1.29 9.36
N SER A 101 12.83 0.36 9.83
CA SER A 101 12.39 -0.64 10.79
C SER A 101 12.64 -0.17 12.22
N SER A 102 11.58 -0.13 13.02
CA SER A 102 11.67 0.31 14.40
C SER A 102 12.05 -0.85 15.31
N GLY A 103 13.34 -0.97 15.62
CA GLY A 103 13.81 -2.04 16.47
C GLY A 103 13.67 -1.70 17.95
N GLY A 1 16.55 4.16 -15.53
CA GLY A 1 15.54 5.19 -15.35
C GLY A 1 15.69 5.94 -14.05
N SER A 2 14.82 5.65 -13.09
CA SER A 2 14.85 6.30 -11.79
C SER A 2 15.01 5.28 -10.68
N SER A 3 16.00 5.50 -9.82
CA SER A 3 16.26 4.59 -8.70
C SER A 3 15.01 4.42 -7.84
N GLY A 4 14.66 3.16 -7.58
CA GLY A 4 13.48 2.89 -6.76
C GLY A 4 13.82 2.73 -5.29
N SER A 5 13.65 3.81 -4.53
CA SER A 5 13.95 3.79 -3.10
C SER A 5 12.69 3.49 -2.29
N SER A 6 11.65 4.27 -2.52
CA SER A 6 10.38 4.10 -1.82
C SER A 6 9.27 4.91 -2.47
N GLY A 7 8.12 4.27 -2.68
CA GLY A 7 6.99 4.96 -3.29
C GLY A 7 6.02 5.51 -2.27
N ASN A 8 6.23 6.77 -1.89
CA ASN A 8 5.37 7.42 -0.91
C ASN A 8 4.02 7.76 -1.52
N VAL A 9 2.94 7.52 -0.77
CA VAL A 9 1.60 7.81 -1.23
C VAL A 9 0.72 8.33 -0.10
N VAL A 10 0.42 9.62 -0.14
CA VAL A 10 -0.41 10.25 0.89
C VAL A 10 -1.74 10.71 0.30
N LEU A 11 -2.78 9.93 0.54
CA LEU A 11 -4.12 10.25 0.04
C LEU A 11 -4.85 11.17 1.02
N PRO A 12 -5.52 12.20 0.46
CA PRO A 12 -6.28 13.16 1.26
C PRO A 12 -7.52 12.55 1.89
N GLY A 13 -7.64 12.68 3.21
CA GLY A 13 -8.79 12.13 3.91
C GLY A 13 -9.58 13.20 4.65
N PRO A 14 -10.33 12.78 5.68
CA PRO A 14 -10.40 11.37 6.08
C PRO A 14 -11.14 10.51 5.07
N ALA A 15 -11.23 9.21 5.35
CA ALA A 15 -11.92 8.28 4.46
C ALA A 15 -13.27 8.83 4.02
N PRO A 16 -13.88 8.20 3.01
CA PRO A 16 -13.28 7.03 2.35
C PRO A 16 -12.06 7.39 1.52
N TRP A 17 -11.46 6.39 0.91
CA TRP A 17 -10.28 6.60 0.08
C TRP A 17 -10.56 6.25 -1.38
N GLY A 18 -11.09 5.05 -1.60
CA GLY A 18 -11.40 4.62 -2.95
C GLY A 18 -10.44 3.57 -3.46
N PHE A 19 -9.94 2.74 -2.54
CA PHE A 19 -9.00 1.69 -2.90
C PHE A 19 -9.24 0.43 -2.07
N ARG A 20 -9.18 -0.73 -2.72
CA ARG A 20 -9.39 -2.00 -2.05
C ARG A 20 -8.07 -2.69 -1.74
N LEU A 21 -8.15 -3.82 -1.05
CA LEU A 21 -6.95 -4.58 -0.70
C LEU A 21 -7.17 -6.07 -0.91
N SER A 22 -6.12 -6.77 -1.33
CA SER A 22 -6.19 -8.20 -1.57
C SER A 22 -4.93 -8.90 -1.10
N GLY A 23 -5.11 -10.00 -0.37
CA GLY A 23 -3.97 -10.75 0.13
C GLY A 23 -4.05 -10.98 1.63
N GLY A 24 -2.90 -10.89 2.31
CA GLY A 24 -2.87 -11.10 3.74
C GLY A 24 -1.83 -12.13 4.16
N ILE A 25 -1.00 -11.77 5.13
CA ILE A 25 0.03 -12.66 5.61
C ILE A 25 -0.54 -14.04 5.95
N ASP A 26 -1.79 -14.06 6.39
CA ASP A 26 -2.46 -15.30 6.75
C ASP A 26 -2.73 -16.15 5.51
N PHE A 27 -3.13 -15.48 4.43
CA PHE A 27 -3.43 -16.16 3.17
C PHE A 27 -2.16 -16.38 2.36
N ASN A 28 -1.01 -16.24 3.01
CA ASN A 28 0.27 -16.41 2.34
C ASN A 28 0.32 -15.62 1.04
N GLN A 29 -0.21 -14.41 1.08
CA GLN A 29 -0.23 -13.55 -0.11
C GLN A 29 -0.03 -12.08 0.29
N PRO A 30 0.72 -11.35 -0.55
CA PRO A 30 1.01 -9.93 -0.31
C PRO A 30 -0.23 -9.05 -0.49
N LEU A 31 -0.37 -8.06 0.37
CA LEU A 31 -1.51 -7.14 0.31
C LEU A 31 -1.34 -6.15 -0.84
N VAL A 32 -2.13 -6.34 -1.90
CA VAL A 32 -2.06 -5.46 -3.06
C VAL A 32 -3.47 -5.03 -3.49
N ILE A 33 -3.61 -3.75 -3.82
CA ILE A 33 -4.90 -3.21 -4.25
C ILE A 33 -5.61 -4.19 -5.18
N THR A 34 -6.94 -4.25 -5.05
CA THR A 34 -7.74 -5.14 -5.89
C THR A 34 -8.79 -4.37 -6.66
N ARG A 35 -9.03 -3.12 -6.25
CA ARG A 35 -10.01 -2.28 -6.92
C ARG A 35 -9.76 -0.80 -6.61
N ILE A 36 -9.97 0.05 -7.61
CA ILE A 36 -9.76 1.48 -7.45
C ILE A 36 -10.90 2.28 -8.07
N THR A 37 -11.37 3.30 -7.36
CA THR A 37 -12.45 4.13 -7.84
C THR A 37 -12.00 5.04 -8.98
N PRO A 38 -12.66 4.92 -10.15
CA PRO A 38 -12.32 5.72 -11.33
C PRO A 38 -12.69 7.18 -11.16
N GLY A 39 -11.76 7.96 -10.64
CA GLY A 39 -12.01 9.39 -10.43
C GLY A 39 -12.31 9.72 -8.99
N SER A 40 -11.40 9.36 -8.10
CA SER A 40 -11.58 9.62 -6.67
C SER A 40 -10.23 9.85 -5.98
N LYS A 41 -10.26 9.99 -4.66
CA LYS A 41 -9.05 10.23 -3.89
C LYS A 41 -8.04 9.10 -4.12
N ALA A 42 -8.54 7.92 -4.47
CA ALA A 42 -7.68 6.78 -4.73
C ALA A 42 -6.97 6.91 -6.07
N ALA A 43 -7.72 6.73 -7.15
CA ALA A 43 -7.16 6.83 -8.49
C ALA A 43 -6.51 8.19 -8.72
N ALA A 44 -7.21 9.25 -8.32
CA ALA A 44 -6.70 10.61 -8.46
C ALA A 44 -5.32 10.75 -7.83
N ALA A 45 -4.95 9.77 -7.00
CA ALA A 45 -3.66 9.79 -6.32
C ALA A 45 -2.67 8.85 -7.00
N ASN A 46 -2.97 8.49 -8.25
CA ASN A 46 -2.10 7.60 -9.01
C ASN A 46 -2.10 6.19 -8.41
N LEU A 47 -3.29 5.70 -8.06
CA LEU A 47 -3.44 4.37 -7.48
C LEU A 47 -4.07 3.40 -8.47
N CYS A 48 -3.63 2.15 -8.43
CA CYS A 48 -4.15 1.13 -9.33
C CYS A 48 -4.12 -0.25 -8.66
N PRO A 49 -5.06 -1.12 -9.06
CA PRO A 49 -5.16 -2.47 -8.50
C PRO A 49 -4.01 -3.37 -8.94
N GLY A 50 -3.01 -3.51 -8.08
CA GLY A 50 -1.86 -4.33 -8.39
C GLY A 50 -0.64 -3.98 -7.57
N ASP A 51 -0.62 -2.75 -7.04
CA ASP A 51 0.49 -2.28 -6.23
C ASP A 51 0.56 -3.04 -4.91
N VAL A 52 1.77 -3.14 -4.35
CA VAL A 52 1.97 -3.84 -3.09
C VAL A 52 2.05 -2.87 -1.93
N ILE A 53 1.49 -3.26 -0.78
CA ILE A 53 1.50 -2.43 0.41
C ILE A 53 2.58 -2.88 1.39
N LEU A 54 3.58 -2.02 1.60
CA LEU A 54 4.67 -2.33 2.52
C LEU A 54 4.30 -1.94 3.94
N ALA A 55 3.70 -0.76 4.09
CA ALA A 55 3.30 -0.28 5.41
C ALA A 55 2.02 0.55 5.32
N ILE A 56 1.12 0.34 6.28
CA ILE A 56 -0.14 1.07 6.31
C ILE A 56 -0.10 2.20 7.32
N ASP A 57 -0.44 3.41 6.88
CA ASP A 57 -0.45 4.57 7.75
C ASP A 57 0.82 4.62 8.60
N GLY A 58 1.94 4.22 8.01
CA GLY A 58 3.20 4.22 8.73
C GLY A 58 3.35 3.03 9.65
N PHE A 59 2.89 1.87 9.18
CA PHE A 59 2.98 0.65 9.97
C PHE A 59 3.17 -0.57 9.07
N GLY A 60 4.37 -1.12 9.08
CA GLY A 60 4.67 -2.28 8.26
C GLY A 60 3.63 -3.37 8.41
N THR A 61 3.29 -4.02 7.30
CA THR A 61 2.30 -5.10 7.32
C THR A 61 2.97 -6.46 7.41
N GLU A 62 4.02 -6.54 8.22
CA GLU A 62 4.75 -7.79 8.39
C GLU A 62 4.00 -8.74 9.32
N SER A 63 3.15 -8.18 10.18
CA SER A 63 2.37 -8.97 11.12
C SER A 63 0.91 -8.53 11.11
N MET A 64 0.50 -7.85 10.03
CA MET A 64 -0.87 -7.38 9.91
C MET A 64 -1.66 -8.26 8.95
N THR A 65 -2.64 -8.99 9.48
CA THR A 65 -3.46 -9.87 8.66
C THR A 65 -4.50 -9.07 7.88
N HIS A 66 -5.14 -9.73 6.91
CA HIS A 66 -6.14 -9.09 6.08
C HIS A 66 -7.14 -8.31 6.94
N ALA A 67 -7.74 -8.99 7.91
CA ALA A 67 -8.71 -8.36 8.80
C ALA A 67 -8.12 -7.10 9.44
N ASP A 68 -6.90 -7.21 9.93
CA ASP A 68 -6.23 -6.08 10.58
C ASP A 68 -6.22 -4.87 9.66
N ALA A 69 -5.82 -5.08 8.41
CA ALA A 69 -5.77 -3.99 7.43
C ALA A 69 -7.02 -3.14 7.49
N GLN A 70 -8.18 -3.78 7.44
CA GLN A 70 -9.45 -3.07 7.49
C GLN A 70 -9.54 -2.20 8.74
N ASP A 71 -9.07 -2.73 9.87
CA ASP A 71 -9.09 -1.99 11.13
C ASP A 71 -8.08 -0.85 11.11
N ARG A 72 -7.21 -0.85 10.11
CA ARG A 72 -6.20 0.18 9.97
C ARG A 72 -6.64 1.25 8.99
N ILE A 73 -7.32 0.84 7.93
CA ILE A 73 -7.81 1.76 6.91
C ILE A 73 -9.01 2.56 7.41
N LYS A 74 -9.82 1.92 8.25
CA LYS A 74 -11.00 2.57 8.82
C LYS A 74 -10.61 3.56 9.91
N ALA A 75 -9.57 3.22 10.66
CA ALA A 75 -9.10 4.08 11.74
C ALA A 75 -7.99 5.01 11.26
N ALA A 76 -7.92 5.20 9.94
CA ALA A 76 -6.92 6.08 9.36
C ALA A 76 -6.98 7.48 9.96
N SER A 77 -6.17 8.38 9.42
CA SER A 77 -6.14 9.76 9.90
C SER A 77 -6.44 10.75 8.78
N TYR A 78 -6.51 12.03 9.12
CA TYR A 78 -6.80 13.06 8.14
C TYR A 78 -6.10 12.77 6.82
N GLN A 79 -4.96 12.08 6.88
CA GLN A 79 -4.20 11.73 5.69
C GLN A 79 -3.73 10.29 5.76
N LEU A 80 -4.03 9.52 4.71
CA LEU A 80 -3.64 8.13 4.65
C LEU A 80 -2.25 7.98 4.00
N CYS A 81 -1.32 7.39 4.75
CA CYS A 81 0.03 7.19 4.25
C CYS A 81 0.28 5.72 3.93
N LEU A 82 0.44 5.42 2.65
CA LEU A 82 0.68 4.05 2.21
C LEU A 82 1.96 3.96 1.39
N LYS A 83 2.92 3.17 1.89
CA LYS A 83 4.19 2.99 1.20
C LYS A 83 4.13 1.80 0.26
N ILE A 84 4.42 2.06 -1.01
CA ILE A 84 4.41 1.01 -2.03
C ILE A 84 5.81 0.67 -2.50
N ASP A 85 6.00 -0.55 -2.99
CA ASP A 85 7.31 -1.00 -3.47
C ASP A 85 7.69 -0.26 -4.75
N ARG A 86 6.68 0.10 -5.54
CA ARG A 86 6.93 0.80 -6.79
C ARG A 86 7.47 -0.15 -7.86
N ALA A 87 6.76 -1.26 -8.08
CA ALA A 87 7.17 -2.24 -9.07
C ALA A 87 6.88 -1.75 -10.48
N GLU A 88 7.95 -1.49 -11.24
CA GLU A 88 7.82 -1.01 -12.60
C GLU A 88 7.05 -2.02 -13.46
N THR A 89 7.34 -3.31 -13.24
CA THR A 89 6.68 -4.37 -13.99
C THR A 89 5.93 -5.32 -13.07
N ARG A 90 6.28 -5.27 -11.78
CA ARG A 90 5.63 -6.13 -10.79
C ARG A 90 5.89 -7.60 -11.09
N LEU A 91 7.07 -7.89 -11.62
CA LEU A 91 7.45 -9.26 -11.95
C LEU A 91 8.46 -9.80 -10.95
N TRP A 92 9.64 -9.21 -10.93
CA TRP A 92 10.71 -9.63 -10.02
C TRP A 92 11.80 -8.57 -9.93
N SER A 93 12.58 -8.64 -8.85
CA SER A 93 13.67 -7.68 -8.64
C SER A 93 14.66 -8.20 -7.61
N PRO A 94 15.95 -7.96 -7.87
CA PRO A 94 17.03 -8.40 -6.96
C PRO A 94 17.04 -7.63 -5.65
N GLN A 95 16.33 -6.51 -5.63
CA GLN A 95 16.26 -5.68 -4.42
C GLN A 95 14.92 -4.96 -4.35
N VAL A 96 14.46 -4.70 -3.13
CA VAL A 96 13.19 -4.01 -2.91
C VAL A 96 13.42 -2.53 -2.61
N SER A 97 12.50 -1.70 -3.07
CA SER A 97 12.59 -0.26 -2.86
C SER A 97 13.07 0.05 -1.43
N SER A 98 12.21 -0.26 -0.47
CA SER A 98 12.54 -0.01 0.94
C SER A 98 13.95 -0.51 1.27
N GLY A 99 14.51 -0.01 2.36
CA GLY A 99 15.85 -0.40 2.76
C GLY A 99 16.70 0.77 3.19
N PRO A 100 18.02 0.54 3.29
CA PRO A 100 18.97 1.59 3.69
C PRO A 100 19.14 2.66 2.63
N SER A 101 19.04 3.92 3.06
CA SER A 101 19.17 5.05 2.13
C SER A 101 19.75 6.26 2.86
N SER A 102 21.00 6.59 2.53
CA SER A 102 21.67 7.73 3.14
C SER A 102 21.77 8.89 2.16
N GLY A 103 20.69 9.14 1.43
CA GLY A 103 20.68 10.22 0.46
C GLY A 103 20.40 9.74 -0.95
N GLY A 1 23.51 -2.71 -6.43
CA GLY A 1 22.92 -1.39 -6.29
C GLY A 1 21.64 -1.43 -5.48
N SER A 2 21.72 -1.95 -4.26
CA SER A 2 20.55 -2.04 -3.39
C SER A 2 20.16 -0.67 -2.87
N SER A 3 19.05 -0.14 -3.37
CA SER A 3 18.58 1.18 -2.96
C SER A 3 17.12 1.10 -2.51
N GLY A 4 16.71 2.06 -1.68
CA GLY A 4 15.35 2.08 -1.18
C GLY A 4 14.34 2.31 -2.28
N SER A 5 14.17 3.58 -2.68
CA SER A 5 13.21 3.92 -3.73
C SER A 5 11.78 3.63 -3.28
N SER A 6 11.51 3.88 -2.01
CA SER A 6 10.18 3.63 -1.45
C SER A 6 9.14 4.55 -2.10
N GLY A 7 8.01 3.99 -2.50
CA GLY A 7 6.96 4.76 -3.12
C GLY A 7 5.96 5.30 -2.11
N ASN A 8 6.18 6.53 -1.67
CA ASN A 8 5.28 7.15 -0.70
C ASN A 8 3.98 7.60 -1.35
N VAL A 9 2.88 7.42 -0.64
CA VAL A 9 1.57 7.79 -1.16
C VAL A 9 0.68 8.36 -0.04
N VAL A 10 0.51 9.67 -0.05
CA VAL A 10 -0.33 10.33 0.96
C VAL A 10 -1.65 10.78 0.37
N LEU A 11 -2.69 10.01 0.62
CA LEU A 11 -4.03 10.32 0.12
C LEU A 11 -4.77 11.25 1.07
N PRO A 12 -5.42 12.29 0.51
CA PRO A 12 -6.17 13.26 1.30
C PRO A 12 -7.44 12.67 1.91
N GLY A 13 -7.54 12.74 3.23
CA GLY A 13 -8.71 12.20 3.92
C GLY A 13 -9.56 13.29 4.54
N PRO A 14 -10.37 12.90 5.54
CA PRO A 14 -10.42 11.52 6.03
C PRO A 14 -11.08 10.57 5.03
N ALA A 15 -11.28 9.34 5.43
CA ALA A 15 -11.90 8.33 4.57
C ALA A 15 -13.29 8.78 4.13
N PRO A 16 -13.85 8.07 3.13
CA PRO A 16 -13.18 6.93 2.50
C PRO A 16 -11.98 7.36 1.65
N TRP A 17 -11.32 6.40 1.04
CA TRP A 17 -10.16 6.67 0.20
C TRP A 17 -10.47 6.39 -1.27
N GLY A 18 -10.85 5.17 -1.57
CA GLY A 18 -11.18 4.79 -2.93
C GLY A 18 -10.30 3.66 -3.45
N PHE A 19 -9.89 2.78 -2.55
CA PHE A 19 -9.04 1.65 -2.93
C PHE A 19 -9.37 0.43 -2.08
N ARG A 20 -9.31 -0.75 -2.71
CA ARG A 20 -9.61 -2.00 -2.01
C ARG A 20 -8.32 -2.71 -1.60
N LEU A 21 -8.46 -3.80 -0.87
CA LEU A 21 -7.31 -4.58 -0.41
C LEU A 21 -7.45 -6.05 -0.78
N SER A 22 -6.33 -6.72 -1.01
CA SER A 22 -6.33 -8.13 -1.38
C SER A 22 -5.17 -8.87 -0.72
N GLY A 23 -5.28 -10.18 -0.63
CA GLY A 23 -4.23 -10.98 -0.02
C GLY A 23 -4.13 -10.77 1.48
N GLY A 24 -2.94 -10.97 2.03
CA GLY A 24 -2.74 -10.80 3.45
C GLY A 24 -1.72 -11.77 4.02
N ILE A 25 -1.02 -11.36 5.08
CA ILE A 25 -0.02 -12.19 5.70
C ILE A 25 -0.63 -13.45 6.30
N ASP A 26 -1.96 -13.47 6.38
CA ASP A 26 -2.67 -14.61 6.93
C ASP A 26 -3.05 -15.60 5.83
N PHE A 27 -3.14 -15.10 4.60
CA PHE A 27 -3.49 -15.94 3.46
C PHE A 27 -2.25 -16.34 2.67
N ASN A 28 -1.08 -16.13 3.28
CA ASN A 28 0.19 -16.45 2.63
C ASN A 28 0.35 -15.70 1.32
N GLN A 29 -0.19 -14.48 1.27
CA GLN A 29 -0.11 -13.65 0.08
C GLN A 29 0.10 -12.19 0.45
N PRO A 30 0.79 -11.44 -0.44
CA PRO A 30 1.08 -10.03 -0.24
C PRO A 30 -0.18 -9.16 -0.31
N LEU A 31 -0.16 -8.04 0.39
CA LEU A 31 -1.29 -7.12 0.40
C LEU A 31 -1.30 -6.27 -0.87
N VAL A 32 -2.24 -6.57 -1.77
CA VAL A 32 -2.37 -5.83 -3.02
C VAL A 32 -3.80 -5.35 -3.23
N ILE A 33 -3.95 -4.13 -3.72
CA ILE A 33 -5.25 -3.56 -3.97
C ILE A 33 -6.04 -4.41 -4.96
N THR A 34 -7.36 -4.52 -4.73
CA THR A 34 -8.22 -5.30 -5.60
C THR A 34 -8.79 -4.44 -6.72
N ARG A 35 -9.26 -3.25 -6.37
CA ARG A 35 -9.83 -2.33 -7.36
C ARG A 35 -9.61 -0.88 -6.94
N ILE A 36 -9.80 0.04 -7.88
CA ILE A 36 -9.62 1.46 -7.61
C ILE A 36 -10.78 2.28 -8.19
N THR A 37 -11.13 3.36 -7.50
CA THR A 37 -12.21 4.23 -7.94
C THR A 37 -11.74 5.20 -9.01
N PRO A 38 -12.30 5.03 -10.23
CA PRO A 38 -11.96 5.89 -11.37
C PRO A 38 -12.48 7.31 -11.21
N GLY A 39 -11.66 8.17 -10.61
CA GLY A 39 -12.05 9.55 -10.41
C GLY A 39 -12.34 9.86 -8.95
N SER A 40 -11.38 9.55 -8.08
CA SER A 40 -11.54 9.79 -6.65
C SER A 40 -10.18 10.02 -5.99
N LYS A 41 -10.20 10.15 -4.66
CA LYS A 41 -8.97 10.38 -3.91
C LYS A 41 -7.97 9.26 -4.16
N ALA A 42 -8.47 8.09 -4.52
CA ALA A 42 -7.61 6.95 -4.80
C ALA A 42 -6.97 7.05 -6.17
N ALA A 43 -7.78 6.84 -7.22
CA ALA A 43 -7.29 6.91 -8.59
C ALA A 43 -6.55 8.23 -8.83
N ALA A 44 -7.11 9.32 -8.34
CA ALA A 44 -6.50 10.63 -8.50
C ALA A 44 -5.11 10.68 -7.88
N ALA A 45 -4.87 9.79 -6.92
CA ALA A 45 -3.58 9.71 -6.25
C ALA A 45 -2.64 8.74 -6.94
N ASN A 46 -2.89 8.50 -8.22
CA ASN A 46 -2.07 7.58 -9.00
C ASN A 46 -2.08 6.18 -8.40
N LEU A 47 -3.26 5.73 -7.98
CA LEU A 47 -3.41 4.41 -7.39
C LEU A 47 -4.03 3.43 -8.37
N CYS A 48 -3.54 2.20 -8.37
CA CYS A 48 -4.04 1.16 -9.25
C CYS A 48 -4.01 -0.21 -8.58
N PRO A 49 -4.92 -1.09 -8.99
CA PRO A 49 -5.01 -2.45 -8.45
C PRO A 49 -3.85 -3.32 -8.86
N GLY A 50 -2.91 -3.52 -7.93
CA GLY A 50 -1.74 -4.35 -8.22
C GLY A 50 -0.55 -3.95 -7.39
N ASP A 51 -0.63 -2.79 -6.74
CA ASP A 51 0.47 -2.31 -5.91
C ASP A 51 0.61 -3.13 -4.64
N VAL A 52 1.83 -3.24 -4.12
CA VAL A 52 2.09 -4.00 -2.92
C VAL A 52 2.18 -3.09 -1.70
N ILE A 53 1.22 -3.22 -0.79
CA ILE A 53 1.20 -2.41 0.42
C ILE A 53 2.30 -2.83 1.39
N LEU A 54 3.22 -1.91 1.65
CA LEU A 54 4.33 -2.20 2.56
C LEU A 54 3.98 -1.76 3.98
N ALA A 55 3.49 -0.54 4.12
CA ALA A 55 3.11 -0.01 5.42
C ALA A 55 1.85 0.84 5.34
N ILE A 56 1.12 0.93 6.44
CA ILE A 56 -0.11 1.71 6.49
C ILE A 56 -0.03 2.80 7.54
N ASP A 57 -0.47 4.01 7.17
CA ASP A 57 -0.44 5.14 8.09
C ASP A 57 0.83 5.15 8.92
N GLY A 58 1.90 4.59 8.36
CA GLY A 58 3.16 4.53 9.08
C GLY A 58 3.30 3.28 9.93
N PHE A 59 2.76 2.17 9.42
CA PHE A 59 2.81 0.90 10.15
C PHE A 59 3.01 -0.26 9.18
N GLY A 60 4.23 -0.80 9.14
CA GLY A 60 4.53 -1.91 8.26
C GLY A 60 3.59 -3.08 8.46
N THR A 61 3.21 -3.73 7.38
CA THR A 61 2.30 -4.88 7.44
C THR A 61 3.08 -6.18 7.61
N GLU A 62 4.10 -6.15 8.47
CA GLU A 62 4.92 -7.33 8.71
C GLU A 62 4.14 -8.37 9.51
N SER A 63 3.25 -7.91 10.38
CA SER A 63 2.45 -8.80 11.20
C SER A 63 0.99 -8.37 11.21
N MET A 64 0.57 -7.70 10.14
CA MET A 64 -0.81 -7.23 10.02
C MET A 64 -1.58 -8.05 8.99
N THR A 65 -2.47 -8.90 9.48
CA THR A 65 -3.28 -9.74 8.59
C THR A 65 -4.31 -8.93 7.84
N HIS A 66 -4.89 -9.51 6.80
CA HIS A 66 -5.90 -8.84 6.00
C HIS A 66 -6.88 -8.08 6.89
N ALA A 67 -7.52 -8.79 7.80
CA ALA A 67 -8.49 -8.19 8.71
C ALA A 67 -7.88 -6.97 9.40
N ASP A 68 -6.67 -7.13 9.91
CA ASP A 68 -5.98 -6.04 10.61
C ASP A 68 -5.92 -4.79 9.73
N ALA A 69 -5.57 -4.98 8.46
CA ALA A 69 -5.47 -3.88 7.52
C ALA A 69 -6.82 -3.16 7.38
N GLN A 70 -7.88 -3.95 7.24
CA GLN A 70 -9.22 -3.39 7.09
C GLN A 70 -9.58 -2.48 8.26
N ASP A 71 -9.05 -2.83 9.44
CA ASP A 71 -9.31 -2.05 10.65
C ASP A 71 -8.32 -0.90 10.77
N ARG A 72 -7.26 -0.93 9.96
CA ARG A 72 -6.24 0.10 9.98
C ARG A 72 -6.51 1.16 8.91
N ILE A 73 -7.21 0.76 7.86
CA ILE A 73 -7.54 1.67 6.77
C ILE A 73 -8.80 2.47 7.08
N LYS A 74 -9.81 1.78 7.60
CA LYS A 74 -11.07 2.43 7.95
C LYS A 74 -10.89 3.37 9.12
N ALA A 75 -10.00 3.01 10.04
CA ALA A 75 -9.73 3.83 11.22
C ALA A 75 -8.56 4.76 10.98
N ALA A 76 -8.19 4.94 9.72
CA ALA A 76 -7.07 5.80 9.35
C ALA A 76 -7.31 7.23 9.84
N SER A 77 -6.34 8.10 9.59
CA SER A 77 -6.44 9.50 10.00
C SER A 77 -6.76 10.39 8.81
N TYR A 78 -6.93 11.69 9.08
CA TYR A 78 -7.24 12.64 8.03
C TYR A 78 -6.36 12.43 6.81
N GLN A 79 -5.18 11.85 7.03
CA GLN A 79 -4.24 11.60 5.95
C GLN A 79 -3.73 10.16 6.00
N LEU A 80 -3.87 9.44 4.89
CA LEU A 80 -3.42 8.06 4.81
C LEU A 80 -2.09 7.95 4.10
N CYS A 81 -1.11 7.34 4.76
CA CYS A 81 0.22 7.17 4.18
C CYS A 81 0.49 5.70 3.86
N LEU A 82 0.08 5.28 2.67
CA LEU A 82 0.28 3.90 2.23
C LEU A 82 1.55 3.78 1.40
N LYS A 83 2.49 2.97 1.88
CA LYS A 83 3.75 2.76 1.18
C LYS A 83 3.64 1.58 0.22
N ILE A 84 4.36 1.67 -0.90
CA ILE A 84 4.34 0.62 -1.90
C ILE A 84 5.73 0.41 -2.49
N ASP A 85 6.02 -0.83 -2.89
CA ASP A 85 7.31 -1.16 -3.48
C ASP A 85 7.26 -1.02 -5.01
N ARG A 86 6.61 0.03 -5.48
CA ARG A 86 6.48 0.28 -6.91
C ARG A 86 6.19 -1.02 -7.66
N ALA A 87 5.36 -1.87 -7.07
CA ALA A 87 5.01 -3.14 -7.68
C ALA A 87 4.28 -2.93 -9.00
N GLU A 88 4.99 -3.14 -10.11
CA GLU A 88 4.41 -2.97 -11.44
C GLU A 88 4.00 -4.31 -12.03
N THR A 89 4.86 -5.32 -11.84
CA THR A 89 4.59 -6.66 -12.35
C THR A 89 4.84 -7.72 -11.29
N ARG A 90 5.11 -7.27 -10.07
CA ARG A 90 5.36 -8.18 -8.96
C ARG A 90 4.35 -9.32 -8.94
N LEU A 91 4.75 -10.48 -9.44
CA LEU A 91 3.88 -11.64 -9.47
C LEU A 91 3.58 -12.16 -8.07
N TRP A 92 4.56 -12.04 -7.19
CA TRP A 92 4.41 -12.49 -5.81
C TRP A 92 4.81 -11.39 -4.83
N SER A 93 4.81 -11.73 -3.54
CA SER A 93 5.17 -10.76 -2.51
C SER A 93 6.63 -10.34 -2.64
N PRO A 94 6.83 -9.07 -3.03
CA PRO A 94 8.18 -8.50 -3.21
C PRO A 94 8.92 -8.33 -1.88
N GLN A 95 10.01 -7.58 -1.92
CA GLN A 95 10.81 -7.34 -0.73
C GLN A 95 10.82 -5.85 -0.38
N VAL A 96 10.49 -5.54 0.87
CA VAL A 96 10.46 -4.16 1.34
C VAL A 96 11.56 -3.34 0.65
N SER A 97 11.14 -2.25 0.00
CA SER A 97 12.08 -1.38 -0.69
C SER A 97 13.09 -0.78 0.29
N SER A 98 12.57 -0.18 1.36
CA SER A 98 13.43 0.44 2.37
C SER A 98 13.32 -0.30 3.70
N GLY A 99 14.15 -1.33 3.87
CA GLY A 99 14.14 -2.10 5.10
C GLY A 99 15.29 -1.74 6.02
N PRO A 100 14.98 -1.56 7.32
CA PRO A 100 15.98 -1.21 8.33
C PRO A 100 16.93 -2.36 8.63
N SER A 101 16.37 -3.55 8.83
CA SER A 101 17.17 -4.74 9.13
C SER A 101 17.25 -5.65 7.92
N SER A 102 18.23 -5.41 7.06
CA SER A 102 18.42 -6.21 5.85
C SER A 102 19.33 -7.39 6.12
N GLY A 103 19.14 -8.04 7.27
CA GLY A 103 19.95 -9.19 7.63
C GLY A 103 19.16 -10.25 8.35
N GLY A 1 21.92 2.81 -11.20
CA GLY A 1 21.37 2.25 -9.98
C GLY A 1 20.63 3.29 -9.16
N SER A 2 19.63 2.84 -8.39
CA SER A 2 18.84 3.74 -7.56
C SER A 2 19.09 3.46 -6.08
N SER A 3 19.00 4.51 -5.27
CA SER A 3 19.22 4.39 -3.83
C SER A 3 17.98 4.80 -3.06
N GLY A 4 17.13 3.82 -2.73
CA GLY A 4 15.92 4.09 -1.99
C GLY A 4 14.75 4.44 -2.90
N SER A 5 13.99 3.43 -3.30
CA SER A 5 12.85 3.64 -4.18
C SER A 5 11.55 3.45 -3.42
N SER A 6 11.42 4.14 -2.29
CA SER A 6 10.22 4.05 -1.46
C SER A 6 9.08 4.86 -2.07
N GLY A 7 8.07 4.16 -2.60
CA GLY A 7 6.94 4.83 -3.20
C GLY A 7 6.00 5.43 -2.17
N ASN A 8 6.25 6.69 -1.81
CA ASN A 8 5.44 7.38 -0.84
C ASN A 8 4.08 7.77 -1.42
N VAL A 9 3.01 7.37 -0.75
CA VAL A 9 1.66 7.67 -1.21
C VAL A 9 0.77 8.11 -0.04
N VAL A 10 0.48 9.40 0.01
CA VAL A 10 -0.36 9.96 1.07
C VAL A 10 -1.69 10.47 0.50
N LEU A 11 -2.74 9.66 0.65
CA LEU A 11 -4.06 10.03 0.16
C LEU A 11 -4.74 11.03 1.11
N PRO A 12 -5.25 12.13 0.54
CA PRO A 12 -5.93 13.16 1.31
C PRO A 12 -7.28 12.70 1.86
N GLY A 13 -7.41 12.72 3.18
CA GLY A 13 -8.65 12.29 3.80
C GLY A 13 -9.49 13.47 4.28
N PRO A 14 -10.31 13.23 5.31
CA PRO A 14 -10.40 11.92 5.97
C PRO A 14 -11.07 10.86 5.08
N ALA A 15 -11.20 9.66 5.60
CA ALA A 15 -11.82 8.57 4.85
C ALA A 15 -13.27 8.89 4.50
N PRO A 16 -13.86 8.09 3.61
CA PRO A 16 -13.17 6.95 2.98
C PRO A 16 -12.08 7.40 2.01
N TRP A 17 -11.40 6.42 1.41
CA TRP A 17 -10.34 6.72 0.46
C TRP A 17 -10.79 6.41 -0.97
N GLY A 18 -11.15 5.15 -1.21
CA GLY A 18 -11.58 4.74 -2.53
C GLY A 18 -10.67 3.70 -3.15
N PHE A 19 -10.03 2.91 -2.30
CA PHE A 19 -9.12 1.86 -2.78
C PHE A 19 -9.32 0.57 -2.00
N ARG A 20 -9.24 -0.56 -2.71
CA ARG A 20 -9.42 -1.87 -2.08
C ARG A 20 -8.07 -2.52 -1.81
N LEU A 21 -8.11 -3.66 -1.13
CA LEU A 21 -6.88 -4.40 -0.82
C LEU A 21 -7.02 -5.87 -1.19
N SER A 22 -5.88 -6.54 -1.34
CA SER A 22 -5.87 -7.96 -1.70
C SER A 22 -4.72 -8.68 -1.01
N GLY A 23 -4.98 -9.92 -0.60
CA GLY A 23 -3.96 -10.71 0.06
C GLY A 23 -4.04 -10.59 1.57
N GLY A 24 -2.90 -10.74 2.25
CA GLY A 24 -2.86 -10.66 3.69
C GLY A 24 -1.84 -11.59 4.31
N ILE A 25 -1.02 -11.07 5.22
CA ILE A 25 -0.01 -11.87 5.88
C ILE A 25 -0.59 -13.17 6.41
N ASP A 26 -1.91 -13.21 6.55
CA ASP A 26 -2.58 -14.41 7.04
C ASP A 26 -2.79 -15.42 5.91
N PHE A 27 -3.00 -14.91 4.70
CA PHE A 27 -3.22 -15.77 3.54
C PHE A 27 -1.91 -15.97 2.77
N ASN A 28 -0.79 -15.66 3.42
CA ASN A 28 0.52 -15.81 2.80
C ASN A 28 0.56 -15.10 1.44
N GLN A 29 -0.02 -13.90 1.40
CA GLN A 29 -0.04 -13.11 0.17
C GLN A 29 0.22 -11.64 0.46
N PRO A 30 0.81 -10.94 -0.53
CA PRO A 30 1.13 -9.52 -0.41
C PRO A 30 -0.13 -8.64 -0.39
N LEU A 31 -0.06 -7.54 0.36
CA LEU A 31 -1.19 -6.62 0.46
C LEU A 31 -1.18 -5.63 -0.70
N VAL A 32 -1.94 -5.94 -1.74
CA VAL A 32 -2.02 -5.07 -2.91
C VAL A 32 -3.44 -4.52 -3.08
N ILE A 33 -3.61 -3.64 -4.06
CA ILE A 33 -4.91 -3.04 -4.33
C ILE A 33 -5.76 -3.96 -5.20
N THR A 34 -7.03 -4.12 -4.81
CA THR A 34 -7.94 -4.97 -5.56
C THR A 34 -8.80 -4.14 -6.52
N ARG A 35 -9.01 -2.87 -6.18
CA ARG A 35 -9.81 -1.99 -7.01
C ARG A 35 -9.58 -0.53 -6.64
N ILE A 36 -9.89 0.37 -7.55
CA ILE A 36 -9.71 1.80 -7.32
C ILE A 36 -10.88 2.60 -7.89
N THR A 37 -11.24 3.69 -7.21
CA THR A 37 -12.33 4.54 -7.65
C THR A 37 -11.89 5.46 -8.78
N PRO A 38 -12.53 5.33 -9.94
CA PRO A 38 -12.22 6.14 -11.12
C PRO A 38 -12.66 7.60 -10.95
N GLY A 39 -11.67 8.49 -10.79
CA GLY A 39 -11.97 9.89 -10.61
C GLY A 39 -12.29 10.24 -9.18
N SER A 40 -11.31 10.07 -8.30
CA SER A 40 -11.49 10.36 -6.87
C SER A 40 -10.16 10.33 -6.14
N LYS A 41 -10.22 10.48 -4.82
CA LYS A 41 -9.02 10.46 -4.00
C LYS A 41 -8.20 9.20 -4.24
N ALA A 42 -8.88 8.14 -4.69
CA ALA A 42 -8.22 6.88 -4.97
C ALA A 42 -7.41 6.95 -6.26
N ALA A 43 -8.12 6.99 -7.40
CA ALA A 43 -7.46 7.07 -8.70
C ALA A 43 -6.64 8.36 -8.83
N ALA A 44 -7.25 9.48 -8.44
CA ALA A 44 -6.58 10.77 -8.51
C ALA A 44 -5.22 10.72 -7.83
N ALA A 45 -5.07 9.83 -6.87
CA ALA A 45 -3.82 9.67 -6.13
C ALA A 45 -2.88 8.72 -6.85
N ASN A 46 -3.12 8.51 -8.15
CA ASN A 46 -2.29 7.63 -8.96
C ASN A 46 -2.29 6.21 -8.38
N LEU A 47 -3.47 5.75 -7.95
CA LEU A 47 -3.61 4.42 -7.37
C LEU A 47 -4.22 3.46 -8.39
N CYS A 48 -3.72 2.22 -8.40
CA CYS A 48 -4.22 1.21 -9.33
C CYS A 48 -4.25 -0.16 -8.65
N PRO A 49 -5.21 -1.00 -9.08
CA PRO A 49 -5.37 -2.35 -8.53
C PRO A 49 -4.23 -3.28 -8.93
N GLY A 50 -3.21 -3.34 -8.09
CA GLY A 50 -2.07 -4.20 -8.36
C GLY A 50 -0.85 -3.84 -7.54
N ASP A 51 -0.73 -2.55 -7.19
CA ASP A 51 0.39 -2.08 -6.40
C ASP A 51 0.51 -2.87 -5.10
N VAL A 52 1.71 -2.90 -4.53
CA VAL A 52 1.95 -3.62 -3.29
C VAL A 52 1.93 -2.67 -2.09
N ILE A 53 1.50 -3.19 -0.94
CA ILE A 53 1.42 -2.40 0.27
C ILE A 53 2.42 -2.89 1.32
N LEU A 54 3.51 -2.16 1.48
CA LEU A 54 4.54 -2.51 2.45
C LEU A 54 4.12 -2.10 3.87
N ALA A 55 3.67 -0.86 4.01
CA ALA A 55 3.24 -0.34 5.30
C ALA A 55 1.95 0.48 5.16
N ILE A 56 1.07 0.34 6.14
CA ILE A 56 -0.19 1.06 6.13
C ILE A 56 -0.17 2.23 7.12
N ASP A 57 -0.45 3.43 6.63
CA ASP A 57 -0.47 4.62 7.46
C ASP A 57 0.78 4.68 8.33
N GLY A 58 1.92 4.27 7.78
CA GLY A 58 3.16 4.28 8.53
C GLY A 58 3.27 3.11 9.48
N PHE A 59 2.77 1.96 9.06
CA PHE A 59 2.81 0.76 9.89
C PHE A 59 2.99 -0.49 9.03
N GLY A 60 4.18 -1.05 9.05
CA GLY A 60 4.45 -2.25 8.26
C GLY A 60 3.39 -3.30 8.43
N THR A 61 3.16 -4.09 7.38
CA THR A 61 2.16 -5.14 7.41
C THR A 61 2.79 -6.49 7.73
N GLU A 62 3.81 -6.48 8.58
CA GLU A 62 4.50 -7.71 8.96
C GLU A 62 3.68 -8.51 9.97
N SER A 63 2.89 -7.79 10.78
CA SER A 63 2.07 -8.44 11.80
C SER A 63 0.62 -7.96 11.70
N MET A 64 0.25 -7.45 10.53
CA MET A 64 -1.10 -6.95 10.30
C MET A 64 -1.82 -7.81 9.25
N THR A 65 -2.67 -8.71 9.72
CA THR A 65 -3.43 -9.57 8.83
C THR A 65 -4.51 -8.81 8.09
N HIS A 66 -4.95 -9.35 6.96
CA HIS A 66 -6.00 -8.72 6.15
C HIS A 66 -7.06 -8.08 7.04
N ALA A 67 -7.63 -8.90 7.93
CA ALA A 67 -8.66 -8.42 8.84
C ALA A 67 -8.20 -7.18 9.61
N ASP A 68 -6.93 -7.19 10.01
CA ASP A 68 -6.36 -6.07 10.76
C ASP A 68 -6.29 -4.82 9.89
N ALA A 69 -5.92 -5.00 8.62
CA ALA A 69 -5.82 -3.89 7.70
C ALA A 69 -7.15 -3.13 7.60
N GLN A 70 -8.24 -3.87 7.66
CA GLN A 70 -9.57 -3.28 7.57
C GLN A 70 -9.82 -2.32 8.73
N ASP A 71 -9.33 -2.70 9.90
CA ASP A 71 -9.51 -1.87 11.10
C ASP A 71 -8.48 -0.73 11.11
N ARG A 72 -7.49 -0.82 10.23
CA ARG A 72 -6.45 0.19 10.15
C ARG A 72 -6.82 1.26 9.12
N ILE A 73 -7.42 0.83 8.01
CA ILE A 73 -7.81 1.74 6.95
C ILE A 73 -9.05 2.54 7.35
N LYS A 74 -9.98 1.88 8.02
CA LYS A 74 -11.21 2.54 8.46
C LYS A 74 -10.92 3.53 9.59
N ALA A 75 -9.96 3.18 10.44
CA ALA A 75 -9.59 4.04 11.56
C ALA A 75 -8.38 4.91 11.21
N ALA A 76 -8.08 5.00 9.92
CA ALA A 76 -6.95 5.80 9.46
C ALA A 76 -7.01 7.22 10.01
N SER A 77 -6.08 8.06 9.57
CA SER A 77 -6.04 9.44 10.01
C SER A 77 -6.34 10.40 8.87
N TYR A 78 -6.32 11.70 9.17
CA TYR A 78 -6.61 12.72 8.16
C TYR A 78 -6.11 12.28 6.78
N GLN A 79 -5.00 11.56 6.77
CA GLN A 79 -4.42 11.08 5.52
C GLN A 79 -3.88 9.66 5.67
N LEU A 80 -3.99 8.87 4.62
CA LEU A 80 -3.52 7.48 4.64
C LEU A 80 -2.17 7.36 3.93
N CYS A 81 -1.17 6.90 4.66
CA CYS A 81 0.17 6.73 4.09
C CYS A 81 0.42 5.28 3.69
N LEU A 82 0.43 5.03 2.39
CA LEU A 82 0.65 3.68 1.88
C LEU A 82 1.96 3.60 1.09
N LYS A 83 2.94 2.92 1.67
CA LYS A 83 4.25 2.77 1.03
C LYS A 83 4.25 1.56 0.10
N ILE A 84 4.37 1.82 -1.20
CA ILE A 84 4.40 0.75 -2.18
C ILE A 84 5.84 0.39 -2.57
N ASP A 85 6.02 -0.82 -3.08
CA ASP A 85 7.34 -1.28 -3.50
C ASP A 85 7.66 -0.80 -4.91
N ARG A 86 7.21 0.41 -5.24
CA ARG A 86 7.46 0.98 -6.56
C ARG A 86 7.43 -0.12 -7.63
N ALA A 87 6.53 -1.08 -7.47
CA ALA A 87 6.40 -2.18 -8.42
C ALA A 87 5.99 -1.66 -9.80
N GLU A 88 6.91 -1.73 -10.75
CA GLU A 88 6.64 -1.26 -12.11
C GLU A 88 5.78 -2.28 -12.87
N THR A 89 6.04 -3.56 -12.60
CA THR A 89 5.29 -4.64 -13.27
C THR A 89 4.69 -5.59 -12.25
N ARG A 90 4.88 -5.28 -10.97
CA ARG A 90 4.35 -6.12 -9.89
C ARG A 90 4.40 -7.59 -10.29
N LEU A 91 5.59 -8.06 -10.65
CA LEU A 91 5.78 -9.46 -11.03
C LEU A 91 7.02 -10.04 -10.38
N TRP A 92 8.15 -9.39 -10.57
CA TRP A 92 9.42 -9.84 -9.99
C TRP A 92 10.13 -8.70 -9.26
N SER A 93 9.62 -8.34 -8.10
CA SER A 93 10.20 -7.26 -7.32
C SER A 93 10.54 -7.73 -5.91
N PRO A 94 11.59 -8.55 -5.79
CA PRO A 94 12.05 -9.09 -4.50
C PRO A 94 12.66 -8.03 -3.62
N GLN A 95 13.60 -7.28 -4.17
CA GLN A 95 14.27 -6.21 -3.42
C GLN A 95 14.38 -4.93 -4.24
N VAL A 96 13.41 -4.05 -4.07
CA VAL A 96 13.39 -2.79 -4.80
C VAL A 96 13.28 -1.60 -3.85
N SER A 97 13.00 -1.89 -2.58
CA SER A 97 12.87 -0.85 -1.57
C SER A 97 13.75 -1.14 -0.36
N SER A 98 14.86 -0.43 -0.26
CA SER A 98 15.79 -0.61 0.85
C SER A 98 15.57 0.44 1.94
N GLY A 99 15.45 1.69 1.52
CA GLY A 99 15.23 2.77 2.46
C GLY A 99 16.09 3.98 2.17
N PRO A 100 15.58 5.18 2.53
CA PRO A 100 16.30 6.43 2.30
C PRO A 100 17.51 6.58 3.21
N SER A 101 18.69 6.31 2.65
CA SER A 101 19.94 6.41 3.40
C SER A 101 19.94 5.43 4.57
N SER A 102 19.48 4.21 4.32
CA SER A 102 19.43 3.18 5.35
C SER A 102 20.37 2.03 5.01
N GLY A 103 21.65 2.22 5.33
CA GLY A 103 22.64 1.19 5.06
C GLY A 103 23.00 1.11 3.59
N GLY A 1 22.41 3.44 -11.08
CA GLY A 1 21.10 3.35 -10.48
C GLY A 1 20.65 1.91 -10.28
N SER A 2 20.10 1.62 -9.11
CA SER A 2 19.63 0.28 -8.79
C SER A 2 18.11 0.22 -8.75
N SER A 3 17.57 -0.95 -9.05
CA SER A 3 16.11 -1.14 -9.06
C SER A 3 15.57 -1.25 -7.63
N GLY A 4 14.99 -0.16 -7.16
CA GLY A 4 14.44 -0.15 -5.81
C GLY A 4 14.43 1.25 -5.20
N SER A 5 13.23 1.80 -5.03
CA SER A 5 13.08 3.14 -4.46
C SER A 5 11.80 3.24 -3.65
N SER A 6 11.94 3.45 -2.34
CA SER A 6 10.79 3.57 -1.46
C SER A 6 9.67 4.38 -2.12
N GLY A 7 8.45 3.83 -2.08
CA GLY A 7 7.33 4.52 -2.68
C GLY A 7 6.32 4.99 -1.65
N ASN A 8 6.28 6.30 -1.43
CA ASN A 8 5.36 6.88 -0.46
C ASN A 8 4.07 7.32 -1.13
N VAL A 9 2.95 7.09 -0.45
CA VAL A 9 1.65 7.45 -0.98
C VAL A 9 0.73 7.97 0.12
N VAL A 10 0.30 9.23 0.00
CA VAL A 10 -0.58 9.84 0.98
C VAL A 10 -1.87 10.32 0.34
N LEU A 11 -2.94 9.55 0.52
CA LEU A 11 -4.24 9.90 -0.04
C LEU A 11 -5.00 10.83 0.89
N PRO A 12 -5.59 11.89 0.31
CA PRO A 12 -6.36 12.88 1.07
C PRO A 12 -7.67 12.32 1.59
N GLY A 13 -7.89 12.46 2.90
CA GLY A 13 -9.12 11.96 3.50
C GLY A 13 -10.03 13.07 3.97
N PRO A 14 -10.95 12.74 4.89
CA PRO A 14 -11.08 11.38 5.41
C PRO A 14 -11.62 10.41 4.38
N ALA A 15 -12.00 9.21 4.83
CA ALA A 15 -12.53 8.19 3.94
C ALA A 15 -13.91 8.56 3.43
N PRO A 16 -14.39 7.83 2.42
CA PRO A 16 -13.65 6.73 1.81
C PRO A 16 -12.44 7.21 1.02
N TRP A 17 -11.61 6.27 0.59
CA TRP A 17 -10.41 6.60 -0.19
C TRP A 17 -10.64 6.38 -1.67
N GLY A 18 -11.13 5.18 -2.01
CA GLY A 18 -11.38 4.86 -3.41
C GLY A 18 -10.58 3.67 -3.88
N PHE A 19 -9.66 3.20 -3.03
CA PHE A 19 -8.82 2.06 -3.38
C PHE A 19 -9.29 0.80 -2.64
N ARG A 20 -8.87 -0.35 -3.15
CA ARG A 20 -9.25 -1.62 -2.55
C ARG A 20 -8.02 -2.37 -2.05
N LEU A 21 -8.25 -3.51 -1.40
CA LEU A 21 -7.15 -4.32 -0.87
C LEU A 21 -7.36 -5.79 -1.19
N SER A 22 -6.27 -6.53 -1.29
CA SER A 22 -6.33 -7.96 -1.61
C SER A 22 -5.11 -8.69 -1.04
N GLY A 23 -5.34 -9.91 -0.57
CA GLY A 23 -4.25 -10.70 -0.02
C GLY A 23 -4.13 -10.54 1.48
N GLY A 24 -3.03 -11.06 2.05
CA GLY A 24 -2.83 -10.96 3.48
C GLY A 24 -1.78 -11.94 3.98
N ILE A 25 -0.91 -11.47 4.85
CA ILE A 25 0.15 -12.31 5.41
C ILE A 25 -0.38 -13.69 5.76
N ASP A 26 -1.63 -13.75 6.18
CA ASP A 26 -2.27 -15.02 6.55
C ASP A 26 -2.48 -15.89 5.32
N PHE A 27 -2.85 -15.26 4.22
CA PHE A 27 -3.10 -15.98 2.97
C PHE A 27 -1.82 -16.08 2.14
N ASN A 28 -0.68 -15.91 2.80
CA ASN A 28 0.62 -15.99 2.13
C ASN A 28 0.64 -15.08 0.90
N GLN A 29 -0.15 -14.02 0.94
CA GLN A 29 -0.23 -13.07 -0.17
C GLN A 29 -0.05 -11.64 0.32
N PRO A 30 0.75 -10.85 -0.41
CA PRO A 30 1.02 -9.45 -0.07
C PRO A 30 -0.20 -8.56 -0.26
N LEU A 31 -0.41 -7.64 0.67
CA LEU A 31 -1.55 -6.73 0.60
C LEU A 31 -1.44 -5.81 -0.62
N VAL A 32 -2.20 -6.15 -1.66
CA VAL A 32 -2.20 -5.35 -2.88
C VAL A 32 -3.57 -4.74 -3.15
N ILE A 33 -3.62 -3.78 -4.06
CA ILE A 33 -4.87 -3.12 -4.42
C ILE A 33 -5.66 -3.94 -5.42
N THR A 34 -6.96 -4.07 -5.18
CA THR A 34 -7.84 -4.84 -6.06
C THR A 34 -8.34 -3.98 -7.22
N ARG A 35 -8.78 -2.77 -6.89
CA ARG A 35 -9.29 -1.85 -7.90
C ARG A 35 -9.04 -0.40 -7.49
N ILE A 36 -9.14 0.52 -8.45
CA ILE A 36 -8.92 1.93 -8.19
C ILE A 36 -10.03 2.77 -8.81
N THR A 37 -10.66 3.62 -8.00
CA THR A 37 -11.73 4.48 -8.46
C THR A 37 -11.23 5.46 -9.53
N PRO A 38 -11.81 5.37 -10.74
CA PRO A 38 -11.43 6.23 -11.86
C PRO A 38 -11.87 7.68 -11.64
N GLY A 39 -10.90 8.57 -11.51
CA GLY A 39 -11.20 9.98 -11.31
C GLY A 39 -11.69 10.26 -9.90
N SER A 40 -10.81 10.09 -8.92
CA SER A 40 -11.16 10.32 -7.52
C SER A 40 -9.91 10.30 -6.65
N LYS A 41 -10.12 10.40 -5.33
CA LYS A 41 -9.02 10.39 -4.38
C LYS A 41 -8.11 9.18 -4.61
N ALA A 42 -8.68 8.13 -5.17
CA ALA A 42 -7.91 6.91 -5.45
C ALA A 42 -7.00 7.09 -6.66
N ALA A 43 -7.61 7.12 -7.84
CA ALA A 43 -6.85 7.29 -9.07
C ALA A 43 -6.07 8.61 -9.07
N ALA A 44 -6.75 9.68 -8.69
CA ALA A 44 -6.12 11.00 -8.64
C ALA A 44 -4.84 10.97 -7.82
N ALA A 45 -4.67 9.91 -7.02
CA ALA A 45 -3.49 9.75 -6.20
C ALA A 45 -2.48 8.82 -6.85
N ASN A 46 -2.57 8.68 -8.17
CA ASN A 46 -1.67 7.82 -8.91
C ASN A 46 -1.72 6.39 -8.37
N LEU A 47 -2.92 5.93 -8.05
CA LEU A 47 -3.10 4.58 -7.53
C LEU A 47 -3.41 3.59 -8.65
N CYS A 48 -3.10 2.32 -8.42
CA CYS A 48 -3.35 1.29 -9.41
C CYS A 48 -3.42 -0.09 -8.76
N PRO A 49 -4.33 -0.93 -9.26
CA PRO A 49 -4.52 -2.29 -8.74
C PRO A 49 -3.34 -3.21 -9.04
N GLY A 50 -2.53 -3.47 -8.03
CA GLY A 50 -1.37 -4.33 -8.20
C GLY A 50 -0.21 -3.93 -7.32
N ASP A 51 -0.27 -2.72 -6.78
CA ASP A 51 0.78 -2.22 -5.91
C ASP A 51 0.91 -3.07 -4.65
N VAL A 52 2.13 -3.17 -4.14
CA VAL A 52 2.39 -3.97 -2.93
C VAL A 52 2.46 -3.07 -1.70
N ILE A 53 1.49 -3.21 -0.82
CA ILE A 53 1.45 -2.42 0.41
C ILE A 53 2.54 -2.86 1.38
N LEU A 54 3.62 -2.09 1.42
CA LEU A 54 4.74 -2.39 2.31
C LEU A 54 4.39 -2.06 3.75
N ALA A 55 3.76 -0.90 3.95
CA ALA A 55 3.36 -0.47 5.29
C ALA A 55 2.07 0.33 5.25
N ILE A 56 1.27 0.21 6.30
CA ILE A 56 -0.01 0.92 6.39
C ILE A 56 0.03 1.98 7.48
N ASP A 57 -0.29 3.22 7.12
CA ASP A 57 -0.31 4.31 8.08
C ASP A 57 1.01 4.37 8.86
N GLY A 58 2.09 3.97 8.20
CA GLY A 58 3.39 3.97 8.85
C GLY A 58 3.62 2.75 9.71
N PHE A 59 3.18 1.59 9.22
CA PHE A 59 3.34 0.34 9.94
C PHE A 59 3.41 -0.84 8.99
N GLY A 60 4.60 -1.43 8.86
CA GLY A 60 4.78 -2.57 7.97
C GLY A 60 3.73 -3.64 8.17
N THR A 61 3.37 -4.33 7.10
CA THR A 61 2.36 -5.38 7.16
C THR A 61 3.01 -6.75 7.36
N GLU A 62 4.07 -6.79 8.16
CA GLU A 62 4.78 -8.03 8.43
C GLU A 62 3.99 -8.90 9.42
N SER A 63 3.19 -8.25 10.25
CA SER A 63 2.40 -8.96 11.25
C SER A 63 0.95 -8.47 11.24
N MET A 64 0.54 -7.87 10.13
CA MET A 64 -0.81 -7.35 9.98
C MET A 64 -1.57 -8.11 8.90
N THR A 65 -2.52 -8.94 9.32
CA THR A 65 -3.31 -9.72 8.38
C THR A 65 -4.35 -8.86 7.69
N HIS A 66 -4.96 -9.41 6.63
CA HIS A 66 -5.97 -8.68 5.87
C HIS A 66 -7.00 -8.05 6.81
N ALA A 67 -7.52 -8.84 7.73
CA ALA A 67 -8.50 -8.35 8.69
C ALA A 67 -7.95 -7.18 9.50
N ASP A 68 -6.70 -7.30 9.93
CA ASP A 68 -6.05 -6.25 10.71
C ASP A 68 -5.96 -4.96 9.91
N ALA A 69 -5.64 -5.08 8.62
CA ALA A 69 -5.53 -3.92 7.75
C ALA A 69 -6.80 -3.09 7.76
N GLN A 70 -7.95 -3.76 7.77
CA GLN A 70 -9.23 -3.08 7.78
C GLN A 70 -9.37 -2.19 9.01
N ASP A 71 -8.76 -2.61 10.12
CA ASP A 71 -8.80 -1.84 11.36
C ASP A 71 -7.85 -0.66 11.30
N ARG A 72 -6.98 -0.65 10.29
CA ARG A 72 -6.01 0.42 10.12
C ARG A 72 -6.51 1.44 9.10
N ILE A 73 -7.20 0.97 8.08
CA ILE A 73 -7.73 1.83 7.04
C ILE A 73 -9.02 2.51 7.49
N LYS A 74 -9.85 1.78 8.23
CA LYS A 74 -11.11 2.31 8.72
C LYS A 74 -10.87 3.36 9.79
N ALA A 75 -9.88 3.11 10.66
CA ALA A 75 -9.55 4.04 11.73
C ALA A 75 -8.45 5.00 11.30
N ALA A 76 -8.19 5.05 9.99
CA ALA A 76 -7.17 5.94 9.46
C ALA A 76 -7.38 7.37 9.92
N SER A 77 -6.54 8.28 9.41
CA SER A 77 -6.64 9.69 9.77
C SER A 77 -6.98 10.54 8.54
N TYR A 78 -7.15 11.84 8.76
CA TYR A 78 -7.48 12.76 7.69
C TYR A 78 -6.73 12.39 6.41
N GLN A 79 -5.58 11.75 6.57
CA GLN A 79 -4.76 11.35 5.43
C GLN A 79 -4.26 9.92 5.60
N LEU A 80 -4.38 9.12 4.54
CA LEU A 80 -3.94 7.73 4.58
C LEU A 80 -2.54 7.58 3.99
N CYS A 81 -1.62 7.10 4.79
CA CYS A 81 -0.24 6.90 4.35
C CYS A 81 0.04 5.44 4.04
N LEU A 82 0.13 5.12 2.76
CA LEU A 82 0.39 3.75 2.33
C LEU A 82 1.70 3.66 1.57
N LYS A 83 2.53 2.68 1.93
CA LYS A 83 3.82 2.48 1.28
C LYS A 83 3.71 1.45 0.17
N ILE A 84 4.40 1.70 -0.94
CA ILE A 84 4.39 0.78 -2.08
C ILE A 84 5.80 0.51 -2.58
N ASP A 85 6.00 -0.69 -3.13
CA ASP A 85 7.31 -1.07 -3.65
C ASP A 85 7.30 -1.06 -5.17
N ARG A 86 6.58 -0.11 -5.76
CA ARG A 86 6.50 0.01 -7.21
C ARG A 86 6.53 -1.37 -7.87
N ALA A 87 5.72 -2.28 -7.36
CA ALA A 87 5.64 -3.63 -7.90
C ALA A 87 5.06 -3.62 -9.31
N GLU A 88 5.91 -3.87 -10.30
CA GLU A 88 5.47 -3.90 -11.69
C GLU A 88 4.96 -5.28 -12.08
N THR A 89 5.68 -6.31 -11.66
CA THR A 89 5.30 -7.68 -11.96
C THR A 89 5.21 -8.52 -10.68
N ARG A 90 5.65 -7.95 -9.57
CA ARG A 90 5.63 -8.64 -8.29
C ARG A 90 6.20 -10.05 -8.42
N LEU A 91 7.36 -10.15 -9.05
CA LEU A 91 8.01 -11.45 -9.24
C LEU A 91 8.98 -11.74 -8.10
N TRP A 92 9.25 -13.02 -7.88
CA TRP A 92 10.16 -13.45 -6.83
C TRP A 92 11.30 -12.45 -6.66
N SER A 93 11.14 -11.53 -5.72
CA SER A 93 12.16 -10.52 -5.46
C SER A 93 11.99 -9.91 -4.07
N PRO A 94 13.13 -9.59 -3.42
CA PRO A 94 13.13 -9.00 -2.07
C PRO A 94 12.60 -7.57 -2.07
N GLN A 95 12.44 -7.02 -0.88
CA GLN A 95 11.94 -5.66 -0.73
C GLN A 95 13.09 -4.66 -0.65
N VAL A 96 13.56 -4.21 -1.79
CA VAL A 96 14.66 -3.25 -1.85
C VAL A 96 14.17 -1.83 -1.58
N SER A 97 12.85 -1.65 -1.58
CA SER A 97 12.26 -0.35 -1.33
C SER A 97 12.33 0.02 0.15
N SER A 98 11.95 -0.93 1.00
CA SER A 98 11.96 -0.71 2.44
C SER A 98 13.29 -0.08 2.87
N GLY A 99 13.25 1.22 3.16
CA GLY A 99 14.43 1.93 3.58
C GLY A 99 15.25 1.14 4.59
N PRO A 100 16.55 0.98 4.32
CA PRO A 100 17.46 0.25 5.19
C PRO A 100 17.73 0.98 6.50
N SER A 101 17.09 2.13 6.66
CA SER A 101 17.26 2.93 7.87
C SER A 101 17.44 2.03 9.09
N SER A 102 18.58 2.18 9.76
CA SER A 102 18.88 1.39 10.95
C SER A 102 18.49 2.13 12.23
N GLY A 103 18.08 1.38 13.24
CA GLY A 103 17.68 1.99 14.49
C GLY A 103 17.25 0.96 15.52
N GLY A 1 15.56 8.83 6.89
CA GLY A 1 15.04 9.61 5.77
C GLY A 1 14.43 8.72 4.69
N SER A 2 14.96 8.84 3.47
CA SER A 2 14.46 8.05 2.36
C SER A 2 15.59 7.26 1.70
N SER A 3 15.60 5.95 1.95
CA SER A 3 16.64 5.08 1.39
C SER A 3 16.04 4.10 0.40
N GLY A 4 16.35 4.26 -0.87
CA GLY A 4 15.84 3.38 -1.90
C GLY A 4 14.58 3.93 -2.55
N SER A 5 14.18 3.31 -3.66
CA SER A 5 13.00 3.73 -4.39
C SER A 5 11.74 3.49 -3.56
N SER A 6 11.43 4.43 -2.67
CA SER A 6 10.26 4.32 -1.81
C SER A 6 9.07 5.09 -2.41
N GLY A 7 8.10 4.34 -2.93
CA GLY A 7 6.93 4.97 -3.53
C GLY A 7 5.95 5.47 -2.49
N ASN A 8 6.17 6.69 -2.01
CA ASN A 8 5.30 7.30 -1.01
C ASN A 8 3.95 7.65 -1.60
N VAL A 9 2.89 7.42 -0.84
CA VAL A 9 1.53 7.72 -1.30
C VAL A 9 0.66 8.20 -0.14
N VAL A 10 0.40 9.51 -0.11
CA VAL A 10 -0.42 10.09 0.95
C VAL A 10 -1.78 10.51 0.41
N LEU A 11 -2.79 9.69 0.65
CA LEU A 11 -4.15 9.97 0.20
C LEU A 11 -4.91 10.81 1.22
N PRO A 12 -5.67 11.81 0.74
CA PRO A 12 -6.46 12.69 1.60
C PRO A 12 -7.64 11.97 2.24
N GLY A 13 -7.86 12.23 3.52
CA GLY A 13 -8.96 11.60 4.22
C GLY A 13 -9.83 12.61 4.96
N PRO A 14 -10.61 12.12 5.93
CA PRO A 14 -10.65 10.70 6.28
C PRO A 14 -11.30 9.85 5.18
N ALA A 15 -11.57 8.59 5.49
CA ALA A 15 -12.19 7.68 4.54
C ALA A 15 -13.60 8.14 4.20
N PRO A 16 -14.16 7.57 3.12
CA PRO A 16 -13.48 6.56 2.30
C PRO A 16 -12.32 7.16 1.51
N TRP A 17 -11.44 6.30 1.02
CA TRP A 17 -10.29 6.74 0.23
C TRP A 17 -10.53 6.56 -1.26
N GLY A 18 -10.99 5.36 -1.64
CA GLY A 18 -11.26 5.08 -3.04
C GLY A 18 -10.54 3.83 -3.52
N PHE A 19 -9.60 3.34 -2.72
CA PHE A 19 -8.84 2.16 -3.08
C PHE A 19 -9.21 0.98 -2.19
N ARG A 20 -9.07 -0.24 -2.72
CA ARG A 20 -9.39 -1.44 -1.96
C ARG A 20 -8.12 -2.20 -1.57
N LEU A 21 -8.29 -3.26 -0.81
CA LEU A 21 -7.15 -4.07 -0.37
C LEU A 21 -7.41 -5.56 -0.61
N SER A 22 -6.34 -6.32 -0.80
CA SER A 22 -6.45 -7.76 -1.04
C SER A 22 -5.29 -8.50 -0.40
N GLY A 23 -5.33 -9.83 -0.49
CA GLY A 23 -4.27 -10.65 0.08
C GLY A 23 -4.14 -10.46 1.57
N GLY A 24 -2.95 -10.72 2.10
CA GLY A 24 -2.72 -10.58 3.52
C GLY A 24 -1.68 -11.56 4.04
N ILE A 25 -0.93 -11.14 5.06
CA ILE A 25 0.10 -11.99 5.65
C ILE A 25 -0.50 -13.27 6.22
N ASP A 26 -1.82 -13.29 6.35
CA ASP A 26 -2.52 -14.44 6.87
C ASP A 26 -2.91 -15.40 5.75
N PHE A 27 -3.12 -14.86 4.57
CA PHE A 27 -3.49 -15.66 3.41
C PHE A 27 -2.27 -16.07 2.61
N ASN A 28 -1.09 -15.81 3.16
CA ASN A 28 0.17 -16.13 2.50
C ASN A 28 0.28 -15.41 1.15
N GLN A 29 -0.10 -14.14 1.14
CA GLN A 29 -0.04 -13.34 -0.08
C GLN A 29 0.19 -11.87 0.25
N PRO A 30 0.79 -11.14 -0.70
CA PRO A 30 1.09 -9.71 -0.54
C PRO A 30 -0.18 -8.85 -0.53
N LEU A 31 -0.18 -7.82 0.30
CA LEU A 31 -1.33 -6.92 0.40
C LEU A 31 -1.36 -5.94 -0.76
N VAL A 32 -2.26 -6.19 -1.71
CA VAL A 32 -2.40 -5.33 -2.88
C VAL A 32 -3.83 -4.81 -3.00
N ILE A 33 -4.01 -3.86 -3.92
CA ILE A 33 -5.33 -3.28 -4.14
C ILE A 33 -6.19 -4.17 -5.03
N THR A 34 -7.47 -4.26 -4.70
CA THR A 34 -8.40 -5.08 -5.48
C THR A 34 -9.00 -4.29 -6.63
N ARG A 35 -9.31 -3.02 -6.38
CA ARG A 35 -9.88 -2.16 -7.40
C ARG A 35 -9.67 -0.69 -7.06
N ILE A 36 -9.70 0.15 -8.09
CA ILE A 36 -9.51 1.58 -7.90
C ILE A 36 -10.67 2.38 -8.49
N THR A 37 -11.07 3.45 -7.80
CA THR A 37 -12.17 4.28 -8.26
C THR A 37 -11.71 5.23 -9.37
N PRO A 38 -12.31 5.07 -10.56
CA PRO A 38 -11.99 5.90 -11.72
C PRO A 38 -12.45 7.34 -11.57
N GLY A 39 -11.54 8.21 -11.16
CA GLY A 39 -11.88 9.62 -10.97
C GLY A 39 -12.20 9.94 -9.52
N SER A 40 -11.23 9.72 -8.63
CA SER A 40 -11.43 10.00 -7.22
C SER A 40 -10.08 10.16 -6.51
N LYS A 41 -10.14 10.31 -5.19
CA LYS A 41 -8.93 10.48 -4.40
C LYS A 41 -7.98 9.30 -4.59
N ALA A 42 -8.53 8.17 -5.01
CA ALA A 42 -7.74 6.96 -5.23
C ALA A 42 -7.04 7.02 -6.58
N ALA A 43 -7.81 6.84 -7.65
CA ALA A 43 -7.27 6.87 -9.01
C ALA A 43 -6.48 8.14 -9.26
N ALA A 44 -7.03 9.27 -8.81
CA ALA A 44 -6.38 10.56 -8.99
C ALA A 44 -5.03 10.60 -8.26
N ALA A 45 -4.87 9.71 -7.28
CA ALA A 45 -3.63 9.64 -6.52
C ALA A 45 -2.65 8.65 -7.14
N ASN A 46 -2.93 8.25 -8.38
CA ASN A 46 -2.07 7.30 -9.09
C ASN A 46 -2.16 5.91 -8.48
N LEU A 47 -3.37 5.55 -8.01
CA LEU A 47 -3.59 4.26 -7.40
C LEU A 47 -4.13 3.26 -8.42
N CYS A 48 -3.64 2.02 -8.35
CA CYS A 48 -4.07 0.97 -9.27
C CYS A 48 -4.10 -0.38 -8.58
N PRO A 49 -5.01 -1.26 -9.03
CA PRO A 49 -5.16 -2.61 -8.47
C PRO A 49 -3.98 -3.51 -8.80
N GLY A 50 -3.01 -3.58 -7.89
CA GLY A 50 -1.84 -4.41 -8.11
C GLY A 50 -0.66 -3.96 -7.27
N ASP A 51 -0.68 -2.71 -6.84
CA ASP A 51 0.41 -2.17 -6.03
C ASP A 51 0.46 -2.85 -4.66
N VAL A 52 1.66 -3.10 -4.17
CA VAL A 52 1.85 -3.73 -2.87
C VAL A 52 1.90 -2.70 -1.75
N ILE A 53 1.34 -3.06 -0.60
CA ILE A 53 1.31 -2.17 0.54
C ILE A 53 2.37 -2.57 1.56
N LEU A 54 3.56 -1.99 1.44
CA LEU A 54 4.67 -2.29 2.35
C LEU A 54 4.30 -1.92 3.78
N ALA A 55 3.77 -0.71 3.96
CA ALA A 55 3.37 -0.23 5.27
C ALA A 55 2.07 0.56 5.21
N ILE A 56 1.38 0.65 6.34
CA ILE A 56 0.12 1.38 6.40
C ILE A 56 0.18 2.49 7.44
N ASP A 57 -0.17 3.70 7.03
CA ASP A 57 -0.16 4.86 7.93
C ASP A 57 1.01 4.78 8.90
N GLY A 58 2.12 4.22 8.42
CA GLY A 58 3.31 4.10 9.25
C GLY A 58 3.28 2.86 10.13
N PHE A 59 2.75 1.77 9.58
CA PHE A 59 2.66 0.51 10.33
C PHE A 59 2.99 -0.67 9.42
N GLY A 60 4.16 -1.26 9.65
CA GLY A 60 4.58 -2.40 8.85
C GLY A 60 3.46 -3.38 8.61
N THR A 61 3.36 -3.87 7.37
CA THR A 61 2.32 -4.82 7.02
C THR A 61 2.83 -6.26 7.10
N GLU A 62 3.81 -6.47 7.98
CA GLU A 62 4.39 -7.80 8.15
C GLU A 62 3.62 -8.59 9.22
N SER A 63 3.23 -7.90 10.28
CA SER A 63 2.49 -8.53 11.37
C SER A 63 1.02 -8.12 11.34
N MET A 64 0.60 -7.52 10.24
CA MET A 64 -0.78 -7.07 10.08
C MET A 64 -1.51 -7.92 9.05
N THR A 65 -2.51 -8.67 9.51
CA THR A 65 -3.29 -9.53 8.63
C THR A 65 -4.34 -8.73 7.87
N HIS A 66 -4.94 -9.35 6.86
CA HIS A 66 -5.97 -8.69 6.05
C HIS A 66 -7.03 -8.06 6.94
N ALA A 67 -7.60 -8.85 7.83
CA ALA A 67 -8.63 -8.36 8.74
C ALA A 67 -8.16 -7.11 9.49
N ASP A 68 -6.88 -7.10 9.86
CA ASP A 68 -6.31 -5.96 10.57
C ASP A 68 -6.28 -4.72 9.69
N ALA A 69 -5.79 -4.87 8.48
CA ALA A 69 -5.71 -3.76 7.54
C ALA A 69 -7.07 -3.08 7.38
N GLN A 70 -8.13 -3.87 7.46
CA GLN A 70 -9.49 -3.34 7.33
C GLN A 70 -9.83 -2.43 8.50
N ASP A 71 -9.21 -2.70 9.65
CA ASP A 71 -9.45 -1.90 10.84
C ASP A 71 -8.44 -0.78 10.97
N ARG A 72 -7.38 -0.85 10.15
CA ARG A 72 -6.34 0.16 10.17
C ARG A 72 -6.62 1.27 9.14
N ILE A 73 -7.25 0.89 8.04
CA ILE A 73 -7.58 1.83 6.98
C ILE A 73 -8.83 2.63 7.33
N LYS A 74 -9.85 1.94 7.83
CA LYS A 74 -11.10 2.59 8.21
C LYS A 74 -10.91 3.44 9.47
N ALA A 75 -10.07 2.95 10.39
CA ALA A 75 -9.81 3.66 11.63
C ALA A 75 -8.56 4.52 11.51
N ALA A 76 -8.11 4.74 10.28
CA ALA A 76 -6.92 5.54 10.03
C ALA A 76 -7.15 7.00 10.41
N SER A 77 -6.17 7.84 10.12
CA SER A 77 -6.27 9.27 10.44
C SER A 77 -6.74 10.05 9.22
N TYR A 78 -6.91 11.36 9.41
CA TYR A 78 -7.37 12.23 8.32
C TYR A 78 -6.58 11.97 7.05
N GLN A 79 -5.38 11.39 7.20
CA GLN A 79 -4.53 11.10 6.07
C GLN A 79 -3.98 9.68 6.16
N LEU A 80 -4.03 8.95 5.04
CA LEU A 80 -3.53 7.58 5.00
C LEU A 80 -2.24 7.49 4.20
N CYS A 81 -1.17 7.07 4.88
CA CYS A 81 0.13 6.95 4.23
C CYS A 81 0.46 5.48 3.94
N LEU A 82 0.62 5.15 2.67
CA LEU A 82 0.91 3.79 2.26
C LEU A 82 2.18 3.74 1.41
N LYS A 83 3.13 2.91 1.80
CA LYS A 83 4.39 2.77 1.07
C LYS A 83 4.32 1.61 0.08
N ILE A 84 4.44 1.92 -1.20
CA ILE A 84 4.39 0.88 -2.23
C ILE A 84 5.80 0.51 -2.71
N ASP A 85 5.98 -0.74 -3.08
CA ASP A 85 7.27 -1.22 -3.56
C ASP A 85 7.43 -0.98 -5.06
N ARG A 86 6.83 0.11 -5.55
CA ARG A 86 6.90 0.45 -6.96
C ARG A 86 6.88 -0.80 -7.82
N ALA A 87 6.18 -1.82 -7.36
CA ALA A 87 6.09 -3.08 -8.09
C ALA A 87 4.76 -3.17 -8.83
N GLU A 88 4.76 -2.80 -10.11
CA GLU A 88 3.56 -2.85 -10.93
C GLU A 88 3.37 -4.23 -11.54
N THR A 89 4.46 -4.82 -12.04
CA THR A 89 4.41 -6.14 -12.64
C THR A 89 4.53 -7.24 -11.59
N ARG A 90 4.97 -6.86 -10.39
CA ARG A 90 5.13 -7.80 -9.30
C ARG A 90 5.54 -9.18 -9.82
N LEU A 91 6.52 -9.18 -10.73
CA LEU A 91 7.01 -10.43 -11.31
C LEU A 91 8.44 -10.72 -10.85
N TRP A 92 9.38 -9.89 -11.31
CA TRP A 92 10.78 -10.06 -10.95
C TRP A 92 11.21 -8.99 -9.94
N SER A 93 11.63 -9.44 -8.76
CA SER A 93 12.06 -8.53 -7.71
C SER A 93 13.52 -8.77 -7.35
N PRO A 94 14.43 -8.33 -8.23
CA PRO A 94 15.87 -8.48 -8.03
C PRO A 94 16.40 -7.61 -6.90
N GLN A 95 15.93 -6.36 -6.85
CA GLN A 95 16.35 -5.42 -5.81
C GLN A 95 15.42 -4.22 -5.76
N VAL A 96 14.78 -4.02 -4.62
CA VAL A 96 13.86 -2.90 -4.43
C VAL A 96 13.86 -2.42 -2.98
N SER A 97 13.08 -1.38 -2.72
CA SER A 97 13.00 -0.82 -1.37
C SER A 97 12.64 -1.91 -0.36
N SER A 98 13.41 -1.97 0.72
CA SER A 98 13.19 -2.96 1.76
C SER A 98 12.54 -2.32 3.00
N GLY A 99 11.79 -3.12 3.75
CA GLY A 99 11.13 -2.61 4.94
C GLY A 99 12.08 -2.50 6.12
N PRO A 100 11.68 -1.69 7.12
CA PRO A 100 12.49 -1.47 8.32
C PRO A 100 12.54 -2.71 9.21
N SER A 101 11.44 -3.45 9.26
CA SER A 101 11.36 -4.65 10.07
C SER A 101 12.54 -5.59 9.77
N SER A 102 12.82 -5.78 8.49
CA SER A 102 13.91 -6.65 8.07
C SER A 102 15.26 -6.04 8.43
N GLY A 103 16.09 -6.84 9.10
CA GLY A 103 17.41 -6.37 9.49
C GLY A 103 17.37 -5.59 10.79
N GLY A 1 26.30 6.25 -2.17
CA GLY A 1 25.76 5.67 -3.39
C GLY A 1 24.58 4.76 -3.11
N SER A 2 23.39 5.19 -3.54
CA SER A 2 22.17 4.41 -3.32
C SER A 2 21.03 4.94 -4.17
N SER A 3 20.01 4.11 -4.38
CA SER A 3 18.85 4.51 -5.17
C SER A 3 17.56 4.36 -4.37
N GLY A 4 16.58 5.19 -4.68
CA GLY A 4 15.31 5.13 -3.99
C GLY A 4 14.28 4.30 -4.73
N SER A 5 13.66 3.36 -4.01
CA SER A 5 12.64 2.49 -4.61
C SER A 5 11.29 2.69 -3.93
N SER A 6 11.33 2.87 -2.61
CA SER A 6 10.11 3.06 -1.83
C SER A 6 9.13 3.97 -2.57
N GLY A 7 7.83 3.77 -2.32
CA GLY A 7 6.82 4.58 -2.96
C GLY A 7 5.83 5.16 -1.97
N ASN A 8 5.97 6.46 -1.71
CA ASN A 8 5.08 7.14 -0.77
C ASN A 8 3.73 7.43 -1.42
N VAL A 9 2.66 7.29 -0.63
CA VAL A 9 1.31 7.54 -1.13
C VAL A 9 0.41 8.09 -0.03
N VAL A 10 0.10 9.38 -0.13
CA VAL A 10 -0.75 10.04 0.86
C VAL A 10 -2.07 10.46 0.24
N LEU A 11 -3.13 9.68 0.50
CA LEU A 11 -4.44 9.98 -0.04
C LEU A 11 -5.24 10.87 0.93
N PRO A 12 -5.97 11.85 0.37
CA PRO A 12 -6.78 12.77 1.17
C PRO A 12 -7.99 12.10 1.80
N GLY A 13 -8.14 12.27 3.11
CA GLY A 13 -9.26 11.67 3.80
C GLY A 13 -10.14 12.70 4.50
N PRO A 14 -10.96 12.23 5.45
CA PRO A 14 -11.04 10.81 5.81
C PRO A 14 -11.66 9.97 4.70
N ALA A 15 -11.89 8.69 5.00
CA ALA A 15 -12.49 7.78 4.04
C ALA A 15 -13.87 8.26 3.60
N PRO A 16 -14.38 7.68 2.51
CA PRO A 16 -13.68 6.63 1.76
C PRO A 16 -12.45 7.17 1.02
N TRP A 17 -11.58 6.27 0.60
CA TRP A 17 -10.38 6.64 -0.13
C TRP A 17 -10.57 6.49 -1.63
N GLY A 18 -11.01 5.30 -2.04
CA GLY A 18 -11.23 5.04 -3.46
C GLY A 18 -10.46 3.83 -3.95
N PHE A 19 -9.55 3.33 -3.11
CA PHE A 19 -8.75 2.17 -3.47
C PHE A 19 -9.25 0.92 -2.75
N ARG A 20 -8.91 -0.24 -3.29
CA ARG A 20 -9.32 -1.51 -2.70
C ARG A 20 -8.13 -2.28 -2.16
N LEU A 21 -8.39 -3.41 -1.51
CA LEU A 21 -7.33 -4.23 -0.93
C LEU A 21 -7.60 -5.71 -1.19
N SER A 22 -6.53 -6.47 -1.41
CA SER A 22 -6.66 -7.89 -1.67
C SER A 22 -5.39 -8.63 -1.25
N GLY A 23 -5.55 -9.72 -0.50
CA GLY A 23 -4.41 -10.49 -0.04
C GLY A 23 -4.45 -10.77 1.44
N GLY A 24 -3.28 -10.79 2.07
CA GLY A 24 -3.21 -11.04 3.50
C GLY A 24 -2.14 -12.06 3.85
N ILE A 25 -1.22 -11.67 4.73
CA ILE A 25 -0.14 -12.54 5.15
C ILE A 25 -0.68 -13.93 5.53
N ASP A 26 -1.92 -13.95 6.01
CA ASP A 26 -2.55 -15.21 6.41
C ASP A 26 -2.92 -16.05 5.19
N PHE A 27 -3.29 -15.38 4.10
CA PHE A 27 -3.67 -16.07 2.87
C PHE A 27 -2.44 -16.36 2.02
N ASN A 28 -1.26 -16.14 2.59
CA ASN A 28 -0.01 -16.37 1.88
C ASN A 28 0.09 -15.49 0.64
N GLN A 29 -0.44 -14.28 0.74
CA GLN A 29 -0.42 -13.34 -0.38
C GLN A 29 -0.27 -11.91 0.13
N PRO A 30 0.53 -11.11 -0.58
CA PRO A 30 0.78 -9.71 -0.22
C PRO A 30 -0.44 -8.83 -0.46
N LEU A 31 -0.64 -7.84 0.40
CA LEU A 31 -1.78 -6.93 0.27
C LEU A 31 -1.61 -6.01 -0.93
N VAL A 32 -2.36 -6.28 -1.99
CA VAL A 32 -2.30 -5.48 -3.21
C VAL A 32 -3.68 -4.97 -3.61
N ILE A 33 -3.74 -3.72 -4.06
CA ILE A 33 -5.01 -3.13 -4.47
C ILE A 33 -5.74 -4.02 -5.46
N THR A 34 -7.06 -4.13 -5.29
CA THR A 34 -7.87 -4.95 -6.19
C THR A 34 -8.42 -4.13 -7.34
N ARG A 35 -8.69 -2.85 -7.08
CA ARG A 35 -9.23 -1.97 -8.11
C ARG A 35 -9.10 -0.51 -7.67
N ILE A 36 -9.00 0.39 -8.65
CA ILE A 36 -8.88 1.81 -8.38
C ILE A 36 -10.01 2.60 -9.03
N THR A 37 -10.53 3.60 -8.31
CA THR A 37 -11.60 4.42 -8.82
C THR A 37 -11.10 5.40 -9.89
N PRO A 38 -11.55 5.20 -11.13
CA PRO A 38 -11.16 6.05 -12.26
C PRO A 38 -11.75 7.45 -12.17
N GLY A 39 -10.95 8.38 -11.64
CA GLY A 39 -11.42 9.76 -11.51
C GLY A 39 -11.85 10.07 -10.09
N SER A 40 -10.92 9.95 -9.14
CA SER A 40 -11.21 10.23 -7.74
C SER A 40 -9.93 10.33 -6.93
N LYS A 41 -10.08 10.60 -5.63
CA LYS A 41 -8.93 10.73 -4.75
C LYS A 41 -8.00 9.51 -4.87
N ALA A 42 -8.57 8.39 -5.31
CA ALA A 42 -7.80 7.17 -5.47
C ALA A 42 -6.92 7.22 -6.71
N ALA A 43 -7.56 7.11 -7.88
CA ALA A 43 -6.83 7.16 -9.14
C ALA A 43 -6.02 8.44 -9.27
N ALA A 44 -6.64 9.57 -8.94
CA ALA A 44 -5.98 10.86 -9.02
C ALA A 44 -4.68 10.86 -8.21
N ALA A 45 -4.54 9.87 -7.34
CA ALA A 45 -3.35 9.75 -6.51
C ALA A 45 -2.34 8.79 -7.12
N ASN A 46 -2.50 8.51 -8.41
CA ASN A 46 -1.60 7.60 -9.12
C ASN A 46 -1.75 6.18 -8.59
N LEU A 47 -2.92 5.86 -8.07
CA LEU A 47 -3.20 4.53 -7.54
C LEU A 47 -3.56 3.56 -8.65
N CYS A 48 -3.10 2.31 -8.52
CA CYS A 48 -3.39 1.28 -9.52
C CYS A 48 -3.36 -0.10 -8.89
N PRO A 49 -4.19 -1.01 -9.43
CA PRO A 49 -4.29 -2.39 -8.93
C PRO A 49 -3.03 -3.21 -9.25
N GLY A 50 -2.20 -3.42 -8.24
CA GLY A 50 -0.98 -4.18 -8.43
C GLY A 50 0.11 -3.80 -7.45
N ASP A 51 -0.04 -2.63 -6.83
CA ASP A 51 0.93 -2.15 -5.86
C ASP A 51 0.85 -2.95 -4.56
N VAL A 52 2.02 -3.24 -3.99
CA VAL A 52 2.08 -4.00 -2.74
C VAL A 52 2.20 -3.07 -1.54
N ILE A 53 1.29 -3.23 -0.58
CA ILE A 53 1.29 -2.41 0.62
C ILE A 53 2.37 -2.86 1.58
N LEU A 54 3.42 -2.06 1.70
CA LEU A 54 4.54 -2.36 2.60
C LEU A 54 4.15 -2.12 4.05
N ALA A 55 3.66 -0.91 4.34
CA ALA A 55 3.26 -0.55 5.68
C ALA A 55 2.03 0.36 5.66
N ILE A 56 1.34 0.44 6.80
CA ILE A 56 0.14 1.28 6.91
C ILE A 56 0.37 2.42 7.89
N ASP A 57 0.22 3.64 7.41
CA ASP A 57 0.39 4.82 8.26
C ASP A 57 1.51 4.60 9.27
N GLY A 58 2.53 3.85 8.86
CA GLY A 58 3.65 3.58 9.75
C GLY A 58 3.44 2.32 10.57
N PHE A 59 2.86 1.30 9.94
CA PHE A 59 2.60 0.03 10.63
C PHE A 59 2.87 -1.15 9.68
N GLY A 60 3.98 -1.84 9.92
CA GLY A 60 4.32 -2.98 9.09
C GLY A 60 3.15 -3.91 8.86
N THR A 61 2.84 -4.18 7.59
CA THR A 61 1.74 -5.06 7.24
C THR A 61 2.20 -6.51 7.11
N GLU A 62 3.50 -6.70 6.92
CA GLU A 62 4.07 -8.02 6.78
C GLU A 62 3.79 -8.87 8.01
N SER A 63 3.31 -8.23 9.08
CA SER A 63 3.01 -8.92 10.32
C SER A 63 1.54 -8.70 10.71
N MET A 64 0.72 -8.35 9.74
CA MET A 64 -0.70 -8.11 9.97
C MET A 64 -1.56 -8.82 8.92
N THR A 65 -2.61 -9.49 9.38
CA THR A 65 -3.50 -10.20 8.47
C THR A 65 -4.52 -9.26 7.85
N HIS A 66 -5.06 -9.66 6.69
CA HIS A 66 -6.04 -8.85 5.99
C HIS A 66 -6.93 -8.09 6.98
N ALA A 67 -7.42 -8.80 7.98
CA ALA A 67 -8.28 -8.19 8.99
C ALA A 67 -7.62 -6.97 9.62
N ASP A 68 -6.37 -7.13 10.03
CA ASP A 68 -5.63 -6.03 10.64
C ASP A 68 -5.60 -4.81 9.73
N ALA A 69 -5.06 -4.97 8.53
CA ALA A 69 -4.97 -3.89 7.56
C ALA A 69 -6.28 -3.11 7.51
N GLN A 70 -7.40 -3.83 7.56
CA GLN A 70 -8.72 -3.20 7.52
C GLN A 70 -8.91 -2.26 8.70
N ASP A 71 -8.66 -2.77 9.91
CA ASP A 71 -8.81 -1.98 11.12
C ASP A 71 -7.85 -0.80 11.12
N ARG A 72 -6.89 -0.83 10.20
CA ARG A 72 -5.89 0.23 10.09
C ARG A 72 -6.34 1.30 9.10
N ILE A 73 -6.94 0.87 8.00
CA ILE A 73 -7.42 1.78 6.97
C ILE A 73 -8.69 2.49 7.42
N LYS A 74 -9.55 1.77 8.13
CA LYS A 74 -10.80 2.32 8.62
C LYS A 74 -10.56 3.28 9.78
N ALA A 75 -9.57 2.96 10.61
CA ALA A 75 -9.23 3.80 11.75
C ALA A 75 -8.15 4.81 11.40
N ALA A 76 -7.87 4.93 10.10
CA ALA A 76 -6.84 5.86 9.62
C ALA A 76 -7.14 7.29 10.07
N SER A 77 -6.32 8.23 9.62
CA SER A 77 -6.51 9.63 9.99
C SER A 77 -6.95 10.45 8.77
N TYR A 78 -7.19 11.74 9.01
CA TYR A 78 -7.62 12.63 7.94
C TYR A 78 -6.89 12.32 6.63
N GLN A 79 -5.69 11.75 6.76
CA GLN A 79 -4.90 11.41 5.59
C GLN A 79 -4.38 9.98 5.69
N LEU A 80 -4.46 9.24 4.59
CA LEU A 80 -4.00 7.85 4.55
C LEU A 80 -2.60 7.76 3.95
N CYS A 81 -1.65 7.29 4.76
CA CYS A 81 -0.26 7.16 4.31
C CYS A 81 0.11 5.69 4.13
N LEU A 82 0.21 5.25 2.88
CA LEU A 82 0.56 3.87 2.59
C LEU A 82 1.83 3.79 1.74
N LYS A 83 2.80 3.02 2.20
CA LYS A 83 4.06 2.86 1.48
C LYS A 83 4.02 1.63 0.59
N ILE A 84 4.46 1.80 -0.65
CA ILE A 84 4.48 0.70 -1.62
C ILE A 84 5.89 0.46 -2.14
N ASP A 85 6.13 -0.76 -2.63
CA ASP A 85 7.44 -1.12 -3.17
C ASP A 85 7.60 -0.61 -4.60
N ARG A 86 6.51 -0.66 -5.37
CA ARG A 86 6.53 -0.21 -6.75
C ARG A 86 7.36 -1.15 -7.62
N ALA A 87 7.12 -2.45 -7.47
CA ALA A 87 7.85 -3.45 -8.24
C ALA A 87 7.10 -3.82 -9.51
N GLU A 88 7.67 -3.47 -10.66
CA GLU A 88 7.05 -3.75 -11.95
C GLU A 88 7.13 -5.25 -12.27
N THR A 89 8.22 -5.89 -11.84
CA THR A 89 8.42 -7.31 -12.07
C THR A 89 7.91 -8.13 -10.90
N ARG A 90 6.88 -7.64 -10.23
CA ARG A 90 6.30 -8.33 -9.09
C ARG A 90 5.98 -9.78 -9.44
N LEU A 91 6.88 -10.68 -9.11
CA LEU A 91 6.70 -12.10 -9.38
C LEU A 91 6.53 -12.89 -8.10
N TRP A 92 7.21 -12.45 -7.04
CA TRP A 92 7.14 -13.11 -5.75
C TRP A 92 7.23 -12.11 -4.61
N SER A 93 7.28 -12.61 -3.38
CA SER A 93 7.36 -11.76 -2.20
C SER A 93 8.65 -10.93 -2.22
N PRO A 94 8.51 -9.62 -2.42
CA PRO A 94 9.65 -8.70 -2.46
C PRO A 94 10.31 -8.52 -1.09
N GLN A 95 11.29 -7.62 -1.02
CA GLN A 95 11.99 -7.37 0.24
C GLN A 95 11.87 -5.90 0.63
N VAL A 96 12.05 -5.62 1.91
CA VAL A 96 11.96 -4.25 2.42
C VAL A 96 12.50 -3.26 1.40
N SER A 97 11.62 -2.44 0.85
CA SER A 97 12.01 -1.44 -0.14
C SER A 97 13.03 -0.47 0.44
N SER A 98 12.75 0.02 1.65
CA SER A 98 13.63 0.96 2.32
C SER A 98 15.08 0.47 2.27
N GLY A 99 15.88 1.10 1.41
CA GLY A 99 17.27 0.72 1.29
C GLY A 99 17.49 -0.37 0.25
N PRO A 100 18.63 -0.30 -0.46
CA PRO A 100 18.97 -1.27 -1.49
C PRO A 100 19.30 -2.65 -0.91
N SER A 101 18.33 -3.56 -0.97
CA SER A 101 18.52 -4.90 -0.45
C SER A 101 19.71 -5.59 -1.11
N SER A 102 20.48 -6.32 -0.32
CA SER A 102 21.65 -7.01 -0.83
C SER A 102 21.95 -8.25 0.01
N GLY A 103 22.98 -9.01 -0.39
CA GLY A 103 23.34 -10.21 0.33
C GLY A 103 23.17 -11.46 -0.51
N GLY A 1 17.80 15.88 -5.70
CA GLY A 1 17.34 14.51 -5.55
C GLY A 1 17.10 13.84 -6.88
N SER A 2 15.83 13.65 -7.24
CA SER A 2 15.48 13.01 -8.49
C SER A 2 16.06 11.61 -8.58
N SER A 3 15.99 10.88 -7.46
CA SER A 3 16.53 9.52 -7.40
C SER A 3 15.48 8.55 -6.87
N GLY A 4 15.78 7.26 -6.95
CA GLY A 4 14.86 6.25 -6.47
C GLY A 4 14.63 6.33 -4.98
N SER A 5 13.42 6.71 -4.59
CA SER A 5 13.07 6.84 -3.18
C SER A 5 11.75 6.15 -2.88
N SER A 6 11.63 5.61 -1.66
CA SER A 6 10.42 4.92 -1.25
C SER A 6 9.18 5.55 -1.89
N GLY A 7 8.42 4.75 -2.62
CA GLY A 7 7.23 5.25 -3.28
C GLY A 7 6.16 5.68 -2.29
N ASN A 8 6.36 6.84 -1.68
CA ASN A 8 5.42 7.37 -0.70
C ASN A 8 4.08 7.71 -1.36
N VAL A 9 2.99 7.34 -0.70
CA VAL A 9 1.65 7.59 -1.22
C VAL A 9 0.72 8.09 -0.12
N VAL A 10 0.41 9.38 -0.13
CA VAL A 10 -0.47 9.97 0.86
C VAL A 10 -1.79 10.41 0.24
N LEU A 11 -2.89 9.80 0.66
CA LEU A 11 -4.20 10.13 0.15
C LEU A 11 -4.97 11.02 1.13
N PRO A 12 -5.66 12.03 0.60
CA PRO A 12 -6.45 12.97 1.41
C PRO A 12 -7.68 12.31 2.01
N GLY A 13 -7.74 12.25 3.34
CA GLY A 13 -8.87 11.64 4.02
C GLY A 13 -9.78 12.68 4.66
N PRO A 14 -10.59 12.22 5.62
CA PRO A 14 -10.61 10.82 6.05
C PRO A 14 -11.22 9.91 5.00
N ALA A 15 -11.42 8.64 5.37
CA ALA A 15 -12.00 7.66 4.45
C ALA A 15 -13.43 8.03 4.07
N PRO A 16 -13.96 7.36 3.04
CA PRO A 16 -13.22 6.33 2.30
C PRO A 16 -12.09 6.92 1.46
N TRP A 17 -11.36 6.05 0.76
CA TRP A 17 -10.26 6.49 -0.07
C TRP A 17 -10.57 6.25 -1.55
N GLY A 18 -10.91 5.02 -1.89
CA GLY A 18 -11.22 4.68 -3.26
C GLY A 18 -10.46 3.48 -3.75
N PHE A 19 -9.55 2.97 -2.92
CA PHE A 19 -8.74 1.81 -3.28
C PHE A 19 -9.13 0.60 -2.44
N ARG A 20 -9.00 -0.59 -3.01
CA ARG A 20 -9.33 -1.82 -2.31
C ARG A 20 -8.08 -2.53 -1.83
N LEU A 21 -8.26 -3.62 -1.10
CA LEU A 21 -7.13 -4.40 -0.58
C LEU A 21 -7.29 -5.88 -0.93
N SER A 22 -6.17 -6.58 -1.05
CA SER A 22 -6.17 -7.99 -1.40
C SER A 22 -5.05 -8.73 -0.67
N GLY A 23 -5.15 -10.05 -0.61
CA GLY A 23 -4.14 -10.85 0.06
C GLY A 23 -4.11 -10.64 1.56
N GLY A 24 -2.97 -10.89 2.17
CA GLY A 24 -2.84 -10.73 3.60
C GLY A 24 -1.86 -11.70 4.23
N ILE A 25 -1.05 -11.21 5.16
CA ILE A 25 -0.06 -12.05 5.83
C ILE A 25 -0.70 -13.30 6.41
N ASP A 26 -2.03 -13.29 6.51
CA ASP A 26 -2.77 -14.42 7.06
C ASP A 26 -3.11 -15.43 5.97
N PHE A 27 -3.18 -14.94 4.73
CA PHE A 27 -3.51 -15.80 3.60
C PHE A 27 -2.25 -16.16 2.82
N ASN A 28 -1.09 -15.85 3.39
CA ASN A 28 0.18 -16.14 2.75
C ASN A 28 0.30 -15.42 1.41
N GLN A 29 -0.16 -14.17 1.37
CA GLN A 29 -0.11 -13.38 0.16
C GLN A 29 0.16 -11.91 0.47
N PRO A 30 0.81 -11.21 -0.47
CA PRO A 30 1.15 -9.79 -0.31
C PRO A 30 -0.09 -8.90 -0.37
N LEU A 31 -0.08 -7.82 0.41
CA LEU A 31 -1.20 -6.89 0.44
C LEU A 31 -1.22 -6.03 -0.82
N VAL A 32 -2.09 -6.36 -1.75
CA VAL A 32 -2.21 -5.62 -3.00
C VAL A 32 -3.63 -5.13 -3.21
N ILE A 33 -3.78 -4.04 -3.95
CA ILE A 33 -5.09 -3.47 -4.22
C ILE A 33 -5.87 -4.33 -5.22
N THR A 34 -7.16 -4.51 -4.94
CA THR A 34 -8.01 -5.31 -5.80
C THR A 34 -8.58 -4.48 -6.95
N ARG A 35 -8.98 -3.25 -6.64
CA ARG A 35 -9.53 -2.34 -7.64
C ARG A 35 -9.36 -0.89 -7.21
N ILE A 36 -9.59 0.02 -8.15
CA ILE A 36 -9.46 1.44 -7.88
C ILE A 36 -10.61 2.23 -8.49
N THR A 37 -11.02 3.31 -7.82
CA THR A 37 -12.11 4.14 -8.30
C THR A 37 -11.63 5.14 -9.35
N PRO A 38 -12.20 5.04 -10.56
CA PRO A 38 -11.84 5.93 -11.67
C PRO A 38 -12.32 7.37 -11.45
N GLY A 39 -11.47 8.16 -10.80
CA GLY A 39 -11.81 9.54 -10.54
C GLY A 39 -12.15 9.79 -9.08
N SER A 40 -11.25 9.40 -8.19
CA SER A 40 -11.46 9.57 -6.76
C SER A 40 -10.15 9.84 -6.04
N LYS A 41 -10.20 9.93 -4.71
CA LYS A 41 -9.02 10.17 -3.90
C LYS A 41 -7.95 9.13 -4.17
N ALA A 42 -8.38 7.95 -4.62
CA ALA A 42 -7.45 6.87 -4.91
C ALA A 42 -6.82 7.03 -6.30
N ALA A 43 -7.61 6.80 -7.34
CA ALA A 43 -7.12 6.93 -8.70
C ALA A 43 -6.48 8.30 -8.93
N ALA A 44 -7.11 9.34 -8.42
CA ALA A 44 -6.60 10.70 -8.55
C ALA A 44 -5.25 10.85 -7.88
N ALA A 45 -4.95 9.93 -6.95
CA ALA A 45 -3.68 9.96 -6.24
C ALA A 45 -2.66 9.03 -6.88
N ASN A 46 -2.78 8.85 -8.19
CA ASN A 46 -1.87 7.99 -8.93
C ASN A 46 -1.88 6.56 -8.36
N LEU A 47 -3.08 6.07 -8.05
CA LEU A 47 -3.23 4.73 -7.51
C LEU A 47 -3.73 3.75 -8.57
N CYS A 48 -3.36 2.49 -8.42
CA CYS A 48 -3.77 1.46 -9.37
C CYS A 48 -3.78 0.08 -8.70
N PRO A 49 -4.70 -0.78 -9.15
CA PRO A 49 -4.85 -2.14 -8.61
C PRO A 49 -3.67 -3.04 -9.00
N GLY A 50 -2.71 -3.17 -8.10
CA GLY A 50 -1.55 -4.01 -8.37
C GLY A 50 -0.38 -3.68 -7.46
N ASP A 51 -0.39 -2.48 -6.89
CA ASP A 51 0.68 -2.04 -6.01
C ASP A 51 0.74 -2.91 -4.76
N VAL A 52 1.96 -3.19 -4.30
CA VAL A 52 2.16 -4.03 -3.11
C VAL A 52 2.31 -3.17 -1.87
N ILE A 53 1.24 -3.07 -1.08
CA ILE A 53 1.27 -2.28 0.15
C ILE A 53 2.36 -2.76 1.09
N LEU A 54 3.42 -1.97 1.23
CA LEU A 54 4.54 -2.32 2.10
C LEU A 54 4.18 -2.04 3.57
N ALA A 55 3.71 -0.84 3.84
CA ALA A 55 3.34 -0.45 5.19
C ALA A 55 2.09 0.43 5.18
N ILE A 56 1.45 0.55 6.34
CA ILE A 56 0.25 1.36 6.47
C ILE A 56 0.43 2.45 7.54
N ASP A 57 0.08 3.69 7.17
CA ASP A 57 0.19 4.81 8.08
C ASP A 57 1.49 4.73 8.89
N GLY A 58 2.51 4.11 8.29
CA GLY A 58 3.79 3.97 8.97
C GLY A 58 3.86 2.73 9.84
N PHE A 59 3.26 1.65 9.36
CA PHE A 59 3.26 0.39 10.10
C PHE A 59 3.45 -0.80 9.16
N GLY A 60 4.64 -1.40 9.22
CA GLY A 60 4.94 -2.54 8.38
C GLY A 60 3.81 -3.54 8.33
N THR A 61 3.44 -3.98 7.13
CA THR A 61 2.37 -4.95 6.97
C THR A 61 2.88 -6.39 7.13
N GLU A 62 3.92 -6.55 7.95
CA GLU A 62 4.50 -7.85 8.18
C GLU A 62 3.74 -8.60 9.27
N SER A 63 3.14 -7.85 10.19
CA SER A 63 2.38 -8.44 11.28
C SER A 63 0.92 -7.98 11.25
N MET A 64 0.53 -7.38 10.13
CA MET A 64 -0.83 -6.89 9.97
C MET A 64 -1.61 -7.79 9.01
N THR A 65 -2.54 -8.57 9.55
CA THR A 65 -3.36 -9.46 8.74
C THR A 65 -4.44 -8.71 7.99
N HIS A 66 -4.84 -9.23 6.84
CA HIS A 66 -5.87 -8.60 6.03
C HIS A 66 -6.95 -7.98 6.91
N ALA A 67 -7.55 -8.80 7.77
CA ALA A 67 -8.59 -8.34 8.68
C ALA A 67 -8.15 -7.10 9.44
N ASP A 68 -6.89 -7.08 9.84
CA ASP A 68 -6.35 -5.95 10.58
C ASP A 68 -6.33 -4.68 9.72
N ALA A 69 -5.82 -4.81 8.51
CA ALA A 69 -5.76 -3.68 7.59
C ALA A 69 -7.13 -3.03 7.43
N GLN A 70 -8.19 -3.82 7.61
CA GLN A 70 -9.55 -3.31 7.49
C GLN A 70 -9.89 -2.38 8.65
N ASP A 71 -9.24 -2.59 9.79
CA ASP A 71 -9.48 -1.76 10.96
C ASP A 71 -8.48 -0.61 11.02
N ARG A 72 -7.45 -0.68 10.19
CA ARG A 72 -6.42 0.37 10.15
C ARG A 72 -6.74 1.40 9.07
N ILE A 73 -7.33 0.93 7.96
CA ILE A 73 -7.68 1.82 6.86
C ILE A 73 -8.92 2.65 7.20
N LYS A 74 -9.90 2.00 7.82
CA LYS A 74 -11.14 2.68 8.20
C LYS A 74 -10.92 3.57 9.42
N ALA A 75 -10.05 3.13 10.31
CA ALA A 75 -9.75 3.90 11.52
C ALA A 75 -8.54 4.80 11.31
N ALA A 76 -8.05 4.85 10.08
CA ALA A 76 -6.90 5.68 9.74
C ALA A 76 -7.14 7.13 10.14
N SER A 77 -6.16 7.99 9.85
CA SER A 77 -6.27 9.40 10.18
C SER A 77 -6.66 10.23 8.97
N TYR A 78 -6.85 11.52 9.17
CA TYR A 78 -7.24 12.42 8.09
C TYR A 78 -6.51 12.06 6.79
N GLN A 79 -5.34 11.45 6.93
CA GLN A 79 -4.55 11.05 5.78
C GLN A 79 -3.98 9.64 5.97
N LEU A 80 -4.06 8.83 4.91
CA LEU A 80 -3.55 7.47 4.96
C LEU A 80 -2.26 7.34 4.16
N CYS A 81 -1.15 7.19 4.87
CA CYS A 81 0.15 7.05 4.24
C CYS A 81 0.49 5.58 3.99
N LEU A 82 0.53 5.19 2.73
CA LEU A 82 0.84 3.81 2.37
C LEU A 82 2.05 3.75 1.44
N LYS A 83 3.03 2.94 1.81
CA LYS A 83 4.25 2.78 1.03
C LYS A 83 4.10 1.64 0.02
N ILE A 84 4.66 1.84 -1.18
CA ILE A 84 4.59 0.82 -2.22
C ILE A 84 5.97 0.27 -2.54
N ASP A 85 6.03 -1.02 -2.86
CA ASP A 85 7.29 -1.67 -3.19
C ASP A 85 7.55 -1.63 -4.69
N ARG A 86 7.24 -0.50 -5.31
CA ARG A 86 7.44 -0.33 -6.75
C ARG A 86 7.29 -1.66 -7.47
N ALA A 87 6.27 -2.43 -7.09
CA ALA A 87 6.02 -3.72 -7.71
C ALA A 87 6.43 -3.72 -9.18
N GLU A 88 7.60 -4.30 -9.46
CA GLU A 88 8.11 -4.36 -10.82
C GLU A 88 7.03 -4.87 -11.78
N THR A 89 6.26 -5.85 -11.32
CA THR A 89 5.19 -6.42 -12.13
C THR A 89 4.27 -5.34 -12.70
N ARG A 90 4.16 -4.23 -11.97
CA ARG A 90 3.32 -3.12 -12.40
C ARG A 90 3.45 -2.89 -13.90
N LEU A 91 2.49 -3.42 -14.66
CA LEU A 91 2.50 -3.26 -16.11
C LEU A 91 3.11 -1.92 -16.51
N TRP A 92 2.79 -0.88 -15.75
CA TRP A 92 3.31 0.46 -16.03
C TRP A 92 3.29 1.32 -14.77
N SER A 93 4.41 1.99 -14.50
CA SER A 93 4.51 2.84 -13.32
C SER A 93 5.84 3.60 -13.33
N PRO A 94 5.76 4.94 -13.33
CA PRO A 94 6.95 5.81 -13.34
C PRO A 94 7.70 5.77 -12.01
N GLN A 95 6.97 5.96 -10.92
CA GLN A 95 7.57 5.94 -9.58
C GLN A 95 8.29 4.63 -9.34
N VAL A 96 9.42 4.71 -8.63
CA VAL A 96 10.21 3.52 -8.32
C VAL A 96 11.13 3.76 -7.13
N SER A 97 11.07 2.89 -6.15
CA SER A 97 11.89 3.00 -4.95
C SER A 97 13.17 2.18 -5.07
N SER A 98 14.26 2.85 -5.43
CA SER A 98 15.54 2.17 -5.60
C SER A 98 15.90 1.35 -4.36
N GLY A 99 16.16 2.05 -3.26
CA GLY A 99 16.50 1.36 -2.02
C GLY A 99 17.32 2.24 -1.09
N PRO A 100 16.64 3.08 -0.30
CA PRO A 100 17.30 3.99 0.64
C PRO A 100 17.92 3.25 1.82
N SER A 101 17.54 1.98 1.97
CA SER A 101 18.05 1.15 3.07
C SER A 101 19.54 1.44 3.31
N SER A 102 19.83 2.19 4.37
CA SER A 102 21.20 2.54 4.70
C SER A 102 21.99 1.30 5.11
N GLY A 103 21.52 0.64 6.17
CA GLY A 103 22.19 -0.56 6.65
C GLY A 103 21.27 -1.45 7.47
N GLY A 1 22.03 2.36 -12.15
CA GLY A 1 20.85 1.61 -12.56
C GLY A 1 19.56 2.30 -12.17
N SER A 2 19.27 2.34 -10.87
CA SER A 2 18.05 2.97 -10.38
C SER A 2 18.38 4.20 -9.56
N SER A 3 17.35 4.98 -9.22
CA SER A 3 17.53 6.19 -8.44
C SER A 3 16.66 6.16 -7.18
N GLY A 4 16.18 4.96 -6.83
CA GLY A 4 15.35 4.81 -5.66
C GLY A 4 14.02 4.14 -5.97
N SER A 5 13.57 3.28 -5.06
CA SER A 5 12.32 2.57 -5.24
C SER A 5 11.27 3.03 -4.23
N SER A 6 11.68 3.18 -2.98
CA SER A 6 10.78 3.62 -1.92
C SER A 6 9.76 4.62 -2.47
N GLY A 7 8.48 4.32 -2.26
CA GLY A 7 7.43 5.20 -2.73
C GLY A 7 6.32 5.39 -1.70
N ASN A 8 6.10 6.64 -1.31
CA ASN A 8 5.07 6.95 -0.32
C ASN A 8 3.76 7.30 -1.00
N VAL A 9 2.66 7.17 -0.27
CA VAL A 9 1.33 7.47 -0.80
C VAL A 9 0.43 8.07 0.28
N VAL A 10 0.06 9.33 0.09
CA VAL A 10 -0.79 10.03 1.04
C VAL A 10 -2.13 10.42 0.40
N LEU A 11 -3.18 9.68 0.73
CA LEU A 11 -4.50 9.95 0.19
C LEU A 11 -5.28 10.89 1.10
N PRO A 12 -5.98 11.86 0.49
CA PRO A 12 -6.79 12.83 1.22
C PRO A 12 -8.02 12.20 1.88
N GLY A 13 -8.12 12.33 3.20
CA GLY A 13 -9.25 11.78 3.91
C GLY A 13 -10.14 12.84 4.52
N PRO A 14 -10.95 12.45 5.50
CA PRO A 14 -11.00 11.07 5.99
C PRO A 14 -11.62 10.12 4.97
N ALA A 15 -11.91 8.89 5.40
CA ALA A 15 -12.50 7.89 4.53
C ALA A 15 -13.94 8.24 4.19
N PRO A 16 -14.50 7.55 3.19
CA PRO A 16 -13.78 6.50 2.46
C PRO A 16 -12.67 7.06 1.57
N TRP A 17 -11.78 6.19 1.13
CA TRP A 17 -10.67 6.60 0.28
C TRP A 17 -10.98 6.34 -1.19
N GLY A 18 -11.38 5.11 -1.50
CA GLY A 18 -11.71 4.75 -2.86
C GLY A 18 -10.89 3.58 -3.37
N PHE A 19 -9.90 3.17 -2.58
CA PHE A 19 -9.03 2.06 -2.96
C PHE A 19 -9.37 0.82 -2.15
N ARG A 20 -9.15 -0.35 -2.76
CA ARG A 20 -9.43 -1.62 -2.08
C ARG A 20 -8.14 -2.35 -1.73
N LEU A 21 -8.27 -3.47 -1.04
CA LEU A 21 -7.12 -4.26 -0.64
C LEU A 21 -7.40 -5.76 -0.77
N SER A 22 -6.38 -6.52 -1.15
CA SER A 22 -6.53 -7.96 -1.31
C SER A 22 -5.26 -8.69 -0.88
N GLY A 23 -5.42 -9.69 -0.02
CA GLY A 23 -4.28 -10.45 0.46
C GLY A 23 -4.42 -10.85 1.92
N GLY A 24 -3.30 -10.88 2.64
CA GLY A 24 -3.31 -11.24 4.04
C GLY A 24 -2.23 -12.24 4.40
N ILE A 25 -1.32 -11.83 5.27
CA ILE A 25 -0.23 -12.70 5.69
C ILE A 25 -0.74 -14.08 6.09
N ASP A 26 -2.04 -14.16 6.39
CA ASP A 26 -2.64 -15.42 6.79
C ASP A 26 -3.02 -16.26 5.56
N PHE A 27 -3.38 -15.57 4.48
CA PHE A 27 -3.75 -16.24 3.24
C PHE A 27 -2.53 -16.49 2.37
N ASN A 28 -1.35 -16.29 2.93
CA ASN A 28 -0.10 -16.48 2.20
C ASN A 28 -0.10 -15.67 0.90
N GLN A 29 -0.51 -14.41 1.00
CA GLN A 29 -0.55 -13.54 -0.17
C GLN A 29 -0.23 -12.09 0.22
N PRO A 30 0.46 -11.37 -0.68
CA PRO A 30 0.84 -9.97 -0.45
C PRO A 30 -0.37 -9.04 -0.48
N LEU A 31 -0.36 -8.05 0.41
CA LEU A 31 -1.45 -7.08 0.48
C LEU A 31 -1.41 -6.14 -0.72
N VAL A 32 -2.19 -6.46 -1.74
CA VAL A 32 -2.26 -5.63 -2.94
C VAL A 32 -3.67 -5.10 -3.18
N ILE A 33 -3.76 -3.90 -3.74
CA ILE A 33 -5.06 -3.29 -4.01
C ILE A 33 -5.91 -4.18 -4.93
N THR A 34 -7.20 -4.17 -4.69
CA THR A 34 -8.12 -4.99 -5.50
C THR A 34 -8.72 -4.17 -6.64
N ARG A 35 -9.10 -2.93 -6.33
CA ARG A 35 -9.68 -2.04 -7.33
C ARG A 35 -9.43 -0.58 -6.98
N ILE A 36 -9.51 0.29 -7.99
CA ILE A 36 -9.28 1.72 -7.79
C ILE A 36 -10.34 2.55 -8.50
N THR A 37 -10.96 3.46 -7.76
CA THR A 37 -12.00 4.32 -8.32
C THR A 37 -11.43 5.24 -9.38
N PRO A 38 -11.97 5.14 -10.61
CA PRO A 38 -11.53 5.96 -11.74
C PRO A 38 -11.91 7.43 -11.58
N GLY A 39 -10.91 8.30 -11.43
CA GLY A 39 -11.17 9.71 -11.27
C GLY A 39 -11.72 10.04 -9.90
N SER A 40 -10.91 9.84 -8.86
CA SER A 40 -11.33 10.12 -7.50
C SER A 40 -10.13 10.13 -6.55
N LYS A 41 -10.39 10.37 -5.27
CA LYS A 41 -9.34 10.41 -4.26
C LYS A 41 -8.43 9.18 -4.39
N ALA A 42 -8.97 8.11 -4.95
CA ALA A 42 -8.20 6.88 -5.13
C ALA A 42 -7.30 6.97 -6.36
N ALA A 43 -7.91 6.91 -7.53
CA ALA A 43 -7.17 6.98 -8.79
C ALA A 43 -6.36 8.28 -8.87
N ALA A 44 -7.02 9.39 -8.58
CA ALA A 44 -6.36 10.69 -8.62
C ALA A 44 -5.06 10.67 -7.83
N ALA A 45 -4.95 9.73 -6.90
CA ALA A 45 -3.75 9.61 -6.08
C ALA A 45 -2.75 8.65 -6.71
N ASN A 46 -2.87 8.45 -8.01
CA ASN A 46 -1.98 7.54 -8.74
C ASN A 46 -2.09 6.13 -8.20
N LEU A 47 -3.28 5.78 -7.72
CA LEU A 47 -3.52 4.44 -7.18
C LEU A 47 -3.94 3.47 -8.28
N CYS A 48 -3.45 2.25 -8.20
CA CYS A 48 -3.78 1.22 -9.19
C CYS A 48 -3.73 -0.17 -8.57
N PRO A 49 -4.65 -1.04 -9.01
CA PRO A 49 -4.74 -2.42 -8.51
C PRO A 49 -3.57 -3.27 -8.96
N GLY A 50 -2.68 -3.60 -8.03
CA GLY A 50 -1.52 -4.40 -8.35
C GLY A 50 -0.33 -4.08 -7.49
N ASP A 51 -0.37 -2.92 -6.82
CA ASP A 51 0.72 -2.49 -5.97
C ASP A 51 0.78 -3.34 -4.70
N VAL A 52 1.89 -3.24 -3.97
CA VAL A 52 2.07 -3.99 -2.74
C VAL A 52 2.20 -3.05 -1.54
N ILE A 53 1.26 -3.18 -0.60
CA ILE A 53 1.28 -2.35 0.60
C ILE A 53 2.30 -2.85 1.62
N LEU A 54 3.46 -2.21 1.65
CA LEU A 54 4.52 -2.59 2.57
C LEU A 54 4.14 -2.25 4.00
N ALA A 55 3.74 -0.99 4.22
CA ALA A 55 3.35 -0.54 5.54
C ALA A 55 2.09 0.33 5.47
N ILE A 56 1.23 0.20 6.47
CA ILE A 56 -0.01 0.96 6.51
C ILE A 56 0.03 1.99 7.65
N ASP A 57 0.06 3.27 7.29
CA ASP A 57 0.08 4.34 8.27
C ASP A 57 1.13 4.05 9.35
N GLY A 58 2.29 3.57 8.94
CA GLY A 58 3.34 3.26 9.89
C GLY A 58 3.15 1.90 10.55
N PHE A 59 2.58 0.96 9.81
CA PHE A 59 2.34 -0.38 10.33
C PHE A 59 2.79 -1.44 9.32
N GLY A 60 4.03 -1.91 9.49
CA GLY A 60 4.56 -2.92 8.60
C GLY A 60 3.59 -4.06 8.36
N THR A 61 3.46 -4.47 7.10
CA THR A 61 2.55 -5.56 6.74
C THR A 61 3.23 -6.92 6.88
N GLU A 62 4.15 -7.02 7.83
CA GLU A 62 4.88 -8.25 8.07
C GLU A 62 4.09 -9.18 9.01
N SER A 63 3.45 -8.58 10.01
CA SER A 63 2.67 -9.34 10.97
C SER A 63 1.22 -8.83 11.03
N MET A 64 0.82 -8.09 10.00
CA MET A 64 -0.53 -7.55 9.93
C MET A 64 -1.39 -8.34 8.96
N THR A 65 -2.44 -8.97 9.48
CA THR A 65 -3.34 -9.77 8.65
C THR A 65 -4.21 -8.87 7.76
N HIS A 66 -4.85 -9.48 6.78
CA HIS A 66 -5.71 -8.73 5.87
C HIS A 66 -6.69 -7.84 6.63
N ALA A 67 -7.47 -8.46 7.52
CA ALA A 67 -8.43 -7.73 8.32
C ALA A 67 -7.77 -6.59 9.09
N ASP A 68 -6.57 -6.85 9.59
CA ASP A 68 -5.82 -5.84 10.34
C ASP A 68 -5.55 -4.61 9.48
N ALA A 69 -5.10 -4.83 8.26
CA ALA A 69 -4.81 -3.73 7.35
C ALA A 69 -6.04 -2.87 7.11
N GLN A 70 -7.12 -3.50 6.65
CA GLN A 70 -8.36 -2.78 6.38
C GLN A 70 -8.86 -2.07 7.63
N ASP A 71 -8.48 -2.60 8.80
CA ASP A 71 -8.89 -2.02 10.07
C ASP A 71 -8.08 -0.76 10.38
N ARG A 72 -6.89 -0.68 9.81
CA ARG A 72 -6.02 0.48 10.02
C ARG A 72 -6.33 1.58 9.02
N ILE A 73 -6.84 1.19 7.86
CA ILE A 73 -7.18 2.16 6.82
C ILE A 73 -8.45 2.91 7.17
N LYS A 74 -9.44 2.20 7.68
CA LYS A 74 -10.72 2.79 8.06
C LYS A 74 -10.56 3.66 9.31
N ALA A 75 -9.79 3.17 10.27
CA ALA A 75 -9.56 3.89 11.51
C ALA A 75 -8.35 4.81 11.38
N ALA A 76 -7.91 5.05 10.15
CA ALA A 76 -6.77 5.91 9.90
C ALA A 76 -7.08 7.36 10.25
N SER A 77 -6.15 8.25 9.96
CA SER A 77 -6.33 9.67 10.26
C SER A 77 -6.83 10.42 9.03
N TYR A 78 -7.10 11.71 9.19
CA TYR A 78 -7.58 12.55 8.10
C TYR A 78 -6.84 12.23 6.81
N GLN A 79 -5.59 11.79 6.94
CA GLN A 79 -4.77 11.45 5.79
C GLN A 79 -4.17 10.06 5.93
N LEU A 80 -4.40 9.20 4.93
CA LEU A 80 -3.87 7.84 4.95
C LEU A 80 -2.50 7.78 4.28
N CYS A 81 -1.51 7.30 5.02
CA CYS A 81 -0.15 7.19 4.50
C CYS A 81 0.23 5.73 4.29
N LEU A 82 0.31 5.31 3.03
CA LEU A 82 0.66 3.94 2.70
C LEU A 82 1.94 3.89 1.87
N LYS A 83 2.76 2.87 2.11
CA LYS A 83 4.02 2.71 1.39
C LYS A 83 3.93 1.54 0.41
N ILE A 84 4.51 1.71 -0.77
CA ILE A 84 4.50 0.66 -1.78
C ILE A 84 5.90 0.44 -2.36
N ASP A 85 6.19 -0.80 -2.74
CA ASP A 85 7.49 -1.14 -3.30
C ASP A 85 7.54 -0.82 -4.80
N ARG A 86 6.91 0.30 -5.17
CA ARG A 86 6.87 0.71 -6.57
C ARG A 86 6.80 -0.50 -7.49
N ALA A 87 6.04 -1.50 -7.09
CA ALA A 87 5.88 -2.71 -7.88
C ALA A 87 5.44 -2.39 -9.30
N GLU A 88 6.40 -2.26 -10.21
CA GLU A 88 6.11 -1.96 -11.61
C GLU A 88 5.82 -3.22 -12.40
N THR A 89 6.63 -4.25 -12.17
CA THR A 89 6.46 -5.52 -12.86
C THR A 89 6.39 -6.69 -11.88
N ARG A 90 6.94 -6.47 -10.68
CA ARG A 90 6.94 -7.51 -9.66
C ARG A 90 7.47 -8.83 -10.20
N LEU A 91 8.57 -8.75 -10.93
CA LEU A 91 9.19 -9.95 -11.52
C LEU A 91 10.36 -10.42 -10.68
N TRP A 92 11.21 -9.48 -10.28
CA TRP A 92 12.38 -9.80 -9.46
C TRP A 92 12.80 -8.61 -8.62
N SER A 93 12.64 -8.73 -7.30
CA SER A 93 13.00 -7.67 -6.38
C SER A 93 13.85 -8.21 -5.23
N PRO A 94 15.14 -7.82 -5.21
CA PRO A 94 16.07 -8.25 -4.17
C PRO A 94 15.78 -7.62 -2.82
N GLN A 95 15.45 -6.32 -2.82
CA GLN A 95 15.13 -5.61 -1.60
C GLN A 95 13.70 -5.10 -1.62
N VAL A 96 13.25 -4.56 -0.49
CA VAL A 96 11.89 -4.03 -0.38
C VAL A 96 11.79 -2.65 -1.02
N SER A 97 12.93 -1.97 -1.14
CA SER A 97 12.97 -0.64 -1.73
C SER A 97 14.41 -0.14 -1.86
N SER A 98 14.57 0.99 -2.53
CA SER A 98 15.90 1.57 -2.73
C SER A 98 15.90 3.06 -2.36
N GLY A 99 17.09 3.60 -2.11
CA GLY A 99 17.21 4.99 -1.74
C GLY A 99 18.47 5.27 -0.94
N PRO A 100 18.40 5.04 0.37
CA PRO A 100 19.52 5.27 1.28
C PRO A 100 20.66 4.27 1.07
N SER A 101 20.43 3.32 0.18
CA SER A 101 21.43 2.29 -0.12
C SER A 101 21.57 1.32 1.05
N SER A 102 20.43 0.84 1.56
CA SER A 102 20.43 -0.09 2.67
C SER A 102 19.08 -0.79 2.79
N GLY A 103 19.10 -2.06 3.21
CA GLY A 103 17.87 -2.81 3.35
C GLY A 103 17.89 -3.71 4.57
N GLY A 1 24.89 9.81 0.72
CA GLY A 1 24.04 9.22 -0.30
C GLY A 1 23.88 7.72 -0.12
N SER A 2 22.94 7.14 -0.87
CA SER A 2 22.69 5.70 -0.79
C SER A 2 21.75 5.25 -1.91
N SER A 3 21.81 3.98 -2.25
CA SER A 3 20.97 3.42 -3.30
C SER A 3 19.62 2.98 -2.74
N GLY A 4 18.55 3.28 -3.47
CA GLY A 4 17.22 2.90 -3.03
C GLY A 4 16.25 4.06 -3.10
N SER A 5 14.97 3.74 -3.30
CA SER A 5 13.93 4.76 -3.40
C SER A 5 12.75 4.42 -2.50
N SER A 6 11.79 5.33 -2.42
CA SER A 6 10.60 5.13 -1.59
C SER A 6 9.35 5.70 -2.27
N GLY A 7 8.34 4.85 -2.43
CA GLY A 7 7.11 5.28 -3.07
C GLY A 7 6.06 5.72 -2.06
N ASN A 8 6.12 6.97 -1.63
CA ASN A 8 5.17 7.50 -0.67
C ASN A 8 3.81 7.72 -1.31
N VAL A 9 2.75 7.47 -0.55
CA VAL A 9 1.39 7.65 -1.04
C VAL A 9 0.47 8.19 0.04
N VAL A 10 0.13 9.47 -0.06
CA VAL A 10 -0.74 10.11 0.92
C VAL A 10 -2.07 10.52 0.28
N LEU A 11 -3.13 9.83 0.66
CA LEU A 11 -4.47 10.12 0.13
C LEU A 11 -5.22 11.08 1.06
N PRO A 12 -5.95 12.03 0.47
CA PRO A 12 -6.74 13.01 1.22
C PRO A 12 -7.95 12.38 1.90
N GLY A 13 -7.98 12.45 3.23
CA GLY A 13 -9.09 11.88 3.97
C GLY A 13 -9.96 12.94 4.61
N PRO A 14 -10.76 12.53 5.61
CA PRO A 14 -10.80 11.15 6.07
C PRO A 14 -11.44 10.21 5.04
N ALA A 15 -11.70 8.98 5.45
CA ALA A 15 -12.31 7.99 4.56
C ALA A 15 -13.71 8.43 4.14
N PRO A 16 -14.26 7.75 3.13
CA PRO A 16 -13.58 6.64 2.46
C PRO A 16 -12.40 7.12 1.61
N TRP A 17 -11.56 6.17 1.19
CA TRP A 17 -10.40 6.49 0.38
C TRP A 17 -10.67 6.23 -1.09
N GLY A 18 -11.22 5.05 -1.39
CA GLY A 18 -11.52 4.69 -2.76
C GLY A 18 -10.72 3.50 -3.23
N PHE A 19 -9.71 3.12 -2.46
CA PHE A 19 -8.86 1.99 -2.80
C PHE A 19 -9.21 0.76 -1.96
N ARG A 20 -8.99 -0.42 -2.53
CA ARG A 20 -9.28 -1.67 -1.83
C ARG A 20 -8.01 -2.43 -1.52
N LEU A 21 -8.13 -3.54 -0.80
CA LEU A 21 -6.99 -4.36 -0.44
C LEU A 21 -7.29 -5.84 -0.64
N SER A 22 -6.28 -6.58 -1.09
CA SER A 22 -6.44 -8.01 -1.33
C SER A 22 -5.21 -8.78 -0.86
N GLY A 23 -5.43 -9.83 -0.08
CA GLY A 23 -4.33 -10.63 0.42
C GLY A 23 -4.43 -10.88 1.91
N GLY A 24 -3.29 -10.97 2.58
CA GLY A 24 -3.28 -11.21 4.01
C GLY A 24 -2.33 -12.33 4.39
N ILE A 25 -1.37 -12.02 5.27
CA ILE A 25 -0.41 -13.01 5.73
C ILE A 25 -1.08 -14.34 6.04
N ASP A 26 -2.36 -14.29 6.34
CA ASP A 26 -3.14 -15.49 6.66
C ASP A 26 -3.46 -16.28 5.39
N PHE A 27 -3.80 -15.57 4.33
CA PHE A 27 -4.13 -16.21 3.06
C PHE A 27 -2.87 -16.48 2.24
N ASN A 28 -1.72 -16.38 2.90
CA ASN A 28 -0.45 -16.62 2.23
C ASN A 28 -0.32 -15.77 0.98
N GLN A 29 -0.77 -14.52 1.06
CA GLN A 29 -0.71 -13.60 -0.08
C GLN A 29 -0.48 -12.18 0.39
N PRO A 30 0.37 -11.44 -0.34
CA PRO A 30 0.69 -10.05 -0.02
C PRO A 30 -0.48 -9.11 -0.27
N LEU A 31 -0.65 -8.13 0.62
CA LEU A 31 -1.74 -7.17 0.51
C LEU A 31 -1.48 -6.19 -0.64
N VAL A 32 -2.31 -6.27 -1.67
CA VAL A 32 -2.17 -5.39 -2.83
C VAL A 32 -3.53 -4.88 -3.30
N ILE A 33 -3.60 -3.61 -3.66
CA ILE A 33 -4.83 -2.99 -4.13
C ILE A 33 -5.58 -3.93 -5.08
N THR A 34 -6.88 -4.07 -4.86
CA THR A 34 -7.72 -4.93 -5.69
C THR A 34 -8.75 -4.12 -6.46
N ARG A 35 -8.89 -2.85 -6.10
CA ARG A 35 -9.85 -1.97 -6.75
C ARG A 35 -9.55 -0.51 -6.42
N ILE A 36 -9.73 0.36 -7.41
CA ILE A 36 -9.49 1.78 -7.23
C ILE A 36 -10.65 2.62 -7.76
N THR A 37 -10.98 3.69 -7.06
CA THR A 37 -12.08 4.56 -7.45
C THR A 37 -11.71 5.34 -8.71
N PRO A 38 -12.70 5.48 -9.62
CA PRO A 38 -12.51 6.20 -10.89
C PRO A 38 -12.36 7.70 -10.68
N GLY A 39 -11.33 8.28 -11.27
CA GLY A 39 -11.09 9.71 -11.14
C GLY A 39 -11.51 10.24 -9.79
N SER A 40 -10.75 9.89 -8.76
CA SER A 40 -11.04 10.33 -7.41
C SER A 40 -9.78 10.36 -6.55
N LYS A 41 -9.94 10.65 -5.26
CA LYS A 41 -8.82 10.70 -4.34
C LYS A 41 -8.00 9.42 -4.42
N ALA A 42 -8.59 8.36 -4.97
CA ALA A 42 -7.91 7.08 -5.11
C ALA A 42 -7.06 7.05 -6.37
N ALA A 43 -7.72 6.98 -7.53
CA ALA A 43 -7.03 6.94 -8.81
C ALA A 43 -6.18 8.19 -9.02
N ALA A 44 -6.76 9.34 -8.67
CA ALA A 44 -6.05 10.61 -8.82
C ALA A 44 -4.74 10.61 -8.04
N ALA A 45 -4.64 9.71 -7.07
CA ALA A 45 -3.43 9.60 -6.25
C ALA A 45 -2.45 8.61 -6.86
N ASN A 46 -2.65 8.28 -8.13
CA ASN A 46 -1.78 7.34 -8.83
C ASN A 46 -1.88 5.94 -8.23
N LEU A 47 -3.09 5.57 -7.83
CA LEU A 47 -3.34 4.26 -7.24
C LEU A 47 -3.86 3.27 -8.28
N CYS A 48 -3.42 2.03 -8.19
CA CYS A 48 -3.84 1.00 -9.12
C CYS A 48 -3.88 -0.36 -8.45
N PRO A 49 -4.87 -1.18 -8.82
CA PRO A 49 -5.04 -2.53 -8.26
C PRO A 49 -3.95 -3.50 -8.70
N GLY A 50 -2.92 -3.63 -7.87
CA GLY A 50 -1.81 -4.53 -8.20
C GLY A 50 -0.56 -4.21 -7.41
N ASP A 51 -0.47 -2.97 -6.93
CA ASP A 51 0.69 -2.55 -6.16
C ASP A 51 0.66 -3.16 -4.76
N VAL A 52 1.84 -3.22 -4.12
CA VAL A 52 1.96 -3.79 -2.79
C VAL A 52 2.09 -2.69 -1.74
N ILE A 53 1.48 -2.91 -0.58
CA ILE A 53 1.53 -1.93 0.50
C ILE A 53 2.58 -2.32 1.54
N LEU A 54 3.80 -1.81 1.37
CA LEU A 54 4.89 -2.10 2.29
C LEU A 54 4.50 -1.75 3.72
N ALA A 55 3.77 -0.65 3.89
CA ALA A 55 3.34 -0.21 5.20
C ALA A 55 2.01 0.54 5.11
N ILE A 56 1.25 0.50 6.20
CA ILE A 56 -0.04 1.18 6.25
C ILE A 56 -0.11 2.16 7.42
N ASP A 57 -0.19 3.44 7.09
CA ASP A 57 -0.26 4.49 8.11
C ASP A 57 0.90 4.36 9.10
N GLY A 58 2.09 4.10 8.57
CA GLY A 58 3.27 3.95 9.42
C GLY A 58 3.26 2.65 10.20
N PHE A 59 2.74 1.60 9.58
CA PHE A 59 2.68 0.29 10.23
C PHE A 59 3.02 -0.82 9.24
N GLY A 60 4.21 -1.40 9.42
CA GLY A 60 4.64 -2.47 8.53
C GLY A 60 3.61 -3.57 8.40
N THR A 61 3.45 -4.07 7.18
CA THR A 61 2.47 -5.13 6.92
C THR A 61 3.14 -6.51 6.95
N GLU A 62 4.23 -6.61 7.70
CA GLU A 62 4.97 -7.87 7.82
C GLU A 62 4.06 -8.97 8.36
N SER A 63 3.44 -8.72 9.50
CA SER A 63 2.56 -9.69 10.12
C SER A 63 1.13 -9.16 10.21
N MET A 64 0.75 -8.33 9.24
CA MET A 64 -0.58 -7.75 9.21
C MET A 64 -1.54 -8.62 8.42
N THR A 65 -2.55 -9.15 9.09
CA THR A 65 -3.54 -10.01 8.44
C THR A 65 -4.53 -9.19 7.62
N HIS A 66 -5.16 -9.83 6.64
CA HIS A 66 -6.13 -9.16 5.78
C HIS A 66 -7.05 -8.27 6.60
N ALA A 67 -7.65 -8.85 7.65
CA ALA A 67 -8.56 -8.10 8.51
C ALA A 67 -7.84 -6.94 9.19
N ASP A 68 -6.72 -7.24 9.84
CA ASP A 68 -5.94 -6.21 10.52
C ASP A 68 -5.78 -4.97 9.65
N ALA A 69 -5.36 -5.19 8.40
CA ALA A 69 -5.16 -4.09 7.45
C ALA A 69 -6.42 -3.24 7.34
N GLN A 70 -7.56 -3.89 7.15
CA GLN A 70 -8.83 -3.20 7.02
C GLN A 70 -9.11 -2.35 8.25
N ASP A 71 -8.73 -2.86 9.42
CA ASP A 71 -8.94 -2.15 10.67
C ASP A 71 -7.97 -0.99 10.82
N ARG A 72 -6.97 -0.96 9.94
CA ARG A 72 -5.97 0.10 9.97
C ARG A 72 -6.33 1.23 9.01
N ILE A 73 -6.94 0.86 7.88
CA ILE A 73 -7.34 1.84 6.88
C ILE A 73 -8.60 2.60 7.33
N LYS A 74 -9.51 1.89 7.99
CA LYS A 74 -10.75 2.48 8.47
C LYS A 74 -10.48 3.39 9.67
N ALA A 75 -9.48 3.02 10.47
CA ALA A 75 -9.12 3.79 11.65
C ALA A 75 -8.01 4.79 11.34
N ALA A 76 -7.80 5.05 10.05
CA ALA A 76 -6.78 5.99 9.62
C ALA A 76 -7.09 7.41 10.10
N SER A 77 -6.27 8.36 9.69
CA SER A 77 -6.45 9.75 10.09
C SER A 77 -6.83 10.61 8.88
N TYR A 78 -7.05 11.89 9.12
CA TYR A 78 -7.43 12.82 8.06
C TYR A 78 -6.66 12.51 6.77
N GLN A 79 -5.48 11.93 6.93
CA GLN A 79 -4.65 11.58 5.78
C GLN A 79 -4.04 10.19 5.95
N LEU A 80 -4.34 9.30 5.02
CA LEU A 80 -3.82 7.94 5.07
C LEU A 80 -2.49 7.83 4.33
N CYS A 81 -1.42 7.55 5.07
CA CYS A 81 -0.10 7.41 4.47
C CYS A 81 0.24 5.95 4.22
N LEU A 82 0.53 5.62 2.96
CA LEU A 82 0.87 4.25 2.58
C LEU A 82 2.09 4.23 1.68
N LYS A 83 2.90 3.17 1.82
CA LYS A 83 4.11 3.03 1.02
C LYS A 83 3.98 1.86 0.05
N ILE A 84 4.62 1.98 -1.11
CA ILE A 84 4.58 0.92 -2.12
C ILE A 84 5.98 0.44 -2.46
N ASP A 85 6.08 -0.82 -2.87
CA ASP A 85 7.37 -1.41 -3.22
C ASP A 85 7.63 -1.25 -4.71
N ARG A 86 6.57 -1.18 -5.50
CA ARG A 86 6.69 -1.03 -6.95
C ARG A 86 7.58 -2.11 -7.53
N ALA A 87 7.26 -3.37 -7.24
CA ALA A 87 8.03 -4.49 -7.74
C ALA A 87 8.35 -4.32 -9.22
N GLU A 88 9.60 -3.98 -9.51
CA GLU A 88 10.03 -3.78 -10.89
C GLU A 88 9.62 -4.95 -11.76
N THR A 89 9.72 -6.16 -11.21
CA THR A 89 9.36 -7.37 -11.95
C THR A 89 7.95 -7.25 -12.53
N ARG A 90 7.11 -6.46 -11.88
CA ARG A 90 5.73 -6.27 -12.34
C ARG A 90 5.71 -5.70 -13.74
N LEU A 91 6.77 -4.99 -14.11
CA LEU A 91 6.87 -4.39 -15.43
C LEU A 91 8.33 -4.16 -15.83
N TRP A 92 8.67 -4.54 -17.05
CA TRP A 92 10.04 -4.38 -17.54
C TRP A 92 10.53 -2.95 -17.33
N SER A 93 11.19 -2.72 -16.21
CA SER A 93 11.71 -1.40 -15.89
C SER A 93 12.81 -1.48 -14.83
N PRO A 94 13.92 -0.76 -15.08
CA PRO A 94 15.07 -0.75 -14.17
C PRO A 94 14.76 -0.02 -12.86
N GLN A 95 13.63 0.67 -12.83
CA GLN A 95 13.22 1.42 -11.65
C GLN A 95 12.70 0.48 -10.56
N VAL A 96 12.95 0.83 -9.31
CA VAL A 96 12.51 0.01 -8.19
C VAL A 96 12.75 0.74 -6.86
N SER A 97 11.74 0.71 -5.99
CA SER A 97 11.84 1.36 -4.69
C SER A 97 12.21 0.35 -3.60
N SER A 98 13.45 0.41 -3.14
CA SER A 98 13.93 -0.50 -2.11
C SER A 98 14.76 0.24 -1.07
N GLY A 99 14.83 -0.32 0.13
CA GLY A 99 15.60 0.31 1.20
C GLY A 99 16.67 -0.61 1.76
N PRO A 100 16.47 -1.06 3.01
CA PRO A 100 17.41 -1.95 3.69
C PRO A 100 17.43 -3.36 3.07
N SER A 101 16.37 -3.69 2.35
CA SER A 101 16.27 -5.00 1.71
C SER A 101 16.97 -5.00 0.35
N SER A 102 17.76 -6.04 0.12
CA SER A 102 18.49 -6.17 -1.15
C SER A 102 18.35 -7.57 -1.72
N GLY A 103 17.28 -7.79 -2.47
CA GLY A 103 17.04 -9.08 -3.07
C GLY A 103 17.24 -10.22 -2.10
#